data_1E21
# 
_entry.id   1E21 
# 
_audit_conform.dict_name       mmcif_pdbx.dic 
_audit_conform.dict_version    5.398 
_audit_conform.dict_location   http://mmcif.pdb.org/dictionaries/ascii/mmcif_pdbx.dic 
# 
loop_
_database_2.database_id 
_database_2.database_code 
_database_2.pdbx_database_accession 
_database_2.pdbx_DOI 
PDB   1E21         pdb_00001e21 10.2210/pdb1e21/pdb 
PDBE  EBI-4964     ?            ?                   
WWPDB D_1290004964 ?            ?                   
# 
loop_
_pdbx_audit_revision_history.ordinal 
_pdbx_audit_revision_history.data_content_type 
_pdbx_audit_revision_history.major_revision 
_pdbx_audit_revision_history.minor_revision 
_pdbx_audit_revision_history.revision_date 
1 'Structure model' 1 0 2001-05-03 
2 'Structure model' 1 1 2013-01-16 
3 'Structure model' 1 2 2023-12-06 
4 'Structure model' 1 3 2024-11-06 
# 
_pdbx_audit_revision_details.ordinal             1 
_pdbx_audit_revision_details.revision_ordinal    1 
_pdbx_audit_revision_details.data_content_type   'Structure model' 
_pdbx_audit_revision_details.provider            repository 
_pdbx_audit_revision_details.type                'Initial release' 
_pdbx_audit_revision_details.description         ? 
_pdbx_audit_revision_details.details             ? 
# 
loop_
_pdbx_audit_revision_group.ordinal 
_pdbx_audit_revision_group.revision_ordinal 
_pdbx_audit_revision_group.data_content_type 
_pdbx_audit_revision_group.group 
1  2 'Structure model' 'Atomic model'              
2  2 'Structure model' 'Data collection'           
3  2 'Structure model' 'Database references'       
4  2 'Structure model' 'Derived calculations'      
5  2 'Structure model' 'Non-polymer description'   
6  2 'Structure model' Other                       
7  2 'Structure model' 'Refinement description'    
8  2 'Structure model' 'Source and taxonomy'       
9  2 'Structure model' 'Structure summary'         
10 2 'Structure model' 'Version format compliance' 
11 3 'Structure model' 'Data collection'           
12 3 'Structure model' 'Database references'       
13 3 'Structure model' 'Refinement description'    
14 4 'Structure model' 'Structure summary'         
# 
loop_
_pdbx_audit_revision_category.ordinal 
_pdbx_audit_revision_category.revision_ordinal 
_pdbx_audit_revision_category.data_content_type 
_pdbx_audit_revision_category.category 
1 3 'Structure model' chem_comp_atom                
2 3 'Structure model' chem_comp_bond                
3 3 'Structure model' database_2                    
4 3 'Structure model' pdbx_initial_refinement_model 
5 4 'Structure model' pdbx_entry_details            
6 4 'Structure model' pdbx_modification_feature     
# 
loop_
_pdbx_audit_revision_item.ordinal 
_pdbx_audit_revision_item.revision_ordinal 
_pdbx_audit_revision_item.data_content_type 
_pdbx_audit_revision_item.item 
1 3 'Structure model' '_database_2.pdbx_DOI'                         
2 3 'Structure model' '_database_2.pdbx_database_accession'          
3 4 'Structure model' '_pdbx_entry_details.has_protein_modification' 
# 
_pdbx_database_status.status_code                     REL 
_pdbx_database_status.entry_id                        1E21 
_pdbx_database_status.deposit_site                    PDBE 
_pdbx_database_status.process_site                    PDBE 
_pdbx_database_status.SG_entry                        . 
_pdbx_database_status.recvd_initial_deposition_date   2000-05-15 
_pdbx_database_status.pdb_format_compatible           Y 
_pdbx_database_status.status_code_sf                  ? 
_pdbx_database_status.status_code_mr                  ? 
_pdbx_database_status.status_code_cs                  ? 
_pdbx_database_status.methods_development_category    ? 
_pdbx_database_status.status_code_nmr_data            ? 
# 
_pdbx_database_related.db_name        PDB 
_pdbx_database_related.db_id          1H8X 
_pdbx_database_related.content_type   unspecified 
_pdbx_database_related.details        'DOMAIN-SWAPPED DIMER OF A HUMAN PANCREATIC RIBONUCLEASE VARIANT' 
# 
loop_
_audit_author.name 
_audit_author.pdbx_ordinal 
'Pous, J.'                1  
'Mallorqui-Fernandez, G.' 2  
'Peracaula, R.'           3  
'Terzyan, S.S.'           4  
'Futami, J.'              5  
'Tada, H.'                6  
'Yamada, H.'              7  
'Seno, M.'                8  
'De Llorens, R.'          9  
'Gomis-Ruth, F.X.'        10 
'Coll, M.'                11 
# 
_citation.id                        primary 
_citation.title                     'Three-Dimensional Crystal Structure of Human Rnase 1Dn7 at 1.9A Resolution' 
_citation.journal_abbrev            'Acta Crystallogr.,Sect.D' 
_citation.journal_volume            57 
_citation.page_first                498 
_citation.page_last                 ? 
_citation.year                      2001 
_citation.journal_id_ASTM           ABCRE6 
_citation.country                   DK 
_citation.journal_id_ISSN           0907-4449 
_citation.journal_id_CSD            0766 
_citation.book_publisher            ? 
_citation.pdbx_database_id_PubMed   11264578 
_citation.pdbx_database_id_DOI      10.1107/S0907444901001147 
# 
loop_
_citation_author.citation_id 
_citation_author.name 
_citation_author.ordinal 
_citation_author.identifier_ORCID 
primary 'Pous, J.'                1  ? 
primary 'Mallorqui-Fernandez, G.' 2  ? 
primary 'Peracaula, R.'           3  ? 
primary 'Terzyan, S.S.'           4  ? 
primary 'Futami, J.'              5  ? 
primary 'Tada, H.'                6  ? 
primary 'Yamada, H.'              7  ? 
primary 'Seno, M.'                8  ? 
primary 'De Llorens, R.'          9  ? 
primary 'Gomis-Ruth, F.X.'        10 ? 
primary 'Coll, M.'                11 ? 
# 
loop_
_entity.id 
_entity.type 
_entity.src_method 
_entity.pdbx_description 
_entity.formula_weight 
_entity.pdbx_number_of_molecules 
_entity.pdbx_ec 
_entity.pdbx_mutation 
_entity.pdbx_fragment 
_entity.details 
1 polymer man 'RIBONUCLEASE 1' 14539.300 1   3.1.27.5 YES ? ? 
2 water   nat water            18.015    137 ?        ?   ? ? 
# 
_entity_name_com.entity_id   1 
_entity_name_com.name        'RNASE 1' 
# 
_entity_poly.entity_id                      1 
_entity_poly.type                           'polypeptide(L)' 
_entity_poly.nstd_linkage                   no 
_entity_poly.nstd_monomer                   no 
_entity_poly.pdbx_seq_one_letter_code       
;KESRAKAFQRQHMDSDSSPSSSSTYCNQMMRRRNMTQGRCKPVNTFVHEPLVDVQNVCFQEKVTCKNGQGNCYKSNSSMH
ITDCRLTNGSRYPNCAYRTSPKERHIIVACEGSPYVPVHFDASVEDST
;
_entity_poly.pdbx_seq_one_letter_code_can   
;KESRAKAFQRQHMDSDSSPSSSSTYCNQMMRRRNMTQGRCKPVNTFVHEPLVDVQNVCFQEKVTCKNGQGNCYKSNSSMH
ITDCRLTNGSRYPNCAYRTSPKERHIIVACEGSPYVPVHFDASVEDST
;
_entity_poly.pdbx_strand_id                 A 
_entity_poly.pdbx_target_identifier         ? 
# 
_pdbx_entity_nonpoly.entity_id   2 
_pdbx_entity_nonpoly.name        water 
_pdbx_entity_nonpoly.comp_id     HOH 
# 
loop_
_entity_poly_seq.entity_id 
_entity_poly_seq.num 
_entity_poly_seq.mon_id 
_entity_poly_seq.hetero 
1 1   LYS n 
1 2   GLU n 
1 3   SER n 
1 4   ARG n 
1 5   ALA n 
1 6   LYS n 
1 7   ALA n 
1 8   PHE n 
1 9   GLN n 
1 10  ARG n 
1 11  GLN n 
1 12  HIS n 
1 13  MET n 
1 14  ASP n 
1 15  SER n 
1 16  ASP n 
1 17  SER n 
1 18  SER n 
1 19  PRO n 
1 20  SER n 
1 21  SER n 
1 22  SER n 
1 23  SER n 
1 24  THR n 
1 25  TYR n 
1 26  CYS n 
1 27  ASN n 
1 28  GLN n 
1 29  MET n 
1 30  MET n 
1 31  ARG n 
1 32  ARG n 
1 33  ARG n 
1 34  ASN n 
1 35  MET n 
1 36  THR n 
1 37  GLN n 
1 38  GLY n 
1 39  ARG n 
1 40  CYS n 
1 41  LYS n 
1 42  PRO n 
1 43  VAL n 
1 44  ASN n 
1 45  THR n 
1 46  PHE n 
1 47  VAL n 
1 48  HIS n 
1 49  GLU n 
1 50  PRO n 
1 51  LEU n 
1 52  VAL n 
1 53  ASP n 
1 54  VAL n 
1 55  GLN n 
1 56  ASN n 
1 57  VAL n 
1 58  CYS n 
1 59  PHE n 
1 60  GLN n 
1 61  GLU n 
1 62  LYS n 
1 63  VAL n 
1 64  THR n 
1 65  CYS n 
1 66  LYS n 
1 67  ASN n 
1 68  GLY n 
1 69  GLN n 
1 70  GLY n 
1 71  ASN n 
1 72  CYS n 
1 73  TYR n 
1 74  LYS n 
1 75  SER n 
1 76  ASN n 
1 77  SER n 
1 78  SER n 
1 79  MET n 
1 80  HIS n 
1 81  ILE n 
1 82  THR n 
1 83  ASP n 
1 84  CYS n 
1 85  ARG n 
1 86  LEU n 
1 87  THR n 
1 88  ASN n 
1 89  GLY n 
1 90  SER n 
1 91  ARG n 
1 92  TYR n 
1 93  PRO n 
1 94  ASN n 
1 95  CYS n 
1 96  ALA n 
1 97  TYR n 
1 98  ARG n 
1 99  THR n 
1 100 SER n 
1 101 PRO n 
1 102 LYS n 
1 103 GLU n 
1 104 ARG n 
1 105 HIS n 
1 106 ILE n 
1 107 ILE n 
1 108 VAL n 
1 109 ALA n 
1 110 CYS n 
1 111 GLU n 
1 112 GLY n 
1 113 SER n 
1 114 PRO n 
1 115 TYR n 
1 116 VAL n 
1 117 PRO n 
1 118 VAL n 
1 119 HIS n 
1 120 PHE n 
1 121 ASP n 
1 122 ALA n 
1 123 SER n 
1 124 VAL n 
1 125 GLU n 
1 126 ASP n 
1 127 SER n 
1 128 THR n 
# 
_entity_src_gen.entity_id                          1 
_entity_src_gen.pdbx_src_id                        1 
_entity_src_gen.pdbx_alt_source_flag               sample 
_entity_src_gen.pdbx_seq_type                      ? 
_entity_src_gen.pdbx_beg_seq_num                   ? 
_entity_src_gen.pdbx_end_seq_num                   ? 
_entity_src_gen.gene_src_common_name               HUMAN 
_entity_src_gen.gene_src_genus                     ? 
_entity_src_gen.pdbx_gene_src_gene                 ? 
_entity_src_gen.gene_src_species                   ? 
_entity_src_gen.gene_src_strain                    ? 
_entity_src_gen.gene_src_tissue                    ? 
_entity_src_gen.gene_src_tissue_fraction           ? 
_entity_src_gen.gene_src_details                   ? 
_entity_src_gen.pdbx_gene_src_fragment             ? 
_entity_src_gen.pdbx_gene_src_scientific_name      'HOMO SAPIENS' 
_entity_src_gen.pdbx_gene_src_ncbi_taxonomy_id     9606 
_entity_src_gen.pdbx_gene_src_variant              ? 
_entity_src_gen.pdbx_gene_src_cell_line            ? 
_entity_src_gen.pdbx_gene_src_atcc                 ? 
_entity_src_gen.pdbx_gene_src_organ                PANCREAS 
_entity_src_gen.pdbx_gene_src_organelle            ? 
_entity_src_gen.pdbx_gene_src_cell                 ? 
_entity_src_gen.pdbx_gene_src_cellular_location    ? 
_entity_src_gen.host_org_common_name               ? 
_entity_src_gen.pdbx_host_org_scientific_name      'ESCHERICHIA COLI' 
_entity_src_gen.pdbx_host_org_ncbi_taxonomy_id     469008 
_entity_src_gen.host_org_genus                     ? 
_entity_src_gen.pdbx_host_org_gene                 ? 
_entity_src_gen.pdbx_host_org_organ                ? 
_entity_src_gen.host_org_species                   ? 
_entity_src_gen.pdbx_host_org_tissue               ? 
_entity_src_gen.pdbx_host_org_tissue_fraction      ? 
_entity_src_gen.pdbx_host_org_strain               'BL21(DE3)' 
_entity_src_gen.pdbx_host_org_variant              ? 
_entity_src_gen.pdbx_host_org_cell_line            ? 
_entity_src_gen.pdbx_host_org_atcc                 ? 
_entity_src_gen.pdbx_host_org_culture_collection   ? 
_entity_src_gen.pdbx_host_org_cell                 ? 
_entity_src_gen.pdbx_host_org_organelle            ? 
_entity_src_gen.pdbx_host_org_cellular_location    ? 
_entity_src_gen.pdbx_host_org_vector_type          ? 
_entity_src_gen.pdbx_host_org_vector               ? 
_entity_src_gen.host_org_details                   ? 
_entity_src_gen.expression_system_id               ? 
_entity_src_gen.plasmid_name                       PET3A 
_entity_src_gen.plasmid_details                    ? 
_entity_src_gen.pdbx_description                   ? 
# 
loop_
_chem_comp.id 
_chem_comp.type 
_chem_comp.mon_nstd_flag 
_chem_comp.name 
_chem_comp.pdbx_synonyms 
_chem_comp.formula 
_chem_comp.formula_weight 
ALA 'L-peptide linking' y ALANINE         ? 'C3 H7 N O2'     89.093  
ARG 'L-peptide linking' y ARGININE        ? 'C6 H15 N4 O2 1' 175.209 
ASN 'L-peptide linking' y ASPARAGINE      ? 'C4 H8 N2 O3'    132.118 
ASP 'L-peptide linking' y 'ASPARTIC ACID' ? 'C4 H7 N O4'     133.103 
CYS 'L-peptide linking' y CYSTEINE        ? 'C3 H7 N O2 S'   121.158 
GLN 'L-peptide linking' y GLUTAMINE       ? 'C5 H10 N2 O3'   146.144 
GLU 'L-peptide linking' y 'GLUTAMIC ACID' ? 'C5 H9 N O4'     147.129 
GLY 'peptide linking'   y GLYCINE         ? 'C2 H5 N O2'     75.067  
HIS 'L-peptide linking' y HISTIDINE       ? 'C6 H10 N3 O2 1' 156.162 
HOH non-polymer         . WATER           ? 'H2 O'           18.015  
ILE 'L-peptide linking' y ISOLEUCINE      ? 'C6 H13 N O2'    131.173 
LEU 'L-peptide linking' y LEUCINE         ? 'C6 H13 N O2'    131.173 
LYS 'L-peptide linking' y LYSINE          ? 'C6 H15 N2 O2 1' 147.195 
MET 'L-peptide linking' y METHIONINE      ? 'C5 H11 N O2 S'  149.211 
PHE 'L-peptide linking' y PHENYLALANINE   ? 'C9 H11 N O2'    165.189 
PRO 'L-peptide linking' y PROLINE         ? 'C5 H9 N O2'     115.130 
SER 'L-peptide linking' y SERINE          ? 'C3 H7 N O3'     105.093 
THR 'L-peptide linking' y THREONINE       ? 'C4 H9 N O3'     119.119 
TYR 'L-peptide linking' y TYROSINE        ? 'C9 H11 N O3'    181.189 
VAL 'L-peptide linking' y VALINE          ? 'C5 H11 N O2'    117.146 
# 
loop_
_pdbx_poly_seq_scheme.asym_id 
_pdbx_poly_seq_scheme.entity_id 
_pdbx_poly_seq_scheme.seq_id 
_pdbx_poly_seq_scheme.mon_id 
_pdbx_poly_seq_scheme.ndb_seq_num 
_pdbx_poly_seq_scheme.pdb_seq_num 
_pdbx_poly_seq_scheme.auth_seq_num 
_pdbx_poly_seq_scheme.pdb_mon_id 
_pdbx_poly_seq_scheme.auth_mon_id 
_pdbx_poly_seq_scheme.pdb_strand_id 
_pdbx_poly_seq_scheme.pdb_ins_code 
_pdbx_poly_seq_scheme.hetero 
A 1 1   LYS 1   1   ?   ?   ?   A . n 
A 1 2   GLU 2   2   ?   ?   ?   A . n 
A 1 3   SER 3   3   ?   ?   ?   A . n 
A 1 4   ARG 4   4   ?   ?   ?   A . n 
A 1 5   ALA 5   5   ?   ?   ?   A . n 
A 1 6   LYS 6   6   ?   ?   ?   A . n 
A 1 7   ALA 7   7   7   ALA ALA A . n 
A 1 8   PHE 8   8   8   PHE PHE A . n 
A 1 9   GLN 9   9   9   GLN GLN A . n 
A 1 10  ARG 10  10  10  ARG ARG A . n 
A 1 11  GLN 11  11  11  GLN GLN A . n 
A 1 12  HIS 12  12  12  HIS HIS A . n 
A 1 13  MET 13  13  13  MET MET A . n 
A 1 14  ASP 14  14  14  ASP ASP A . n 
A 1 15  SER 15  15  15  SER SER A . n 
A 1 16  ASP 16  16  16  ASP ASP A . n 
A 1 17  SER 17  17  17  SER SER A . n 
A 1 18  SER 18  18  18  SER SER A . n 
A 1 19  PRO 19  19  19  PRO PRO A . n 
A 1 20  SER 20  20  20  SER SER A . n 
A 1 21  SER 21  21  21  SER SER A . n 
A 1 22  SER 22  22  22  SER SER A . n 
A 1 23  SER 23  23  23  SER SER A . n 
A 1 24  THR 24  24  24  THR THR A . n 
A 1 25  TYR 25  25  25  TYR TYR A . n 
A 1 26  CYS 26  26  26  CYS CYS A . n 
A 1 27  ASN 27  27  27  ASN ASN A . n 
A 1 28  GLN 28  28  28  GLN GLN A . n 
A 1 29  MET 29  29  29  MET MET A . n 
A 1 30  MET 30  30  30  MET MET A . n 
A 1 31  ARG 31  31  31  ARG ARG A . n 
A 1 32  ARG 32  32  32  ARG ARG A . n 
A 1 33  ARG 33  33  33  ARG ARG A . n 
A 1 34  ASN 34  34  34  ASN ASN A . n 
A 1 35  MET 35  35  35  MET MET A . n 
A 1 36  THR 36  36  36  THR THR A . n 
A 1 37  GLN 37  37  37  GLN GLN A . n 
A 1 38  GLY 38  38  38  GLY GLY A . n 
A 1 39  ARG 39  39  39  ARG ARG A . n 
A 1 40  CYS 40  40  40  CYS CYS A . n 
A 1 41  LYS 41  41  41  LYS LYS A . n 
A 1 42  PRO 42  42  42  PRO PRO A . n 
A 1 43  VAL 43  43  43  VAL VAL A . n 
A 1 44  ASN 44  44  44  ASN ASN A . n 
A 1 45  THR 45  45  45  THR THR A . n 
A 1 46  PHE 46  46  46  PHE PHE A . n 
A 1 47  VAL 47  47  47  VAL VAL A . n 
A 1 48  HIS 48  48  48  HIS HIS A . n 
A 1 49  GLU 49  49  49  GLU GLU A . n 
A 1 50  PRO 50  50  50  PRO PRO A . n 
A 1 51  LEU 51  51  51  LEU LEU A . n 
A 1 52  VAL 52  52  52  VAL VAL A . n 
A 1 53  ASP 53  53  53  ASP ASP A . n 
A 1 54  VAL 54  54  54  VAL VAL A . n 
A 1 55  GLN 55  55  55  GLN GLN A . n 
A 1 56  ASN 56  56  56  ASN ASN A . n 
A 1 57  VAL 57  57  57  VAL VAL A . n 
A 1 58  CYS 58  58  58  CYS CYS A . n 
A 1 59  PHE 59  59  59  PHE PHE A . n 
A 1 60  GLN 60  60  60  GLN GLN A . n 
A 1 61  GLU 61  61  61  GLU GLU A . n 
A 1 62  LYS 62  62  62  LYS LYS A . n 
A 1 63  VAL 63  63  63  VAL VAL A . n 
A 1 64  THR 64  64  64  THR THR A . n 
A 1 65  CYS 65  65  65  CYS CYS A . n 
A 1 66  LYS 66  66  66  LYS LYS A . n 
A 1 67  ASN 67  67  67  ASN ASN A . n 
A 1 68  GLY 68  68  68  GLY GLY A . n 
A 1 69  GLN 69  69  69  GLN GLN A . n 
A 1 70  GLY 70  70  70  GLY GLY A . n 
A 1 71  ASN 71  71  71  ASN ASN A . n 
A 1 72  CYS 72  72  72  CYS CYS A . n 
A 1 73  TYR 73  73  73  TYR TYR A . n 
A 1 74  LYS 74  74  74  LYS LYS A . n 
A 1 75  SER 75  75  75  SER SER A . n 
A 1 76  ASN 76  76  76  ASN ASN A . n 
A 1 77  SER 77  77  77  SER SER A . n 
A 1 78  SER 78  78  78  SER SER A . n 
A 1 79  MET 79  79  79  MET MET A . n 
A 1 80  HIS 80  80  80  HIS HIS A . n 
A 1 81  ILE 81  81  81  ILE ILE A . n 
A 1 82  THR 82  82  82  THR THR A . n 
A 1 83  ASP 83  83  83  ASP ASP A . n 
A 1 84  CYS 84  84  84  CYS CYS A . n 
A 1 85  ARG 85  85  85  ARG ARG A . n 
A 1 86  LEU 86  86  86  LEU LEU A . n 
A 1 87  THR 87  87  87  THR THR A . n 
A 1 88  ASN 88  88  88  ASN ASN A . n 
A 1 89  GLY 89  89  89  GLY GLY A . n 
A 1 90  SER 90  90  90  SER SER A . n 
A 1 91  ARG 91  91  91  ARG ARG A . n 
A 1 92  TYR 92  92  92  TYR TYR A . n 
A 1 93  PRO 93  93  93  PRO PRO A . n 
A 1 94  ASN 94  94  94  ASN ASN A . n 
A 1 95  CYS 95  95  95  CYS CYS A . n 
A 1 96  ALA 96  96  96  ALA ALA A . n 
A 1 97  TYR 97  97  97  TYR TYR A . n 
A 1 98  ARG 98  98  98  ARG ARG A . n 
A 1 99  THR 99  99  99  THR THR A . n 
A 1 100 SER 100 100 100 SER SER A . n 
A 1 101 PRO 101 101 101 PRO PRO A . n 
A 1 102 LYS 102 102 102 LYS LYS A . n 
A 1 103 GLU 103 103 103 GLU GLU A . n 
A 1 104 ARG 104 104 104 ARG ARG A . n 
A 1 105 HIS 105 105 105 HIS HIS A . n 
A 1 106 ILE 106 106 106 ILE ILE A . n 
A 1 107 ILE 107 107 107 ILE ILE A . n 
A 1 108 VAL 108 108 108 VAL VAL A . n 
A 1 109 ALA 109 109 109 ALA ALA A . n 
A 1 110 CYS 110 110 110 CYS CYS A . n 
A 1 111 GLU 111 111 111 GLU GLU A . n 
A 1 112 GLY 112 112 112 GLY GLY A . n 
A 1 113 SER 113 113 113 SER SER A . n 
A 1 114 PRO 114 114 114 PRO PRO A . n 
A 1 115 TYR 115 115 115 TYR TYR A . n 
A 1 116 VAL 116 116 116 VAL VAL A . n 
A 1 117 PRO 117 117 117 PRO PRO A . n 
A 1 118 VAL 118 118 118 VAL VAL A . n 
A 1 119 HIS 119 119 119 HIS HIS A . n 
A 1 120 PHE 120 120 120 PHE PHE A . n 
A 1 121 ASP 121 121 121 ASP ASP A . n 
A 1 122 ALA 122 122 122 ALA ALA A . n 
A 1 123 SER 123 123 123 SER SER A . n 
A 1 124 VAL 124 124 124 VAL VAL A . n 
A 1 125 GLU 125 125 125 GLU GLU A . n 
A 1 126 ASP 126 126 126 ASP ASP A . n 
A 1 127 SER 127 127 ?   ?   ?   A . n 
A 1 128 THR 128 128 ?   ?   ?   A . n 
# 
loop_
_pdbx_nonpoly_scheme.asym_id 
_pdbx_nonpoly_scheme.entity_id 
_pdbx_nonpoly_scheme.mon_id 
_pdbx_nonpoly_scheme.ndb_seq_num 
_pdbx_nonpoly_scheme.pdb_seq_num 
_pdbx_nonpoly_scheme.auth_seq_num 
_pdbx_nonpoly_scheme.pdb_mon_id 
_pdbx_nonpoly_scheme.auth_mon_id 
_pdbx_nonpoly_scheme.pdb_strand_id 
_pdbx_nonpoly_scheme.pdb_ins_code 
B 2 HOH 1   2001 2001 HOH HOH A . 
B 2 HOH 2   2002 2002 HOH HOH A . 
B 2 HOH 3   2003 2003 HOH HOH A . 
B 2 HOH 4   2004 2004 HOH HOH A . 
B 2 HOH 5   2005 2005 HOH HOH A . 
B 2 HOH 6   2006 2006 HOH HOH A . 
B 2 HOH 7   2007 2007 HOH HOH A . 
B 2 HOH 8   2008 2008 HOH HOH A . 
B 2 HOH 9   2009 2009 HOH HOH A . 
B 2 HOH 10  2010 2010 HOH HOH A . 
B 2 HOH 11  2011 2011 HOH HOH A . 
B 2 HOH 12  2012 2012 HOH HOH A . 
B 2 HOH 13  2013 2013 HOH HOH A . 
B 2 HOH 14  2014 2014 HOH HOH A . 
B 2 HOH 15  2015 2015 HOH HOH A . 
B 2 HOH 16  2016 2016 HOH HOH A . 
B 2 HOH 17  2017 2017 HOH HOH A . 
B 2 HOH 18  2018 2018 HOH HOH A . 
B 2 HOH 19  2019 2019 HOH HOH A . 
B 2 HOH 20  2020 2020 HOH HOH A . 
B 2 HOH 21  2021 2021 HOH HOH A . 
B 2 HOH 22  2022 2022 HOH HOH A . 
B 2 HOH 23  2023 2023 HOH HOH A . 
B 2 HOH 24  2024 2024 HOH HOH A . 
B 2 HOH 25  2025 2025 HOH HOH A . 
B 2 HOH 26  2026 2026 HOH HOH A . 
B 2 HOH 27  2027 2027 HOH HOH A . 
B 2 HOH 28  2028 2028 HOH HOH A . 
B 2 HOH 29  2029 2029 HOH HOH A . 
B 2 HOH 30  2030 2030 HOH HOH A . 
B 2 HOH 31  2031 2031 HOH HOH A . 
B 2 HOH 32  2032 2032 HOH HOH A . 
B 2 HOH 33  2033 2033 HOH HOH A . 
B 2 HOH 34  2034 2034 HOH HOH A . 
B 2 HOH 35  2035 2035 HOH HOH A . 
B 2 HOH 36  2036 2036 HOH HOH A . 
B 2 HOH 37  2037 2037 HOH HOH A . 
B 2 HOH 38  2038 2038 HOH HOH A . 
B 2 HOH 39  2039 2039 HOH HOH A . 
B 2 HOH 40  2040 2040 HOH HOH A . 
B 2 HOH 41  2041 2041 HOH HOH A . 
B 2 HOH 42  2042 2042 HOH HOH A . 
B 2 HOH 43  2043 2043 HOH HOH A . 
B 2 HOH 44  2044 2044 HOH HOH A . 
B 2 HOH 45  2045 2045 HOH HOH A . 
B 2 HOH 46  2046 2046 HOH HOH A . 
B 2 HOH 47  2047 2047 HOH HOH A . 
B 2 HOH 48  2048 2048 HOH HOH A . 
B 2 HOH 49  2049 2049 HOH HOH A . 
B 2 HOH 50  2050 2050 HOH HOH A . 
B 2 HOH 51  2051 2051 HOH HOH A . 
B 2 HOH 52  2052 2052 HOH HOH A . 
B 2 HOH 53  2053 2053 HOH HOH A . 
B 2 HOH 54  2054 2054 HOH HOH A . 
B 2 HOH 55  2055 2055 HOH HOH A . 
B 2 HOH 56  2056 2056 HOH HOH A . 
B 2 HOH 57  2057 2057 HOH HOH A . 
B 2 HOH 58  2058 2058 HOH HOH A . 
B 2 HOH 59  2059 2059 HOH HOH A . 
B 2 HOH 60  2060 2060 HOH HOH A . 
B 2 HOH 61  2061 2061 HOH HOH A . 
B 2 HOH 62  2062 2062 HOH HOH A . 
B 2 HOH 63  2063 2063 HOH HOH A . 
B 2 HOH 64  2064 2064 HOH HOH A . 
B 2 HOH 65  2065 2065 HOH HOH A . 
B 2 HOH 66  2066 2066 HOH HOH A . 
B 2 HOH 67  2067 2067 HOH HOH A . 
B 2 HOH 68  2068 2068 HOH HOH A . 
B 2 HOH 69  2069 2069 HOH HOH A . 
B 2 HOH 70  2070 2070 HOH HOH A . 
B 2 HOH 71  2071 2071 HOH HOH A . 
B 2 HOH 72  2072 2072 HOH HOH A . 
B 2 HOH 73  2073 2073 HOH HOH A . 
B 2 HOH 74  2074 2074 HOH HOH A . 
B 2 HOH 75  2075 2075 HOH HOH A . 
B 2 HOH 76  2076 2076 HOH HOH A . 
B 2 HOH 77  2077 2077 HOH HOH A . 
B 2 HOH 78  2078 2078 HOH HOH A . 
B 2 HOH 79  2079 2079 HOH HOH A . 
B 2 HOH 80  2080 2080 HOH HOH A . 
B 2 HOH 81  2081 2081 HOH HOH A . 
B 2 HOH 82  2082 2082 HOH HOH A . 
B 2 HOH 83  2083 2083 HOH HOH A . 
B 2 HOH 84  2084 2084 HOH HOH A . 
B 2 HOH 85  2085 2085 HOH HOH A . 
B 2 HOH 86  2086 2086 HOH HOH A . 
B 2 HOH 87  2087 2087 HOH HOH A . 
B 2 HOH 88  2088 2088 HOH HOH A . 
B 2 HOH 89  2089 2089 HOH HOH A . 
B 2 HOH 90  2090 2090 HOH HOH A . 
B 2 HOH 91  2091 2091 HOH HOH A . 
B 2 HOH 92  2092 2092 HOH HOH A . 
B 2 HOH 93  2093 2093 HOH HOH A . 
B 2 HOH 94  2094 2094 HOH HOH A . 
B 2 HOH 95  2095 2095 HOH HOH A . 
B 2 HOH 96  2096 2096 HOH HOH A . 
B 2 HOH 97  2097 2097 HOH HOH A . 
B 2 HOH 98  2098 2098 HOH HOH A . 
B 2 HOH 99  2099 2099 HOH HOH A . 
B 2 HOH 100 2100 2100 HOH HOH A . 
B 2 HOH 101 2101 2101 HOH HOH A . 
B 2 HOH 102 2102 2102 HOH HOH A . 
B 2 HOH 103 2103 2103 HOH HOH A . 
B 2 HOH 104 2104 2104 HOH HOH A . 
B 2 HOH 105 2105 2105 HOH HOH A . 
B 2 HOH 106 2106 2106 HOH HOH A . 
B 2 HOH 107 2107 2107 HOH HOH A . 
B 2 HOH 108 2108 2108 HOH HOH A . 
B 2 HOH 109 2109 2109 HOH HOH A . 
B 2 HOH 110 2110 2110 HOH HOH A . 
B 2 HOH 111 2111 2111 HOH HOH A . 
B 2 HOH 112 2112 2112 HOH HOH A . 
B 2 HOH 113 2113 2113 HOH HOH A . 
B 2 HOH 114 2114 2114 HOH HOH A . 
B 2 HOH 115 2115 2115 HOH HOH A . 
B 2 HOH 116 2116 2116 HOH HOH A . 
B 2 HOH 117 2117 2117 HOH HOH A . 
B 2 HOH 118 2118 2118 HOH HOH A . 
B 2 HOH 119 2119 2119 HOH HOH A . 
B 2 HOH 120 2120 2120 HOH HOH A . 
B 2 HOH 121 2121 2121 HOH HOH A . 
B 2 HOH 122 2122 2122 HOH HOH A . 
B 2 HOH 123 2123 2123 HOH HOH A . 
B 2 HOH 124 2124 2124 HOH HOH A . 
B 2 HOH 125 2125 2125 HOH HOH A . 
B 2 HOH 126 2126 2126 HOH HOH A . 
B 2 HOH 127 2127 2127 HOH HOH A . 
B 2 HOH 128 2128 2128 HOH HOH A . 
B 2 HOH 129 2129 2129 HOH HOH A . 
B 2 HOH 130 2130 2130 HOH HOH A . 
B 2 HOH 131 2131 2131 HOH HOH A . 
B 2 HOH 132 2132 2132 HOH HOH A . 
B 2 HOH 133 2133 2133 HOH HOH A . 
B 2 HOH 134 2134 2134 HOH HOH A . 
B 2 HOH 135 2135 2135 HOH HOH A . 
B 2 HOH 136 2136 2136 HOH HOH A . 
B 2 HOH 137 2137 2137 HOH HOH A . 
# 
loop_
_pdbx_unobs_or_zero_occ_atoms.id 
_pdbx_unobs_or_zero_occ_atoms.PDB_model_num 
_pdbx_unobs_or_zero_occ_atoms.polymer_flag 
_pdbx_unobs_or_zero_occ_atoms.occupancy_flag 
_pdbx_unobs_or_zero_occ_atoms.auth_asym_id 
_pdbx_unobs_or_zero_occ_atoms.auth_comp_id 
_pdbx_unobs_or_zero_occ_atoms.auth_seq_id 
_pdbx_unobs_or_zero_occ_atoms.PDB_ins_code 
_pdbx_unobs_or_zero_occ_atoms.auth_atom_id 
_pdbx_unobs_or_zero_occ_atoms.label_alt_id 
_pdbx_unobs_or_zero_occ_atoms.label_asym_id 
_pdbx_unobs_or_zero_occ_atoms.label_comp_id 
_pdbx_unobs_or_zero_occ_atoms.label_seq_id 
_pdbx_unobs_or_zero_occ_atoms.label_atom_id 
1  1 Y 0 A ASP 16  ? OD2 ? A ASP 16  OD2 
2  1 Y 0 A ARG 91  ? CG  ? A ARG 91  CG  
3  1 Y 0 A ARG 91  ? CD  ? A ARG 91  CD  
4  1 Y 0 A ARG 91  ? NE  ? A ARG 91  NE  
5  1 Y 0 A ARG 91  ? CZ  ? A ARG 91  CZ  
6  1 Y 0 A ARG 91  ? NH1 ? A ARG 91  NH1 
7  1 Y 0 A ARG 91  ? NH2 ? A ARG 91  NH2 
8  1 Y 0 A ASN 94  ? CB  ? A ASN 94  CB  
9  1 Y 0 A ASN 94  ? CG  ? A ASN 94  CG  
10 1 Y 0 A ASN 94  ? OD1 ? A ASN 94  OD1 
11 1 Y 0 A ASN 94  ? ND2 ? A ASN 94  ND2 
12 1 Y 0 A ARG 98  ? NE  ? A ARG 98  NE  
13 1 Y 0 A ARG 98  ? CZ  ? A ARG 98  CZ  
14 1 Y 0 A ARG 98  ? NH1 ? A ARG 98  NH1 
15 1 Y 0 A ARG 98  ? NH2 ? A ARG 98  NH2 
16 1 Y 0 A GLU 103 ? OE2 ? A GLU 103 OE2 
17 1 Y 0 A GLU 125 ? OE1 ? A GLU 125 OE1 
18 1 Y 0 A GLU 125 ? OE2 ? A GLU 125 OE2 
19 1 Y 1 A ASP 126 ? CA  ? A ASP 126 CA  
20 1 Y 1 A ASP 126 ? C   ? A ASP 126 C   
21 1 Y 1 A ASP 126 ? O   ? A ASP 126 O   
22 1 Y 1 A ASP 126 ? CB  ? A ASP 126 CB  
23 1 Y 1 A ASP 126 ? CG  ? A ASP 126 CG  
24 1 Y 1 A ASP 126 ? OD1 ? A ASP 126 OD1 
25 1 Y 1 A ASP 126 ? OD2 ? A ASP 126 OD2 
# 
loop_
_software.name 
_software.classification 
_software.version 
_software.citation_id 
_software.pdbx_ordinal 
CNS    refinement       1.0 ? 1 
MOSFLM 'data reduction' .   ? 2 
SCALA  'data scaling'   .   ? 3 
AMoRE  phasing          .   ? 4 
# 
_cell.entry_id           1E21 
_cell.length_a           32.691 
_cell.length_b           42.733 
_cell.length_c           79.894 
_cell.angle_alpha        90.00 
_cell.angle_beta         90.00 
_cell.angle_gamma        90.00 
_cell.Z_PDB              4 
_cell.pdbx_unique_axis   ? 
# 
_symmetry.entry_id                         1E21 
_symmetry.space_group_name_H-M             'P 21 21 21' 
_symmetry.pdbx_full_space_group_name_H-M   ? 
_symmetry.cell_setting                     ? 
_symmetry.Int_Tables_number                19 
# 
_exptl.entry_id          1E21 
_exptl.method            'X-RAY DIFFRACTION' 
_exptl.crystals_number   1 
# 
_exptl_crystal.id                    1 
_exptl_crystal.density_meas          ? 
_exptl_crystal.density_Matthews      1.9 
_exptl_crystal.density_percent_sol   28 
_exptl_crystal.description           ? 
# 
_exptl_crystal_grow.crystal_id      1 
_exptl_crystal_grow.method          ? 
_exptl_crystal_grow.temp            ? 
_exptl_crystal_grow.temp_details    ? 
_exptl_crystal_grow.pH              8.50 
_exptl_crystal_grow.pdbx_pH_range   ? 
_exptl_crystal_grow.pdbx_details    '7% PEG 8K, 0.1M TRIS-HCL PH 8.5' 
# 
_diffrn.id                     1 
_diffrn.ambient_temp           100.0 
_diffrn.ambient_temp_details   ? 
_diffrn.crystal_id             1 
# 
_diffrn_detector.diffrn_id              1 
_diffrn_detector.detector               CCD 
_diffrn_detector.type                   'ADSC CCD' 
_diffrn_detector.pdbx_collection_date   2000-02-15 
_diffrn_detector.details                'SAGITALLY FOCUSING GE(220 MULTILAYER TOROIDAL MIRROR' 
# 
_diffrn_radiation.diffrn_id                        1 
_diffrn_radiation.wavelength_id                    1 
_diffrn_radiation.pdbx_monochromatic_or_laue_m_l   M 
_diffrn_radiation.monochromator                    'DIAMOND (111), GE(220)' 
_diffrn_radiation.pdbx_diffrn_protocol             'SINGLE WAVELENGTH' 
_diffrn_radiation.pdbx_scattering_type             x-ray 
# 
_diffrn_radiation_wavelength.id           1 
_diffrn_radiation_wavelength.wavelength   0.9330 
_diffrn_radiation_wavelength.wt           1.0 
# 
_diffrn_source.diffrn_id                   1 
_diffrn_source.source                      SYNCHROTRON 
_diffrn_source.type                        'ESRF BEAMLINE ID14-2' 
_diffrn_source.pdbx_synchrotron_site       ESRF 
_diffrn_source.pdbx_synchrotron_beamline   ID14-2 
_diffrn_source.pdbx_wavelength             0.9330 
_diffrn_source.pdbx_wavelength_list        ? 
# 
_reflns.pdbx_diffrn_id               1 
_reflns.pdbx_ordinal                 1 
_reflns.entry_id                     1E21 
_reflns.observed_criterion_sigma_I   2.000 
_reflns.observed_criterion_sigma_F   ? 
_reflns.d_resolution_low             20.000 
_reflns.d_resolution_high            1.900 
_reflns.number_obs                   8618 
_reflns.number_all                   ? 
_reflns.percent_possible_obs         92.9 
_reflns.pdbx_Rmerge_I_obs            0.13500 
_reflns.pdbx_Rsym_value              0.11300 
_reflns.pdbx_netI_over_sigmaI        4.4000 
_reflns.B_iso_Wilson_estimate        18.8 
_reflns.pdbx_redundancy              3.200 
# 
_reflns_shell.pdbx_diffrn_id         1 
_reflns_shell.pdbx_ordinal           1 
_reflns_shell.d_res_high             1.90 
_reflns_shell.d_res_low              2.00 
_reflns_shell.percent_possible_all   87.2 
_reflns_shell.Rmerge_I_obs           0.42600 
_reflns_shell.pdbx_Rsym_value        0.36400 
_reflns_shell.meanI_over_sigI_obs    2.000 
_reflns_shell.pdbx_redundancy        3.10 
# 
_refine.pdbx_refine_id                           'X-RAY DIFFRACTION' 
_refine.entry_id                                 1E21 
_refine.pdbx_diffrn_id                           1 
_refine.pdbx_TLS_residual_ADP_flag               ? 
_refine.ls_number_reflns_obs                     8592 
_refine.ls_number_reflns_all                     ? 
_refine.pdbx_ls_sigma_I                          ? 
_refine.pdbx_ls_sigma_F                          0.0 
_refine.pdbx_data_cutoff_high_absF               10000 
_refine.pdbx_data_cutoff_low_absF                ? 
_refine.pdbx_data_cutoff_high_rms_absF           ? 
_refine.ls_d_res_low                             20.0 
_refine.ls_d_res_high                            1.9 
_refine.ls_percent_reflns_obs                    92.3 
_refine.ls_R_factor_obs                          0.1959 
_refine.ls_R_factor_all                          ? 
_refine.ls_R_factor_R_work                       0.1959 
_refine.ls_R_factor_R_free                       0.2511 
_refine.ls_R_factor_R_free_error                 ? 
_refine.ls_R_factor_R_free_error_details         ? 
_refine.ls_percent_reflns_R_free                 5.0 
_refine.ls_number_reflns_R_free                  449 
_refine.ls_number_parameters                     ? 
_refine.ls_number_restraints                     ? 
_refine.occupancy_min                            ? 
_refine.occupancy_max                            ? 
_refine.correlation_coeff_Fo_to_Fc               ? 
_refine.correlation_coeff_Fo_to_Fc_free          ? 
_refine.B_iso_mean                               23.496 
_refine.aniso_B[1][1]                            ? 
_refine.aniso_B[2][2]                            ? 
_refine.aniso_B[3][3]                            ? 
_refine.aniso_B[1][2]                            ? 
_refine.aniso_B[1][3]                            ? 
_refine.aniso_B[2][3]                            ? 
_refine.solvent_model_details                    ? 
_refine.solvent_model_param_ksol                 0.34 
_refine.solvent_model_param_bsol                 50.93 
_refine.pdbx_solvent_vdw_probe_radii             ? 
_refine.pdbx_solvent_ion_probe_radii             ? 
_refine.pdbx_solvent_shrinkage_radii             ? 
_refine.pdbx_ls_cross_valid_method               THROUGHOUT 
_refine.details                                  'RESIDUES 126, 127 AND 128 NOT SEEN IN DENSITY MAPS' 
_refine.pdbx_starting_model                      'PDB ENTRY 7RSA' 
_refine.pdbx_method_to_determine_struct          'MOLECULAR REPLACEMENT' 
_refine.pdbx_isotropic_thermal_model             ? 
_refine.pdbx_stereochemistry_target_values       ? 
_refine.pdbx_stereochem_target_val_spec_case     ? 
_refine.pdbx_R_Free_selection_details            RANDOM 
_refine.pdbx_overall_ESU_R                       ? 
_refine.pdbx_overall_ESU_R_Free                  ? 
_refine.overall_SU_ML                            ? 
_refine.pdbx_overall_phase_error                 ? 
_refine.overall_SU_B                             ? 
_refine.overall_SU_R_Cruickshank_DPI             ? 
_refine.pdbx_overall_SU_R_free_Cruickshank_DPI   ? 
_refine.pdbx_overall_SU_R_Blow_DPI               ? 
_refine.pdbx_overall_SU_R_free_Blow_DPI          ? 
# 
_refine_hist.pdbx_refine_id                   'X-RAY DIFFRACTION' 
_refine_hist.cycle_id                         LAST 
_refine_hist.pdbx_number_atoms_protein        939 
_refine_hist.pdbx_number_atoms_nucleic_acid   0 
_refine_hist.pdbx_number_atoms_ligand         0 
_refine_hist.number_atoms_solvent             137 
_refine_hist.number_atoms_total               1076 
_refine_hist.d_res_high                       1.9 
_refine_hist.d_res_low                        20.0 
# 
loop_
_refine_ls_restr.type 
_refine_ls_restr.dev_ideal 
_refine_ls_restr.dev_ideal_target 
_refine_ls_restr.weight 
_refine_ls_restr.number 
_refine_ls_restr.pdbx_refine_id 
_refine_ls_restr.pdbx_restraint_function 
c_bond_d                0.007 ? ? ? 'X-RAY DIFFRACTION' ? 
c_bond_d_na             ?     ? ? ? 'X-RAY DIFFRACTION' ? 
c_bond_d_prot           ?     ? ? ? 'X-RAY DIFFRACTION' ? 
c_angle_d               ?     ? ? ? 'X-RAY DIFFRACTION' ? 
c_angle_d_na            ?     ? ? ? 'X-RAY DIFFRACTION' ? 
c_angle_d_prot          ?     ? ? ? 'X-RAY DIFFRACTION' ? 
c_angle_deg             1.61  ? ? ? 'X-RAY DIFFRACTION' ? 
c_angle_deg_na          ?     ? ? ? 'X-RAY DIFFRACTION' ? 
c_angle_deg_prot        ?     ? ? ? 'X-RAY DIFFRACTION' ? 
c_dihedral_angle_d      ?     ? ? ? 'X-RAY DIFFRACTION' ? 
c_dihedral_angle_d_na   ?     ? ? ? 'X-RAY DIFFRACTION' ? 
c_dihedral_angle_d_prot ?     ? ? ? 'X-RAY DIFFRACTION' ? 
c_improper_angle_d      ?     ? ? ? 'X-RAY DIFFRACTION' ? 
c_improper_angle_d_na   ?     ? ? ? 'X-RAY DIFFRACTION' ? 
c_improper_angle_d_prot ?     ? ? ? 'X-RAY DIFFRACTION' ? 
c_mcbond_it             ?     ? ? ? 'X-RAY DIFFRACTION' ? 
c_mcangle_it            ?     ? ? ? 'X-RAY DIFFRACTION' ? 
c_scbond_it             ?     ? ? ? 'X-RAY DIFFRACTION' ? 
c_scangle_it            ?     ? ? ? 'X-RAY DIFFRACTION' ? 
# 
_refine_ls_shell.pdbx_refine_id                   'X-RAY DIFFRACTION' 
_refine_ls_shell.pdbx_total_number_of_bins_used   8 
_refine_ls_shell.d_res_high                       1.90 
_refine_ls_shell.d_res_low                        1.99 
_refine_ls_shell.number_reflns_R_work             928 
_refine_ls_shell.R_factor_R_work                  0.2541 
_refine_ls_shell.percent_reflns_obs               ? 
_refine_ls_shell.R_factor_R_free                  0.2980 
_refine_ls_shell.R_factor_R_free_error            ? 
_refine_ls_shell.percent_reflns_R_free            6 
_refine_ls_shell.number_reflns_R_free             60 
_refine_ls_shell.number_reflns_all                ? 
_refine_ls_shell.R_factor_all                     ? 
# 
_struct.entry_id                  1E21 
_struct.title                     'Ribonuclease 1 des1-7 Crystal Structure at 1.9A' 
_struct.pdbx_model_details        ? 
_struct.pdbx_CASP_flag            ? 
_struct.pdbx_model_type_details   ? 
# 
_struct_keywords.entry_id        1E21 
_struct_keywords.pdbx_keywords   HYDROLASE 
_struct_keywords.text            'HUMAN PANCREATIC RIBONUCLEASE, HYDROLASE' 
# 
loop_
_struct_asym.id 
_struct_asym.pdbx_blank_PDB_chainid_flag 
_struct_asym.pdbx_modified 
_struct_asym.entity_id 
_struct_asym.details 
A N N 1 ? 
B N N 2 ? 
# 
_struct_ref.id                         1 
_struct_ref.db_name                    UNP 
_struct_ref.db_code                    RNP_HUMAN 
_struct_ref.entity_id                  1 
_struct_ref.pdbx_seq_one_letter_code   ? 
_struct_ref.pdbx_align_begin           ? 
_struct_ref.pdbx_db_accession          P07998 
_struct_ref.pdbx_db_isoform            ? 
# 
_struct_ref_seq.align_id                      1 
_struct_ref_seq.ref_id                        1 
_struct_ref_seq.pdbx_PDB_id_code              1E21 
_struct_ref_seq.pdbx_strand_id                A 
_struct_ref_seq.seq_align_beg                 1 
_struct_ref_seq.pdbx_seq_align_beg_ins_code   ? 
_struct_ref_seq.seq_align_end                 128 
_struct_ref_seq.pdbx_seq_align_end_ins_code   ? 
_struct_ref_seq.pdbx_db_accession             P07998 
_struct_ref_seq.db_align_beg                  29 
_struct_ref_seq.pdbx_db_align_beg_ins_code    ? 
_struct_ref_seq.db_align_end                  156 
_struct_ref_seq.pdbx_db_align_end_ins_code    ? 
_struct_ref_seq.pdbx_auth_seq_align_beg       1 
_struct_ref_seq.pdbx_auth_seq_align_end       128 
# 
_struct_ref_seq_dif.align_id                     1 
_struct_ref_seq_dif.pdbx_pdb_id_code             1E21 
_struct_ref_seq_dif.mon_id                       ALA 
_struct_ref_seq_dif.pdbx_pdb_strand_id           A 
_struct_ref_seq_dif.seq_num                      7 
_struct_ref_seq_dif.pdbx_pdb_ins_code            ? 
_struct_ref_seq_dif.pdbx_seq_db_name             UNP 
_struct_ref_seq_dif.pdbx_seq_db_accession_code   P07998 
_struct_ref_seq_dif.db_mon_id                    LYS 
_struct_ref_seq_dif.pdbx_seq_db_seq_num          35 
_struct_ref_seq_dif.details                      'engineered mutation' 
_struct_ref_seq_dif.pdbx_auth_seq_num            7 
_struct_ref_seq_dif.pdbx_ordinal                 1 
# 
_pdbx_struct_assembly.id                   1 
_pdbx_struct_assembly.details              author_and_software_defined_assembly 
_pdbx_struct_assembly.method_details       PISA 
_pdbx_struct_assembly.oligomeric_details   monomeric 
_pdbx_struct_assembly.oligomeric_count     1 
# 
_pdbx_struct_assembly_gen.assembly_id       1 
_pdbx_struct_assembly_gen.oper_expression   1 
_pdbx_struct_assembly_gen.asym_id_list      A,B 
# 
_pdbx_struct_oper_list.id                   1 
_pdbx_struct_oper_list.type                 'identity operation' 
_pdbx_struct_oper_list.name                 1_555 
_pdbx_struct_oper_list.symmetry_operation   x,y,z 
_pdbx_struct_oper_list.matrix[1][1]         1.0000000000 
_pdbx_struct_oper_list.matrix[1][2]         0.0000000000 
_pdbx_struct_oper_list.matrix[1][3]         0.0000000000 
_pdbx_struct_oper_list.vector[1]            0.0000000000 
_pdbx_struct_oper_list.matrix[2][1]         0.0000000000 
_pdbx_struct_oper_list.matrix[2][2]         1.0000000000 
_pdbx_struct_oper_list.matrix[2][3]         0.0000000000 
_pdbx_struct_oper_list.vector[2]            0.0000000000 
_pdbx_struct_oper_list.matrix[3][1]         0.0000000000 
_pdbx_struct_oper_list.matrix[3][2]         0.0000000000 
_pdbx_struct_oper_list.matrix[3][3]         1.0000000000 
_pdbx_struct_oper_list.vector[3]            0.0000000000 
# 
_struct_biol.id   1 
# 
loop_
_struct_conf.conf_type_id 
_struct_conf.id 
_struct_conf.pdbx_PDB_helix_id 
_struct_conf.beg_label_comp_id 
_struct_conf.beg_label_asym_id 
_struct_conf.beg_label_seq_id 
_struct_conf.pdbx_beg_PDB_ins_code 
_struct_conf.end_label_comp_id 
_struct_conf.end_label_asym_id 
_struct_conf.end_label_seq_id 
_struct_conf.pdbx_end_PDB_ins_code 
_struct_conf.beg_auth_comp_id 
_struct_conf.beg_auth_asym_id 
_struct_conf.beg_auth_seq_id 
_struct_conf.end_auth_comp_id 
_struct_conf.end_auth_asym_id 
_struct_conf.end_auth_seq_id 
_struct_conf.pdbx_PDB_helix_class 
_struct_conf.details 
_struct_conf.pdbx_PDB_helix_length 
HELX_P HELX_P1 1 ALA A 7  ? MET A 13 ? ALA A 7  MET A 13 1 ? 7  
HELX_P HELX_P2 2 THR A 24 ? ARG A 33 ? THR A 24 ARG A 33 1 ? 10 
HELX_P HELX_P3 3 PRO A 50 ? ASN A 56 ? PRO A 50 ASN A 56 1 ? 7  
HELX_P HELX_P4 4 VAL A 57 ? GLN A 60 ? VAL A 57 GLN A 60 5 ? 4  
# 
_struct_conf_type.id          HELX_P 
_struct_conf_type.criteria    ? 
_struct_conf_type.reference   ? 
# 
loop_
_struct_conn.id 
_struct_conn.conn_type_id 
_struct_conn.pdbx_leaving_atom_flag 
_struct_conn.pdbx_PDB_id 
_struct_conn.ptnr1_label_asym_id 
_struct_conn.ptnr1_label_comp_id 
_struct_conn.ptnr1_label_seq_id 
_struct_conn.ptnr1_label_atom_id 
_struct_conn.pdbx_ptnr1_label_alt_id 
_struct_conn.pdbx_ptnr1_PDB_ins_code 
_struct_conn.pdbx_ptnr1_standard_comp_id 
_struct_conn.ptnr1_symmetry 
_struct_conn.ptnr2_label_asym_id 
_struct_conn.ptnr2_label_comp_id 
_struct_conn.ptnr2_label_seq_id 
_struct_conn.ptnr2_label_atom_id 
_struct_conn.pdbx_ptnr2_label_alt_id 
_struct_conn.pdbx_ptnr2_PDB_ins_code 
_struct_conn.ptnr1_auth_asym_id 
_struct_conn.ptnr1_auth_comp_id 
_struct_conn.ptnr1_auth_seq_id 
_struct_conn.ptnr2_auth_asym_id 
_struct_conn.ptnr2_auth_comp_id 
_struct_conn.ptnr2_auth_seq_id 
_struct_conn.ptnr2_symmetry 
_struct_conn.pdbx_ptnr3_label_atom_id 
_struct_conn.pdbx_ptnr3_label_seq_id 
_struct_conn.pdbx_ptnr3_label_comp_id 
_struct_conn.pdbx_ptnr3_label_asym_id 
_struct_conn.pdbx_ptnr3_label_alt_id 
_struct_conn.pdbx_ptnr3_PDB_ins_code 
_struct_conn.details 
_struct_conn.pdbx_dist_value 
_struct_conn.pdbx_value_order 
_struct_conn.pdbx_role 
disulf1 disulf ? ? A CYS 26 SG ? ? ? 1_555 A CYS 84  SG ? ? A CYS 26 A CYS 84  1_555 ? ? ? ? ? ? ? 2.032 ? ? 
disulf2 disulf ? ? A CYS 40 SG ? ? ? 1_555 A CYS 95  SG ? ? A CYS 40 A CYS 95  1_555 ? ? ? ? ? ? ? 2.032 ? ? 
disulf3 disulf ? ? A CYS 58 SG ? ? ? 1_555 A CYS 110 SG ? ? A CYS 58 A CYS 110 1_555 ? ? ? ? ? ? ? 2.030 ? ? 
disulf4 disulf ? ? A CYS 65 SG ? ? ? 1_555 A CYS 72  SG ? ? A CYS 65 A CYS 72  1_555 ? ? ? ? ? ? ? 2.033 ? ? 
# 
_struct_conn_type.id          disulf 
_struct_conn_type.criteria    ? 
_struct_conn_type.reference   ? 
# 
loop_
_pdbx_modification_feature.ordinal 
_pdbx_modification_feature.label_comp_id 
_pdbx_modification_feature.label_asym_id 
_pdbx_modification_feature.label_seq_id 
_pdbx_modification_feature.label_alt_id 
_pdbx_modification_feature.modified_residue_label_comp_id 
_pdbx_modification_feature.modified_residue_label_asym_id 
_pdbx_modification_feature.modified_residue_label_seq_id 
_pdbx_modification_feature.modified_residue_label_alt_id 
_pdbx_modification_feature.auth_comp_id 
_pdbx_modification_feature.auth_asym_id 
_pdbx_modification_feature.auth_seq_id 
_pdbx_modification_feature.PDB_ins_code 
_pdbx_modification_feature.symmetry 
_pdbx_modification_feature.modified_residue_auth_comp_id 
_pdbx_modification_feature.modified_residue_auth_asym_id 
_pdbx_modification_feature.modified_residue_auth_seq_id 
_pdbx_modification_feature.modified_residue_PDB_ins_code 
_pdbx_modification_feature.modified_residue_symmetry 
_pdbx_modification_feature.comp_id_linking_atom 
_pdbx_modification_feature.modified_residue_id_linking_atom 
_pdbx_modification_feature.modified_residue_id 
_pdbx_modification_feature.ref_pcm_id 
_pdbx_modification_feature.ref_comp_id 
_pdbx_modification_feature.type 
_pdbx_modification_feature.category 
1 CYS A 26 ? CYS A 84  ? CYS A 26 ? 1_555 CYS A 84  ? 1_555 SG SG . . . None 'Disulfide bridge' 
2 CYS A 40 ? CYS A 95  ? CYS A 40 ? 1_555 CYS A 95  ? 1_555 SG SG . . . None 'Disulfide bridge' 
3 CYS A 58 ? CYS A 110 ? CYS A 58 ? 1_555 CYS A 110 ? 1_555 SG SG . . . None 'Disulfide bridge' 
4 CYS A 65 ? CYS A 72  ? CYS A 65 ? 1_555 CYS A 72  ? 1_555 SG SG . . . None 'Disulfide bridge' 
# 
loop_
_struct_mon_prot_cis.pdbx_id 
_struct_mon_prot_cis.label_comp_id 
_struct_mon_prot_cis.label_seq_id 
_struct_mon_prot_cis.label_asym_id 
_struct_mon_prot_cis.label_alt_id 
_struct_mon_prot_cis.pdbx_PDB_ins_code 
_struct_mon_prot_cis.auth_comp_id 
_struct_mon_prot_cis.auth_seq_id 
_struct_mon_prot_cis.auth_asym_id 
_struct_mon_prot_cis.pdbx_label_comp_id_2 
_struct_mon_prot_cis.pdbx_label_seq_id_2 
_struct_mon_prot_cis.pdbx_label_asym_id_2 
_struct_mon_prot_cis.pdbx_PDB_ins_code_2 
_struct_mon_prot_cis.pdbx_auth_comp_id_2 
_struct_mon_prot_cis.pdbx_auth_seq_id_2 
_struct_mon_prot_cis.pdbx_auth_asym_id_2 
_struct_mon_prot_cis.pdbx_PDB_model_num 
_struct_mon_prot_cis.pdbx_omega_angle 
1 TYR 92  A . ? TYR 92  A PRO 93  A ? PRO 93  A 1 0.32 
2 SER 113 A . ? SER 113 A PRO 114 A ? PRO 114 A 1 0.99 
# 
loop_
_struct_sheet.id 
_struct_sheet.type 
_struct_sheet.number_strands 
_struct_sheet.details 
A ? 2 ? 
B ? 2 ? 
C ? 2 ? 
# 
loop_
_struct_sheet_order.sheet_id 
_struct_sheet_order.range_id_1 
_struct_sheet_order.range_id_2 
_struct_sheet_order.offset 
_struct_sheet_order.sense 
A 1 2 ? anti-parallel 
B 1 2 ? anti-parallel 
C 1 2 ? anti-parallel 
# 
loop_
_struct_sheet_range.sheet_id 
_struct_sheet_range.id 
_struct_sheet_range.beg_label_comp_id 
_struct_sheet_range.beg_label_asym_id 
_struct_sheet_range.beg_label_seq_id 
_struct_sheet_range.pdbx_beg_PDB_ins_code 
_struct_sheet_range.end_label_comp_id 
_struct_sheet_range.end_label_asym_id 
_struct_sheet_range.end_label_seq_id 
_struct_sheet_range.pdbx_end_PDB_ins_code 
_struct_sheet_range.beg_auth_comp_id 
_struct_sheet_range.beg_auth_asym_id 
_struct_sheet_range.beg_auth_seq_id 
_struct_sheet_range.end_auth_comp_id 
_struct_sheet_range.end_auth_asym_id 
_struct_sheet_range.end_auth_seq_id 
A 1 VAL A 43  ? VAL A 47  ? VAL A 43  VAL A 47  
A 2 ILE A 81  ? ARG A 85  ? ILE A 81  ARG A 85  
B 1 GLU A 61  ? VAL A 63  ? GLU A 61  VAL A 63  
B 2 CYS A 72  ? LYS A 74  ? CYS A 72  LYS A 74  
C 1 ILE A 106 ? ALA A 109 ? ILE A 106 ALA A 109 
C 2 HIS A 119 ? SER A 123 ? HIS A 119 SER A 123 
# 
loop_
_pdbx_struct_sheet_hbond.sheet_id 
_pdbx_struct_sheet_hbond.range_id_1 
_pdbx_struct_sheet_hbond.range_id_2 
_pdbx_struct_sheet_hbond.range_1_label_atom_id 
_pdbx_struct_sheet_hbond.range_1_label_comp_id 
_pdbx_struct_sheet_hbond.range_1_label_asym_id 
_pdbx_struct_sheet_hbond.range_1_label_seq_id 
_pdbx_struct_sheet_hbond.range_1_PDB_ins_code 
_pdbx_struct_sheet_hbond.range_1_auth_atom_id 
_pdbx_struct_sheet_hbond.range_1_auth_comp_id 
_pdbx_struct_sheet_hbond.range_1_auth_asym_id 
_pdbx_struct_sheet_hbond.range_1_auth_seq_id 
_pdbx_struct_sheet_hbond.range_2_label_atom_id 
_pdbx_struct_sheet_hbond.range_2_label_comp_id 
_pdbx_struct_sheet_hbond.range_2_label_asym_id 
_pdbx_struct_sheet_hbond.range_2_label_seq_id 
_pdbx_struct_sheet_hbond.range_2_PDB_ins_code 
_pdbx_struct_sheet_hbond.range_2_auth_atom_id 
_pdbx_struct_sheet_hbond.range_2_auth_comp_id 
_pdbx_struct_sheet_hbond.range_2_auth_asym_id 
_pdbx_struct_sheet_hbond.range_2_auth_seq_id 
A 1 2 O ASN A 44  ? O ASN A 44  N CYS A 84  ? N CYS A 84  
B 1 2 O GLU A 61  ? O GLU A 61  N LYS A 74  ? N LYS A 74  
C 1 2 O ILE A 107 ? O ILE A 107 N ALA A 122 ? N ALA A 122 
# 
_pdbx_entry_details.entry_id                   1E21 
_pdbx_entry_details.compound_details           'CHAIN A AMINO-TERMINALLY TRUNCATED' 
_pdbx_entry_details.source_details             ? 
_pdbx_entry_details.nonpolymer_details         ? 
_pdbx_entry_details.sequence_details           ? 
_pdbx_entry_details.has_ligand_of_interest     ? 
_pdbx_entry_details.has_protein_modification   Y 
# 
_pdbx_validate_rmsd_angle.id                         1 
_pdbx_validate_rmsd_angle.PDB_model_num              1 
_pdbx_validate_rmsd_angle.auth_atom_id_1             N 
_pdbx_validate_rmsd_angle.auth_asym_id_1             A 
_pdbx_validate_rmsd_angle.auth_comp_id_1             SER 
_pdbx_validate_rmsd_angle.auth_seq_id_1              23 
_pdbx_validate_rmsd_angle.PDB_ins_code_1             ? 
_pdbx_validate_rmsd_angle.label_alt_id_1             ? 
_pdbx_validate_rmsd_angle.auth_atom_id_2             CA 
_pdbx_validate_rmsd_angle.auth_asym_id_2             A 
_pdbx_validate_rmsd_angle.auth_comp_id_2             SER 
_pdbx_validate_rmsd_angle.auth_seq_id_2              23 
_pdbx_validate_rmsd_angle.PDB_ins_code_2             ? 
_pdbx_validate_rmsd_angle.label_alt_id_2             ? 
_pdbx_validate_rmsd_angle.auth_atom_id_3             C 
_pdbx_validate_rmsd_angle.auth_asym_id_3             A 
_pdbx_validate_rmsd_angle.auth_comp_id_3             SER 
_pdbx_validate_rmsd_angle.auth_seq_id_3              23 
_pdbx_validate_rmsd_angle.PDB_ins_code_3             ? 
_pdbx_validate_rmsd_angle.label_alt_id_3             ? 
_pdbx_validate_rmsd_angle.angle_value                94.68 
_pdbx_validate_rmsd_angle.angle_target_value         111.00 
_pdbx_validate_rmsd_angle.angle_deviation            -16.32 
_pdbx_validate_rmsd_angle.angle_standard_deviation   2.70 
_pdbx_validate_rmsd_angle.linker_flag                N 
# 
loop_
_pdbx_validate_torsion.id 
_pdbx_validate_torsion.PDB_model_num 
_pdbx_validate_torsion.auth_comp_id 
_pdbx_validate_torsion.auth_asym_id 
_pdbx_validate_torsion.auth_seq_id 
_pdbx_validate_torsion.PDB_ins_code 
_pdbx_validate_torsion.label_alt_id 
_pdbx_validate_torsion.phi 
_pdbx_validate_torsion.psi 
1 1 ASP A 14  ? ? -156.33 65.15   
2 1 SER A 18  ? ? -158.38 71.05   
3 1 SER A 22  ? ? 26.54   67.02   
4 1 HIS A 48  ? ? -101.73 61.59   
5 1 GLN A 60  ? ? -110.76 -137.98 
6 1 ASN A 67  ? ? -173.87 -156.67 
7 1 GLN A 69  ? ? -58.83  -160.90 
8 1 ASN A 71  ? ? 70.01   100.97  
9 1 GLU A 125 ? ? 97.83   87.63   
# 
loop_
_pdbx_distant_solvent_atoms.id 
_pdbx_distant_solvent_atoms.PDB_model_num 
_pdbx_distant_solvent_atoms.auth_atom_id 
_pdbx_distant_solvent_atoms.label_alt_id 
_pdbx_distant_solvent_atoms.auth_asym_id 
_pdbx_distant_solvent_atoms.auth_comp_id 
_pdbx_distant_solvent_atoms.auth_seq_id 
_pdbx_distant_solvent_atoms.PDB_ins_code 
_pdbx_distant_solvent_atoms.neighbor_macromolecule_distance 
_pdbx_distant_solvent_atoms.neighbor_ligand_distance 
1 1 O ? A HOH 2014 ? 6.43 . 
2 1 O ? A HOH 2017 ? 6.25 . 
# 
loop_
_pdbx_unobs_or_zero_occ_residues.id 
_pdbx_unobs_or_zero_occ_residues.PDB_model_num 
_pdbx_unobs_or_zero_occ_residues.polymer_flag 
_pdbx_unobs_or_zero_occ_residues.occupancy_flag 
_pdbx_unobs_or_zero_occ_residues.auth_asym_id 
_pdbx_unobs_or_zero_occ_residues.auth_comp_id 
_pdbx_unobs_or_zero_occ_residues.auth_seq_id 
_pdbx_unobs_or_zero_occ_residues.PDB_ins_code 
_pdbx_unobs_or_zero_occ_residues.label_asym_id 
_pdbx_unobs_or_zero_occ_residues.label_comp_id 
_pdbx_unobs_or_zero_occ_residues.label_seq_id 
1 1 Y 1 A LYS 1   ? A LYS 1   
2 1 Y 1 A GLU 2   ? A GLU 2   
3 1 Y 1 A SER 3   ? A SER 3   
4 1 Y 1 A ARG 4   ? A ARG 4   
5 1 Y 1 A ALA 5   ? A ALA 5   
6 1 Y 1 A LYS 6   ? A LYS 6   
7 1 Y 1 A SER 127 ? A SER 127 
8 1 Y 1 A THR 128 ? A THR 128 
# 
loop_
_chem_comp_atom.comp_id 
_chem_comp_atom.atom_id 
_chem_comp_atom.type_symbol 
_chem_comp_atom.pdbx_aromatic_flag 
_chem_comp_atom.pdbx_stereo_config 
_chem_comp_atom.pdbx_ordinal 
ALA N    N N N 1   
ALA CA   C N S 2   
ALA C    C N N 3   
ALA O    O N N 4   
ALA CB   C N N 5   
ALA OXT  O N N 6   
ALA H    H N N 7   
ALA H2   H N N 8   
ALA HA   H N N 9   
ALA HB1  H N N 10  
ALA HB2  H N N 11  
ALA HB3  H N N 12  
ALA HXT  H N N 13  
ARG N    N N N 14  
ARG CA   C N S 15  
ARG C    C N N 16  
ARG O    O N N 17  
ARG CB   C N N 18  
ARG CG   C N N 19  
ARG CD   C N N 20  
ARG NE   N N N 21  
ARG CZ   C N N 22  
ARG NH1  N N N 23  
ARG NH2  N N N 24  
ARG OXT  O N N 25  
ARG H    H N N 26  
ARG H2   H N N 27  
ARG HA   H N N 28  
ARG HB2  H N N 29  
ARG HB3  H N N 30  
ARG HG2  H N N 31  
ARG HG3  H N N 32  
ARG HD2  H N N 33  
ARG HD3  H N N 34  
ARG HE   H N N 35  
ARG HH11 H N N 36  
ARG HH12 H N N 37  
ARG HH21 H N N 38  
ARG HH22 H N N 39  
ARG HXT  H N N 40  
ASN N    N N N 41  
ASN CA   C N S 42  
ASN C    C N N 43  
ASN O    O N N 44  
ASN CB   C N N 45  
ASN CG   C N N 46  
ASN OD1  O N N 47  
ASN ND2  N N N 48  
ASN OXT  O N N 49  
ASN H    H N N 50  
ASN H2   H N N 51  
ASN HA   H N N 52  
ASN HB2  H N N 53  
ASN HB3  H N N 54  
ASN HD21 H N N 55  
ASN HD22 H N N 56  
ASN HXT  H N N 57  
ASP N    N N N 58  
ASP CA   C N S 59  
ASP C    C N N 60  
ASP O    O N N 61  
ASP CB   C N N 62  
ASP CG   C N N 63  
ASP OD1  O N N 64  
ASP OD2  O N N 65  
ASP OXT  O N N 66  
ASP H    H N N 67  
ASP H2   H N N 68  
ASP HA   H N N 69  
ASP HB2  H N N 70  
ASP HB3  H N N 71  
ASP HD2  H N N 72  
ASP HXT  H N N 73  
CYS N    N N N 74  
CYS CA   C N R 75  
CYS C    C N N 76  
CYS O    O N N 77  
CYS CB   C N N 78  
CYS SG   S N N 79  
CYS OXT  O N N 80  
CYS H    H N N 81  
CYS H2   H N N 82  
CYS HA   H N N 83  
CYS HB2  H N N 84  
CYS HB3  H N N 85  
CYS HG   H N N 86  
CYS HXT  H N N 87  
GLN N    N N N 88  
GLN CA   C N S 89  
GLN C    C N N 90  
GLN O    O N N 91  
GLN CB   C N N 92  
GLN CG   C N N 93  
GLN CD   C N N 94  
GLN OE1  O N N 95  
GLN NE2  N N N 96  
GLN OXT  O N N 97  
GLN H    H N N 98  
GLN H2   H N N 99  
GLN HA   H N N 100 
GLN HB2  H N N 101 
GLN HB3  H N N 102 
GLN HG2  H N N 103 
GLN HG3  H N N 104 
GLN HE21 H N N 105 
GLN HE22 H N N 106 
GLN HXT  H N N 107 
GLU N    N N N 108 
GLU CA   C N S 109 
GLU C    C N N 110 
GLU O    O N N 111 
GLU CB   C N N 112 
GLU CG   C N N 113 
GLU CD   C N N 114 
GLU OE1  O N N 115 
GLU OE2  O N N 116 
GLU OXT  O N N 117 
GLU H    H N N 118 
GLU H2   H N N 119 
GLU HA   H N N 120 
GLU HB2  H N N 121 
GLU HB3  H N N 122 
GLU HG2  H N N 123 
GLU HG3  H N N 124 
GLU HE2  H N N 125 
GLU HXT  H N N 126 
GLY N    N N N 127 
GLY CA   C N N 128 
GLY C    C N N 129 
GLY O    O N N 130 
GLY OXT  O N N 131 
GLY H    H N N 132 
GLY H2   H N N 133 
GLY HA2  H N N 134 
GLY HA3  H N N 135 
GLY HXT  H N N 136 
HIS N    N N N 137 
HIS CA   C N S 138 
HIS C    C N N 139 
HIS O    O N N 140 
HIS CB   C N N 141 
HIS CG   C Y N 142 
HIS ND1  N Y N 143 
HIS CD2  C Y N 144 
HIS CE1  C Y N 145 
HIS NE2  N Y N 146 
HIS OXT  O N N 147 
HIS H    H N N 148 
HIS H2   H N N 149 
HIS HA   H N N 150 
HIS HB2  H N N 151 
HIS HB3  H N N 152 
HIS HD1  H N N 153 
HIS HD2  H N N 154 
HIS HE1  H N N 155 
HIS HE2  H N N 156 
HIS HXT  H N N 157 
HOH O    O N N 158 
HOH H1   H N N 159 
HOH H2   H N N 160 
ILE N    N N N 161 
ILE CA   C N S 162 
ILE C    C N N 163 
ILE O    O N N 164 
ILE CB   C N S 165 
ILE CG1  C N N 166 
ILE CG2  C N N 167 
ILE CD1  C N N 168 
ILE OXT  O N N 169 
ILE H    H N N 170 
ILE H2   H N N 171 
ILE HA   H N N 172 
ILE HB   H N N 173 
ILE HG12 H N N 174 
ILE HG13 H N N 175 
ILE HG21 H N N 176 
ILE HG22 H N N 177 
ILE HG23 H N N 178 
ILE HD11 H N N 179 
ILE HD12 H N N 180 
ILE HD13 H N N 181 
ILE HXT  H N N 182 
LEU N    N N N 183 
LEU CA   C N S 184 
LEU C    C N N 185 
LEU O    O N N 186 
LEU CB   C N N 187 
LEU CG   C N N 188 
LEU CD1  C N N 189 
LEU CD2  C N N 190 
LEU OXT  O N N 191 
LEU H    H N N 192 
LEU H2   H N N 193 
LEU HA   H N N 194 
LEU HB2  H N N 195 
LEU HB3  H N N 196 
LEU HG   H N N 197 
LEU HD11 H N N 198 
LEU HD12 H N N 199 
LEU HD13 H N N 200 
LEU HD21 H N N 201 
LEU HD22 H N N 202 
LEU HD23 H N N 203 
LEU HXT  H N N 204 
LYS N    N N N 205 
LYS CA   C N S 206 
LYS C    C N N 207 
LYS O    O N N 208 
LYS CB   C N N 209 
LYS CG   C N N 210 
LYS CD   C N N 211 
LYS CE   C N N 212 
LYS NZ   N N N 213 
LYS OXT  O N N 214 
LYS H    H N N 215 
LYS H2   H N N 216 
LYS HA   H N N 217 
LYS HB2  H N N 218 
LYS HB3  H N N 219 
LYS HG2  H N N 220 
LYS HG3  H N N 221 
LYS HD2  H N N 222 
LYS HD3  H N N 223 
LYS HE2  H N N 224 
LYS HE3  H N N 225 
LYS HZ1  H N N 226 
LYS HZ2  H N N 227 
LYS HZ3  H N N 228 
LYS HXT  H N N 229 
MET N    N N N 230 
MET CA   C N S 231 
MET C    C N N 232 
MET O    O N N 233 
MET CB   C N N 234 
MET CG   C N N 235 
MET SD   S N N 236 
MET CE   C N N 237 
MET OXT  O N N 238 
MET H    H N N 239 
MET H2   H N N 240 
MET HA   H N N 241 
MET HB2  H N N 242 
MET HB3  H N N 243 
MET HG2  H N N 244 
MET HG3  H N N 245 
MET HE1  H N N 246 
MET HE2  H N N 247 
MET HE3  H N N 248 
MET HXT  H N N 249 
PHE N    N N N 250 
PHE CA   C N S 251 
PHE C    C N N 252 
PHE O    O N N 253 
PHE CB   C N N 254 
PHE CG   C Y N 255 
PHE CD1  C Y N 256 
PHE CD2  C Y N 257 
PHE CE1  C Y N 258 
PHE CE2  C Y N 259 
PHE CZ   C Y N 260 
PHE OXT  O N N 261 
PHE H    H N N 262 
PHE H2   H N N 263 
PHE HA   H N N 264 
PHE HB2  H N N 265 
PHE HB3  H N N 266 
PHE HD1  H N N 267 
PHE HD2  H N N 268 
PHE HE1  H N N 269 
PHE HE2  H N N 270 
PHE HZ   H N N 271 
PHE HXT  H N N 272 
PRO N    N N N 273 
PRO CA   C N S 274 
PRO C    C N N 275 
PRO O    O N N 276 
PRO CB   C N N 277 
PRO CG   C N N 278 
PRO CD   C N N 279 
PRO OXT  O N N 280 
PRO H    H N N 281 
PRO HA   H N N 282 
PRO HB2  H N N 283 
PRO HB3  H N N 284 
PRO HG2  H N N 285 
PRO HG3  H N N 286 
PRO HD2  H N N 287 
PRO HD3  H N N 288 
PRO HXT  H N N 289 
SER N    N N N 290 
SER CA   C N S 291 
SER C    C N N 292 
SER O    O N N 293 
SER CB   C N N 294 
SER OG   O N N 295 
SER OXT  O N N 296 
SER H    H N N 297 
SER H2   H N N 298 
SER HA   H N N 299 
SER HB2  H N N 300 
SER HB3  H N N 301 
SER HG   H N N 302 
SER HXT  H N N 303 
THR N    N N N 304 
THR CA   C N S 305 
THR C    C N N 306 
THR O    O N N 307 
THR CB   C N R 308 
THR OG1  O N N 309 
THR CG2  C N N 310 
THR OXT  O N N 311 
THR H    H N N 312 
THR H2   H N N 313 
THR HA   H N N 314 
THR HB   H N N 315 
THR HG1  H N N 316 
THR HG21 H N N 317 
THR HG22 H N N 318 
THR HG23 H N N 319 
THR HXT  H N N 320 
TYR N    N N N 321 
TYR CA   C N S 322 
TYR C    C N N 323 
TYR O    O N N 324 
TYR CB   C N N 325 
TYR CG   C Y N 326 
TYR CD1  C Y N 327 
TYR CD2  C Y N 328 
TYR CE1  C Y N 329 
TYR CE2  C Y N 330 
TYR CZ   C Y N 331 
TYR OH   O N N 332 
TYR OXT  O N N 333 
TYR H    H N N 334 
TYR H2   H N N 335 
TYR HA   H N N 336 
TYR HB2  H N N 337 
TYR HB3  H N N 338 
TYR HD1  H N N 339 
TYR HD2  H N N 340 
TYR HE1  H N N 341 
TYR HE2  H N N 342 
TYR HH   H N N 343 
TYR HXT  H N N 344 
VAL N    N N N 345 
VAL CA   C N S 346 
VAL C    C N N 347 
VAL O    O N N 348 
VAL CB   C N N 349 
VAL CG1  C N N 350 
VAL CG2  C N N 351 
VAL OXT  O N N 352 
VAL H    H N N 353 
VAL H2   H N N 354 
VAL HA   H N N 355 
VAL HB   H N N 356 
VAL HG11 H N N 357 
VAL HG12 H N N 358 
VAL HG13 H N N 359 
VAL HG21 H N N 360 
VAL HG22 H N N 361 
VAL HG23 H N N 362 
VAL HXT  H N N 363 
# 
loop_
_chem_comp_bond.comp_id 
_chem_comp_bond.atom_id_1 
_chem_comp_bond.atom_id_2 
_chem_comp_bond.value_order 
_chem_comp_bond.pdbx_aromatic_flag 
_chem_comp_bond.pdbx_stereo_config 
_chem_comp_bond.pdbx_ordinal 
ALA N   CA   sing N N 1   
ALA N   H    sing N N 2   
ALA N   H2   sing N N 3   
ALA CA  C    sing N N 4   
ALA CA  CB   sing N N 5   
ALA CA  HA   sing N N 6   
ALA C   O    doub N N 7   
ALA C   OXT  sing N N 8   
ALA CB  HB1  sing N N 9   
ALA CB  HB2  sing N N 10  
ALA CB  HB3  sing N N 11  
ALA OXT HXT  sing N N 12  
ARG N   CA   sing N N 13  
ARG N   H    sing N N 14  
ARG N   H2   sing N N 15  
ARG CA  C    sing N N 16  
ARG CA  CB   sing N N 17  
ARG CA  HA   sing N N 18  
ARG C   O    doub N N 19  
ARG C   OXT  sing N N 20  
ARG CB  CG   sing N N 21  
ARG CB  HB2  sing N N 22  
ARG CB  HB3  sing N N 23  
ARG CG  CD   sing N N 24  
ARG CG  HG2  sing N N 25  
ARG CG  HG3  sing N N 26  
ARG CD  NE   sing N N 27  
ARG CD  HD2  sing N N 28  
ARG CD  HD3  sing N N 29  
ARG NE  CZ   sing N N 30  
ARG NE  HE   sing N N 31  
ARG CZ  NH1  sing N N 32  
ARG CZ  NH2  doub N N 33  
ARG NH1 HH11 sing N N 34  
ARG NH1 HH12 sing N N 35  
ARG NH2 HH21 sing N N 36  
ARG NH2 HH22 sing N N 37  
ARG OXT HXT  sing N N 38  
ASN N   CA   sing N N 39  
ASN N   H    sing N N 40  
ASN N   H2   sing N N 41  
ASN CA  C    sing N N 42  
ASN CA  CB   sing N N 43  
ASN CA  HA   sing N N 44  
ASN C   O    doub N N 45  
ASN C   OXT  sing N N 46  
ASN CB  CG   sing N N 47  
ASN CB  HB2  sing N N 48  
ASN CB  HB3  sing N N 49  
ASN CG  OD1  doub N N 50  
ASN CG  ND2  sing N N 51  
ASN ND2 HD21 sing N N 52  
ASN ND2 HD22 sing N N 53  
ASN OXT HXT  sing N N 54  
ASP N   CA   sing N N 55  
ASP N   H    sing N N 56  
ASP N   H2   sing N N 57  
ASP CA  C    sing N N 58  
ASP CA  CB   sing N N 59  
ASP CA  HA   sing N N 60  
ASP C   O    doub N N 61  
ASP C   OXT  sing N N 62  
ASP CB  CG   sing N N 63  
ASP CB  HB2  sing N N 64  
ASP CB  HB3  sing N N 65  
ASP CG  OD1  doub N N 66  
ASP CG  OD2  sing N N 67  
ASP OD2 HD2  sing N N 68  
ASP OXT HXT  sing N N 69  
CYS N   CA   sing N N 70  
CYS N   H    sing N N 71  
CYS N   H2   sing N N 72  
CYS CA  C    sing N N 73  
CYS CA  CB   sing N N 74  
CYS CA  HA   sing N N 75  
CYS C   O    doub N N 76  
CYS C   OXT  sing N N 77  
CYS CB  SG   sing N N 78  
CYS CB  HB2  sing N N 79  
CYS CB  HB3  sing N N 80  
CYS SG  HG   sing N N 81  
CYS OXT HXT  sing N N 82  
GLN N   CA   sing N N 83  
GLN N   H    sing N N 84  
GLN N   H2   sing N N 85  
GLN CA  C    sing N N 86  
GLN CA  CB   sing N N 87  
GLN CA  HA   sing N N 88  
GLN C   O    doub N N 89  
GLN C   OXT  sing N N 90  
GLN CB  CG   sing N N 91  
GLN CB  HB2  sing N N 92  
GLN CB  HB3  sing N N 93  
GLN CG  CD   sing N N 94  
GLN CG  HG2  sing N N 95  
GLN CG  HG3  sing N N 96  
GLN CD  OE1  doub N N 97  
GLN CD  NE2  sing N N 98  
GLN NE2 HE21 sing N N 99  
GLN NE2 HE22 sing N N 100 
GLN OXT HXT  sing N N 101 
GLU N   CA   sing N N 102 
GLU N   H    sing N N 103 
GLU N   H2   sing N N 104 
GLU CA  C    sing N N 105 
GLU CA  CB   sing N N 106 
GLU CA  HA   sing N N 107 
GLU C   O    doub N N 108 
GLU C   OXT  sing N N 109 
GLU CB  CG   sing N N 110 
GLU CB  HB2  sing N N 111 
GLU CB  HB3  sing N N 112 
GLU CG  CD   sing N N 113 
GLU CG  HG2  sing N N 114 
GLU CG  HG3  sing N N 115 
GLU CD  OE1  doub N N 116 
GLU CD  OE2  sing N N 117 
GLU OE2 HE2  sing N N 118 
GLU OXT HXT  sing N N 119 
GLY N   CA   sing N N 120 
GLY N   H    sing N N 121 
GLY N   H2   sing N N 122 
GLY CA  C    sing N N 123 
GLY CA  HA2  sing N N 124 
GLY CA  HA3  sing N N 125 
GLY C   O    doub N N 126 
GLY C   OXT  sing N N 127 
GLY OXT HXT  sing N N 128 
HIS N   CA   sing N N 129 
HIS N   H    sing N N 130 
HIS N   H2   sing N N 131 
HIS CA  C    sing N N 132 
HIS CA  CB   sing N N 133 
HIS CA  HA   sing N N 134 
HIS C   O    doub N N 135 
HIS C   OXT  sing N N 136 
HIS CB  CG   sing N N 137 
HIS CB  HB2  sing N N 138 
HIS CB  HB3  sing N N 139 
HIS CG  ND1  sing Y N 140 
HIS CG  CD2  doub Y N 141 
HIS ND1 CE1  doub Y N 142 
HIS ND1 HD1  sing N N 143 
HIS CD2 NE2  sing Y N 144 
HIS CD2 HD2  sing N N 145 
HIS CE1 NE2  sing Y N 146 
HIS CE1 HE1  sing N N 147 
HIS NE2 HE2  sing N N 148 
HIS OXT HXT  sing N N 149 
HOH O   H1   sing N N 150 
HOH O   H2   sing N N 151 
ILE N   CA   sing N N 152 
ILE N   H    sing N N 153 
ILE N   H2   sing N N 154 
ILE CA  C    sing N N 155 
ILE CA  CB   sing N N 156 
ILE CA  HA   sing N N 157 
ILE C   O    doub N N 158 
ILE C   OXT  sing N N 159 
ILE CB  CG1  sing N N 160 
ILE CB  CG2  sing N N 161 
ILE CB  HB   sing N N 162 
ILE CG1 CD1  sing N N 163 
ILE CG1 HG12 sing N N 164 
ILE CG1 HG13 sing N N 165 
ILE CG2 HG21 sing N N 166 
ILE CG2 HG22 sing N N 167 
ILE CG2 HG23 sing N N 168 
ILE CD1 HD11 sing N N 169 
ILE CD1 HD12 sing N N 170 
ILE CD1 HD13 sing N N 171 
ILE OXT HXT  sing N N 172 
LEU N   CA   sing N N 173 
LEU N   H    sing N N 174 
LEU N   H2   sing N N 175 
LEU CA  C    sing N N 176 
LEU CA  CB   sing N N 177 
LEU CA  HA   sing N N 178 
LEU C   O    doub N N 179 
LEU C   OXT  sing N N 180 
LEU CB  CG   sing N N 181 
LEU CB  HB2  sing N N 182 
LEU CB  HB3  sing N N 183 
LEU CG  CD1  sing N N 184 
LEU CG  CD2  sing N N 185 
LEU CG  HG   sing N N 186 
LEU CD1 HD11 sing N N 187 
LEU CD1 HD12 sing N N 188 
LEU CD1 HD13 sing N N 189 
LEU CD2 HD21 sing N N 190 
LEU CD2 HD22 sing N N 191 
LEU CD2 HD23 sing N N 192 
LEU OXT HXT  sing N N 193 
LYS N   CA   sing N N 194 
LYS N   H    sing N N 195 
LYS N   H2   sing N N 196 
LYS CA  C    sing N N 197 
LYS CA  CB   sing N N 198 
LYS CA  HA   sing N N 199 
LYS C   O    doub N N 200 
LYS C   OXT  sing N N 201 
LYS CB  CG   sing N N 202 
LYS CB  HB2  sing N N 203 
LYS CB  HB3  sing N N 204 
LYS CG  CD   sing N N 205 
LYS CG  HG2  sing N N 206 
LYS CG  HG3  sing N N 207 
LYS CD  CE   sing N N 208 
LYS CD  HD2  sing N N 209 
LYS CD  HD3  sing N N 210 
LYS CE  NZ   sing N N 211 
LYS CE  HE2  sing N N 212 
LYS CE  HE3  sing N N 213 
LYS NZ  HZ1  sing N N 214 
LYS NZ  HZ2  sing N N 215 
LYS NZ  HZ3  sing N N 216 
LYS OXT HXT  sing N N 217 
MET N   CA   sing N N 218 
MET N   H    sing N N 219 
MET N   H2   sing N N 220 
MET CA  C    sing N N 221 
MET CA  CB   sing N N 222 
MET CA  HA   sing N N 223 
MET C   O    doub N N 224 
MET C   OXT  sing N N 225 
MET CB  CG   sing N N 226 
MET CB  HB2  sing N N 227 
MET CB  HB3  sing N N 228 
MET CG  SD   sing N N 229 
MET CG  HG2  sing N N 230 
MET CG  HG3  sing N N 231 
MET SD  CE   sing N N 232 
MET CE  HE1  sing N N 233 
MET CE  HE2  sing N N 234 
MET CE  HE3  sing N N 235 
MET OXT HXT  sing N N 236 
PHE N   CA   sing N N 237 
PHE N   H    sing N N 238 
PHE N   H2   sing N N 239 
PHE CA  C    sing N N 240 
PHE CA  CB   sing N N 241 
PHE CA  HA   sing N N 242 
PHE C   O    doub N N 243 
PHE C   OXT  sing N N 244 
PHE CB  CG   sing N N 245 
PHE CB  HB2  sing N N 246 
PHE CB  HB3  sing N N 247 
PHE CG  CD1  doub Y N 248 
PHE CG  CD2  sing Y N 249 
PHE CD1 CE1  sing Y N 250 
PHE CD1 HD1  sing N N 251 
PHE CD2 CE2  doub Y N 252 
PHE CD2 HD2  sing N N 253 
PHE CE1 CZ   doub Y N 254 
PHE CE1 HE1  sing N N 255 
PHE CE2 CZ   sing Y N 256 
PHE CE2 HE2  sing N N 257 
PHE CZ  HZ   sing N N 258 
PHE OXT HXT  sing N N 259 
PRO N   CA   sing N N 260 
PRO N   CD   sing N N 261 
PRO N   H    sing N N 262 
PRO CA  C    sing N N 263 
PRO CA  CB   sing N N 264 
PRO CA  HA   sing N N 265 
PRO C   O    doub N N 266 
PRO C   OXT  sing N N 267 
PRO CB  CG   sing N N 268 
PRO CB  HB2  sing N N 269 
PRO CB  HB3  sing N N 270 
PRO CG  CD   sing N N 271 
PRO CG  HG2  sing N N 272 
PRO CG  HG3  sing N N 273 
PRO CD  HD2  sing N N 274 
PRO CD  HD3  sing N N 275 
PRO OXT HXT  sing N N 276 
SER N   CA   sing N N 277 
SER N   H    sing N N 278 
SER N   H2   sing N N 279 
SER CA  C    sing N N 280 
SER CA  CB   sing N N 281 
SER CA  HA   sing N N 282 
SER C   O    doub N N 283 
SER C   OXT  sing N N 284 
SER CB  OG   sing N N 285 
SER CB  HB2  sing N N 286 
SER CB  HB3  sing N N 287 
SER OG  HG   sing N N 288 
SER OXT HXT  sing N N 289 
THR N   CA   sing N N 290 
THR N   H    sing N N 291 
THR N   H2   sing N N 292 
THR CA  C    sing N N 293 
THR CA  CB   sing N N 294 
THR CA  HA   sing N N 295 
THR C   O    doub N N 296 
THR C   OXT  sing N N 297 
THR CB  OG1  sing N N 298 
THR CB  CG2  sing N N 299 
THR CB  HB   sing N N 300 
THR OG1 HG1  sing N N 301 
THR CG2 HG21 sing N N 302 
THR CG2 HG22 sing N N 303 
THR CG2 HG23 sing N N 304 
THR OXT HXT  sing N N 305 
TYR N   CA   sing N N 306 
TYR N   H    sing N N 307 
TYR N   H2   sing N N 308 
TYR CA  C    sing N N 309 
TYR CA  CB   sing N N 310 
TYR CA  HA   sing N N 311 
TYR C   O    doub N N 312 
TYR C   OXT  sing N N 313 
TYR CB  CG   sing N N 314 
TYR CB  HB2  sing N N 315 
TYR CB  HB3  sing N N 316 
TYR CG  CD1  doub Y N 317 
TYR CG  CD2  sing Y N 318 
TYR CD1 CE1  sing Y N 319 
TYR CD1 HD1  sing N N 320 
TYR CD2 CE2  doub Y N 321 
TYR CD2 HD2  sing N N 322 
TYR CE1 CZ   doub Y N 323 
TYR CE1 HE1  sing N N 324 
TYR CE2 CZ   sing Y N 325 
TYR CE2 HE2  sing N N 326 
TYR CZ  OH   sing N N 327 
TYR OH  HH   sing N N 328 
TYR OXT HXT  sing N N 329 
VAL N   CA   sing N N 330 
VAL N   H    sing N N 331 
VAL N   H2   sing N N 332 
VAL CA  C    sing N N 333 
VAL CA  CB   sing N N 334 
VAL CA  HA   sing N N 335 
VAL C   O    doub N N 336 
VAL C   OXT  sing N N 337 
VAL CB  CG1  sing N N 338 
VAL CB  CG2  sing N N 339 
VAL CB  HB   sing N N 340 
VAL CG1 HG11 sing N N 341 
VAL CG1 HG12 sing N N 342 
VAL CG1 HG13 sing N N 343 
VAL CG2 HG21 sing N N 344 
VAL CG2 HG22 sing N N 345 
VAL CG2 HG23 sing N N 346 
VAL OXT HXT  sing N N 347 
# 
_pdbx_initial_refinement_model.id               1 
_pdbx_initial_refinement_model.entity_id_list   ? 
_pdbx_initial_refinement_model.type             'experimental model' 
_pdbx_initial_refinement_model.source_name      PDB 
_pdbx_initial_refinement_model.accession_code   7RSA 
_pdbx_initial_refinement_model.details          'PDB ENTRY 7RSA' 
# 
_atom_sites.entry_id                    1E21 
_atom_sites.fract_transf_matrix[1][1]   -0.00961951 
_atom_sites.fract_transf_matrix[1][2]   0.02902172 
_atom_sites.fract_transf_matrix[1][3]   -0.00094437 
_atom_sites.fract_transf_matrix[2][1]   -0.02082248 
_atom_sites.fract_transf_matrix[2][2]   -0.00715961 
_atom_sites.fract_transf_matrix[2][3]   -0.00792282 
_atom_sites.fract_transf_matrix[3][1]   -0.00413862 
_atom_sites.fract_transf_matrix[3][2]   -0.00098877 
_atom_sites.fract_transf_matrix[3][3]   0.01177049 
_atom_sites.fract_transf_vector[1]      0.257471 
_atom_sites.fract_transf_vector[2]      0.314024 
_atom_sites.fract_transf_vector[3]      0.140410 
# 
loop_
_atom_type.symbol 
C 
N 
O 
S 
# 
loop_
_atom_site.group_PDB 
_atom_site.id 
_atom_site.type_symbol 
_atom_site.label_atom_id 
_atom_site.label_alt_id 
_atom_site.label_comp_id 
_atom_site.label_asym_id 
_atom_site.label_entity_id 
_atom_site.label_seq_id 
_atom_site.pdbx_PDB_ins_code 
_atom_site.Cartn_x 
_atom_site.Cartn_y 
_atom_site.Cartn_z 
_atom_site.occupancy 
_atom_site.B_iso_or_equiv 
_atom_site.pdbx_formal_charge 
_atom_site.auth_seq_id 
_atom_site.auth_comp_id 
_atom_site.auth_asym_id 
_atom_site.auth_atom_id 
_atom_site.pdbx_PDB_model_num 
ATOM   1    N N   . ALA A 1 7   ? -9.134  7.310   2.829   1.00   23.13 ? 7    ALA A N   1 
ATOM   2    C CA  . ALA A 1 7   ? -8.896  6.195   1.869   1.00   19.21 ? 7    ALA A CA  1 
ATOM   3    C C   . ALA A 1 7   ? -7.568  5.473   2.114   1.00   15.47 ? 7    ALA A C   1 
ATOM   4    O O   . ALA A 1 7   ? -7.432  4.302   1.783   1.00   12.49 ? 7    ALA A O   1 
ATOM   5    C CB  . ALA A 1 7   ? -8.939  6.725   0.442   1.00   21.28 ? 7    ALA A CB  1 
ATOM   6    N N   . PHE A 1 8   ? -6.588  6.164   2.688   1.00   13.10 ? 8    PHE A N   1 
ATOM   7    C CA  . PHE A 1 8   ? -5.293  5.536   2.944   1.00   12.46 ? 8    PHE A CA  1 
ATOM   8    C C   . PHE A 1 8   ? -5.419  4.288   3.825   1.00   11.08 ? 8    PHE A C   1 
ATOM   9    O O   . PHE A 1 8   ? -4.872  3.242   3.504   1.00   12.26 ? 8    PHE A O   1 
ATOM   10   C CB  . PHE A 1 8   ? -4.327  6.521   3.612   1.00   12.26 ? 8    PHE A CB  1 
ATOM   11   C CG  . PHE A 1 8   ? -2.920  6.002   3.716   1.00   14.23 ? 8    PHE A CG  1 
ATOM   12   C CD1 . PHE A 1 8   ? -2.030  6.145   2.653   1.00   10.12 ? 8    PHE A CD1 1 
ATOM   13   C CD2 . PHE A 1 8   ? -2.503  5.311   4.851   1.00   11.71 ? 8    PHE A CD2 1 
ATOM   14   C CE1 . PHE A 1 8   ? -0.743  5.608   2.725   1.00   11.03 ? 8    PHE A CE1 1 
ATOM   15   C CE2 . PHE A 1 8   ? -1.221  4.771   4.930   1.00   12.55 ? 8    PHE A CE2 1 
ATOM   16   C CZ  . PHE A 1 8   ? -0.340  4.920   3.863   1.00   10.74 ? 8    PHE A CZ  1 
ATOM   17   N N   . GLN A 1 9   ? -6.144  4.401   4.935   1.00   9.84  ? 9    GLN A N   1 
ATOM   18   C CA  . GLN A 1 9   ? -6.315  3.273   5.846   1.00   9.81  ? 9    GLN A CA  1 
ATOM   19   C C   . GLN A 1 9   ? -6.942  2.082   5.133   1.00   11.14 ? 9    GLN A C   1 
ATOM   20   O O   . GLN A 1 9   ? -6.463  0.954   5.255   1.00   10.90 ? 9    GLN A O   1 
ATOM   21   C CB  . GLN A 1 9   ? -7.204  3.675   7.028   1.00   9.04  ? 9    GLN A CB  1 
ATOM   22   C CG  . GLN A 1 9   ? -7.258  2.661   8.164   1.00   18.50 ? 9    GLN A CG  1 
ATOM   23   C CD  . GLN A 1 9   ? -6.010  2.686   9.036   1.00   20.16 ? 9    GLN A CD  1 
ATOM   24   O OE1 . GLN A 1 9   ? -5.463  3.754   9.313   1.00   24.45 ? 9    GLN A OE1 1 
ATOM   25   N NE2 . GLN A 1 9   ? -5.565  1.510   9.486   1.00   16.85 ? 9    GLN A NE2 1 
ATOM   26   N N   . ARG A 1 10  ? -8.017  2.339   4.393   1.00   11.24 ? 10   ARG A N   1 
ATOM   27   C CA  . ARG A 1 10  ? -8.723  1.286   3.665   1.00   10.33 ? 10   ARG A CA  1 
ATOM   28   C C   . ARG A 1 10  ? -7.907  0.668   2.536   1.00   12.70 ? 10   ARG A C   1 
ATOM   29   O O   . ARG A 1 10  ? -7.865  -0.554  2.388   1.00   15.20 ? 10   ARG A O   1 
ATOM   30   C CB  . ARG A 1 10  ? -10.035 1.828   3.091   1.00   10.92 ? 10   ARG A CB  1 
ATOM   31   C CG  . ARG A 1 10  ? -10.789 0.838   2.210   1.00   12.36 ? 10   ARG A CG  1 
ATOM   32   C CD  . ARG A 1 10  ? -12.149 1.384   1.798   1.00   15.87 ? 10   ARG A CD  1 
ATOM   33   N NE  . ARG A 1 10  ? -12.041 2.620   1.028   1.00   19.12 ? 10   ARG A NE  1 
ATOM   34   C CZ  . ARG A 1 10  ? -11.674 2.688   -0.246  1.00   22.53 ? 10   ARG A CZ  1 
ATOM   35   N NH1 . ARG A 1 10  ? -11.374 1.583   -0.918  1.00   21.62 ? 10   ARG A NH1 1 
ATOM   36   N NH2 . ARG A 1 10  ? -11.612 3.868   -0.852  1.00   27.70 ? 10   ARG A NH2 1 
ATOM   37   N N   . GLN A 1 11  ? -7.259  1.507   1.736   1.00   12.29 ? 11   GLN A N   1 
ATOM   38   C CA  . GLN A 1 11  ? -6.482  1.005   0.607   1.00   12.50 ? 11   GLN A CA  1 
ATOM   39   C C   . GLN A 1 11  ? -5.101  0.447   0.934   1.00   11.83 ? 11   GLN A C   1 
ATOM   40   O O   . GLN A 1 11  ? -4.644  -0.475  0.268   1.00   11.41 ? 11   GLN A O   1 
ATOM   41   C CB  . GLN A 1 11  ? -6.313  2.098   -0.458  1.00   14.83 ? 11   GLN A CB  1 
ATOM   42   C CG  . GLN A 1 11  ? -7.609  2.659   -1.016  1.00   23.59 ? 11   GLN A CG  1 
ATOM   43   C CD  . GLN A 1 11  ? -7.382  3.684   -2.122  1.00   26.38 ? 11   GLN A CD  1 
ATOM   44   O OE1 . GLN A 1 11  ? -8.319  4.347   -2.566  1.00   28.31 ? 11   GLN A OE1 1 
ATOM   45   N NE2 . GLN A 1 11  ? -6.136  3.811   -2.573  1.00   28.17 ? 11   GLN A NE2 1 
ATOM   46   N N   . HIS A 1 12  ? -4.441  0.979   1.960   1.00   10.59 ? 12   HIS A N   1 
ATOM   47   C CA  . HIS A 1 12  ? -3.084  0.548   2.249   1.00   10.00 ? 12   HIS A CA  1 
ATOM   48   C C   . HIS A 1 12  ? -2.698  -0.002  3.615   1.00   11.68 ? 12   HIS A C   1 
ATOM   49   O O   . HIS A 1 12  ? -1.612  -0.552  3.750   1.00   15.93 ? 12   HIS A O   1 
ATOM   50   C CB  . HIS A 1 12  ? -2.133  1.695   1.898   1.00   10.94 ? 12   HIS A CB  1 
ATOM   51   C CG  . HIS A 1 12  ? -2.350  2.258   0.528   1.00   7.68  ? 12   HIS A CG  1 
ATOM   52   N ND1 . HIS A 1 12  ? -2.078  1.549   -0.624  1.00   11.17 ? 12   HIS A ND1 1 
ATOM   53   C CD2 . HIS A 1 12  ? -2.832  3.457   0.122   1.00   7.16  ? 12   HIS A CD2 1 
ATOM   54   C CE1 . HIS A 1 12  ? -2.381  2.286   -1.676  1.00   10.01 ? 12   HIS A CE1 1 
ATOM   55   N NE2 . HIS A 1 12  ? -2.842  3.451   -1.251  1.00   9.60  ? 12   HIS A NE2 1 
ATOM   56   N N   . MET A 1 13  ? -3.550  0.130   4.627   1.00   12.39 ? 13   MET A N   1 
ATOM   57   C CA  . MET A 1 13  ? -3.171  -0.372  5.947   1.00   10.53 ? 13   MET A CA  1 
ATOM   58   C C   . MET A 1 13  ? -3.756  -1.724  6.336   1.00   11.34 ? 13   MET A C   1 
ATOM   59   O O   . MET A 1 13  ? -4.957  -1.955  6.207   1.00   12.03 ? 13   MET A O   1 
ATOM   60   C CB  . MET A 1 13  ? -3.538  0.650   7.031   1.00   10.23 ? 13   MET A CB  1 
ATOM   61   C CG  . MET A 1 13  ? -2.754  1.962   6.983   1.00   11.52 ? 13   MET A CG  1 
ATOM   62   S SD  . MET A 1 13  ? -0.987  1.756   7.307   1.00   14.86 ? 13   MET A SD  1 
ATOM   63   C CE  . MET A 1 13  ? -1.006  1.320   9.070   1.00   15.56 ? 13   MET A CE  1 
ATOM   64   N N   . ASP A 1 14  ? -2.884  -2.609  6.815   1.00   12.27 ? 14   ASP A N   1 
ATOM   65   C CA  . ASP A 1 14  ? -3.276  -3.932  7.299   1.00   13.26 ? 14   ASP A CA  1 
ATOM   66   C C   . ASP A 1 14  ? -2.179  -4.374  8.270   1.00   14.85 ? 14   ASP A C   1 
ATOM   67   O O   . ASP A 1 14  ? -1.450  -5.341  8.039   1.00   13.29 ? 14   ASP A O   1 
ATOM   68   C CB  . ASP A 1 14  ? -3.424  -4.935  6.152   1.00   15.28 ? 14   ASP A CB  1 
ATOM   69   C CG  . ASP A 1 14  ? -4.057  -6.240  6.611   1.00   17.66 ? 14   ASP A CG  1 
ATOM   70   O OD1 . ASP A 1 14  ? -4.681  -6.242  7.692   1.00   16.23 ? 14   ASP A OD1 1 
ATOM   71   O OD2 . ASP A 1 14  ? -3.947  -7.258  5.902   1.00   17.83 ? 14   ASP A OD2 1 
ATOM   72   N N   . SER A 1 15  ? -2.085  -3.629  9.366   1.00   12.98 ? 15   SER A N   1 
ATOM   73   C CA  . SER A 1 15  ? -1.088  -3.831  10.409  1.00   17.30 ? 15   SER A CA  1 
ATOM   74   C C   . SER A 1 15  ? -0.883  -5.238  10.970  1.00   19.00 ? 15   SER A C   1 
ATOM   75   O O   . SER A 1 15  ? 0.255   -5.639  11.224  1.00   21.47 ? 15   SER A O   1 
ATOM   76   C CB  . SER A 1 15  ? -1.382  -2.882  11.578  1.00   15.12 ? 15   SER A CB  1 
ATOM   77   O OG  . SER A 1 15  ? -1.488  -1.542  11.132  1.00   12.08 ? 15   SER A OG  1 
ATOM   78   N N   . ASP A 1 16  ? -1.962  -5.987  11.165  1.00   20.29 ? 16   ASP A N   1 
ATOM   79   C CA  . ASP A 1 16  ? -1.841  -7.313  11.757  1.00   23.42 ? 16   ASP A CA  1 
ATOM   80   C C   . ASP A 1 16  ? -1.684  -8.515  10.833  1.00   24.08 ? 16   ASP A C   1 
ATOM   81   O O   . ASP A 1 16  ? -1.814  -9.659  11.276  1.00   25.00 ? 16   ASP A O   1 
ATOM   82   C CB  . ASP A 1 16  ? -3.013  -7.541  12.714  1.00   25.71 ? 16   ASP A CB  1 
ATOM   83   C CG  . ASP A 1 16  ? -3.084  -6.483  13.796  1.00   27.36 ? 16   ASP A CG  1 
ATOM   84   O OD1 . ASP A 1 16  ? -2.042  -6.228  14.439  1.00   29.01 ? 16   ASP A OD1 1 
ATOM   85   O OD2 . ASP A 1 16  ? -4.175  -5.910  14.004  0.0000 27.97 ? 16   ASP A OD2 1 
ATOM   86   N N   . SER A 1 17  ? -1.396  -8.268  9.560   1.00   20.47 ? 17   SER A N   1 
ATOM   87   C CA  . SER A 1 17  ? -1.206  -9.362  8.615   1.00   20.03 ? 17   SER A CA  1 
ATOM   88   C C   . SER A 1 17  ? 0.254   -9.481  8.191   1.00   20.55 ? 17   SER A C   1 
ATOM   89   O O   . SER A 1 17  ? 1.031   -8.532  8.303   1.00   18.00 ? 17   SER A O   1 
ATOM   90   C CB  . SER A 1 17  ? -2.078  -9.170  7.372   1.00   20.54 ? 17   SER A CB  1 
ATOM   91   O OG  . SER A 1 17  ? -3.435  -9.463  7.650   1.00   21.36 ? 17   SER A OG  1 
ATOM   92   N N   . SER A 1 18  ? 0.618   -10.664 7.712   1.00   20.36 ? 18   SER A N   1 
ATOM   93   C CA  . SER A 1 18  ? 1.968   -10.930 7.252   1.00   24.49 ? 18   SER A CA  1 
ATOM   94   C C   . SER A 1 18  ? 1.851   -12.129 6.312   1.00   23.32 ? 18   SER A C   1 
ATOM   95   O O   . SER A 1 18  ? 2.276   -13.235 6.638   1.00   22.64 ? 18   SER A O   1 
ATOM   96   C CB  . SER A 1 18  ? 2.876   -11.257 8.442   1.00   25.74 ? 18   SER A CB  1 
ATOM   97   O OG  . SER A 1 18  ? 4.234   -11.125 8.085   1.00   29.58 ? 18   SER A OG  1 
ATOM   98   N N   . PRO A 1 19  ? 1.260   -11.917 5.121   1.00   21.55 ? 19   PRO A N   1 
ATOM   99   C CA  . PRO A 1 19  ? 1.069   -12.973 4.118   1.00   21.27 ? 19   PRO A CA  1 
ATOM   100  C C   . PRO A 1 19  ? 2.355   -13.450 3.463   1.00   20.22 ? 19   PRO A C   1 
ATOM   101  O O   . PRO A 1 19  ? 3.388   -12.790 3.540   1.00   23.22 ? 19   PRO A O   1 
ATOM   102  C CB  . PRO A 1 19  ? 0.115   -12.324 3.122   1.00   18.65 ? 19   PRO A CB  1 
ATOM   103  C CG  . PRO A 1 19  ? 0.589   -10.901 3.130   1.00   19.97 ? 19   PRO A CG  1 
ATOM   104  C CD  . PRO A 1 19  ? 0.795   -10.617 4.606   1.00   19.04 ? 19   PRO A CD  1 
ATOM   105  N N   . SER A 1 20  ? 2.262   -14.594 2.797   1.00   18.69 ? 20   SER A N   1 
ATOM   106  C CA  . SER A 1 20  ? 3.398   -15.194 2.121   1.00   19.83 ? 20   SER A CA  1 
ATOM   107  C C   . SER A 1 20  ? 3.183   -15.198 0.608   1.00   17.84 ? 20   SER A C   1 
ATOM   108  O O   . SER A 1 20  ? 2.092   -14.894 0.134   1.00   17.48 ? 20   SER A O   1 
ATOM   109  C CB  . SER A 1 20  ? 3.604   -16.625 2.614   1.00   19.86 ? 20   SER A CB  1 
ATOM   110  O OG  . SER A 1 20  ? 2.411   -17.368 2.478   1.00   27.60 ? 20   SER A OG  1 
ATOM   111  N N   . SER A 1 21  ? 4.237   -15.532 -0.136  1.00   18.27 ? 21   SER A N   1 
ATOM   112  C CA  . SER A 1 21  ? 4.171   -15.565 -1.586  1.00   22.94 ? 21   SER A CA  1 
ATOM   113  C C   . SER A 1 21  ? 3.035   -16.435 -2.103  1.00   23.68 ? 21   SER A C   1 
ATOM   114  O O   . SER A 1 21  ? 2.906   -17.609 -1.769  1.00   22.62 ? 21   SER A O   1 
ATOM   115  C CB  . SER A 1 21  ? 5.514   -15.974 -2.188  1.00   24.17 ? 21   SER A CB  1 
ATOM   116  O OG  . SER A 1 21  ? 6.320   -14.822 -2.327  1.00   30.71 ? 21   SER A OG  1 
ATOM   117  N N   . SER A 1 22  ? 2.226   -15.746 -2.907  1.00   26.88 ? 22   SER A N   1 
ATOM   118  C CA  . SER A 1 22  ? 0.969   -16.051 -3.619  1.00   29.36 ? 22   SER A CA  1 
ATOM   119  C C   . SER A 1 22  ? 0.118   -17.114 -3.011  1.00   28.68 ? 22   SER A C   1 
ATOM   120  O O   . SER A 1 22  ? -0.046  -18.215 -3.603  1.00   30.08 ? 22   SER A O   1 
ATOM   121  C CB  . SER A 1 22  ? 1.152   -16.413 -5.038  1.00   28.93 ? 22   SER A CB  1 
ATOM   122  O OG  . SER A 1 22  ? 0.313   -15.530 -5.783  1.00   35.01 ? 22   SER A OG  1 
ATOM   123  N N   . SER A 1 23  ? -0.355  -16.682 -1.843  1.00   24.74 ? 23   SER A N   1 
ATOM   124  C CA  . SER A 1 23  ? -1.295  -17.325 -0.976  1.00   18.85 ? 23   SER A CA  1 
ATOM   125  C C   . SER A 1 23  ? -2.514  -16.631 -1.576  1.00   19.07 ? 23   SER A C   1 
ATOM   126  O O   . SER A 1 23  ? -2.427  -16.016 -2.647  1.00   20.00 ? 23   SER A O   1 
ATOM   127  C CB  . SER A 1 23  ? -1.085  -16.840 0.464   1.00   22.30 ? 23   SER A CB  1 
ATOM   128  O OG  . SER A 1 23  ? -0.959  -15.418 0.513   1.00   18.15 ? 23   SER A OG  1 
ATOM   129  N N   . THR A 1 24  ? -3.620  -16.670 -0.862  1.00   14.89 ? 24   THR A N   1 
ATOM   130  C CA  . THR A 1 24  ? -4.847  -16.058 -1.319  1.00   15.70 ? 24   THR A CA  1 
ATOM   131  C C   . THR A 1 24  ? -5.021  -14.636 -0.781  1.00   14.07 ? 24   THR A C   1 
ATOM   132  O O   . THR A 1 24  ? -6.007  -13.966 -1.104  1.00   13.13 ? 24   THR A O   1 
ATOM   133  C CB  . THR A 1 24  ? -6.029  -16.862 -0.813  1.00   12.94 ? 24   THR A CB  1 
ATOM   134  O OG1 . THR A 1 24  ? -5.908  -16.975 0.609   1.00   11.48 ? 24   THR A OG1 1 
ATOM   135  C CG2 . THR A 1 24  ? -6.039  -18.257 -1.403  1.00   19.14 ? 24   THR A CG2 1 
ATOM   136  N N   . TYR A 1 25  ? -4.058  -14.176 0.014   1.00   13.64 ? 25   TYR A N   1 
ATOM   137  C CA  . TYR A 1 25  ? -4.147  -12.859 0.634   1.00   11.37 ? 25   TYR A CA  1 
ATOM   138  C C   . TYR A 1 25  ? -4.690  -11.745 -0.243  1.00   13.02 ? 25   TYR A C   1 
ATOM   139  O O   . TYR A 1 25  ? -5.749  -11.190 0.041   1.00   13.51 ? 25   TYR A O   1 
ATOM   140  C CB  . TYR A 1 25  ? -2.791  -12.423 1.200   1.00   13.83 ? 25   TYR A CB  1 
ATOM   141  C CG  . TYR A 1 25  ? -2.836  -11.079 1.890   1.00   10.42 ? 25   TYR A CG  1 
ATOM   142  C CD1 . TYR A 1 25  ? -3.373  -10.948 3.170   1.00   15.39 ? 25   TYR A CD1 1 
ATOM   143  C CD2 . TYR A 1 25  ? -2.369  -9.931  1.252   1.00   11.68 ? 25   TYR A CD2 1 
ATOM   144  C CE1 . TYR A 1 25  ? -3.442  -9.679  3.807   1.00   13.72 ? 25   TYR A CE1 1 
ATOM   145  C CE2 . TYR A 1 25  ? -2.434  -8.676  1.869   1.00   12.42 ? 25   TYR A CE2 1 
ATOM   146  C CZ  . TYR A 1 25  ? -2.968  -8.557  3.141   1.00   14.78 ? 25   TYR A CZ  1 
ATOM   147  O OH  . TYR A 1 25  ? -3.028  -7.319  3.741   1.00   14.77 ? 25   TYR A OH  1 
ATOM   148  N N   . CYS A 1 26  ? -3.960  -11.403 -1.297  1.00   9.28  ? 26   CYS A N   1 
ATOM   149  C CA  . CYS A 1 26  ? -4.398  -10.331 -2.164  1.00   9.36  ? 26   CYS A CA  1 
ATOM   150  C C   . CYS A 1 26  ? -5.783  -10.545 -2.761  1.00   7.73  ? 26   CYS A C   1 
ATOM   151  O O   . CYS A 1 26  ? -6.551  -9.594  -2.872  1.00   9.27  ? 26   CYS A O   1 
ATOM   152  C CB  . CYS A 1 26  ? -3.370  -10.101 -3.263  1.00   10.56 ? 26   CYS A CB  1 
ATOM   153  S SG  . CYS A 1 26  ? -1.857  -9.260  -2.688  1.00   14.80 ? 26   CYS A SG  1 
ATOM   154  N N   . ASN A 1 27  ? -6.095  -11.775 -3.162  1.00   11.85 ? 27   ASN A N   1 
ATOM   155  C CA  . ASN A 1 27  ? -7.412  -12.071 -3.723  1.00   11.42 ? 27   ASN A CA  1 
ATOM   156  C C   . ASN A 1 27  ? -8.474  -11.650 -2.709  1.00   13.06 ? 27   ASN A C   1 
ATOM   157  O O   . ASN A 1 27  ? -9.457  -10.990 -3.046  1.00   13.88 ? 27   ASN A O   1 
ATOM   158  C CB  . ASN A 1 27  ? -7.561  -13.573 -3.996  1.00   12.75 ? 27   ASN A CB  1 
ATOM   159  C CG  . ASN A 1 27  ? -6.763  -14.038 -5.198  1.00   16.63 ? 27   ASN A CG  1 
ATOM   160  O OD1 . ASN A 1 27  ? -6.654  -15.238 -5.457  1.00   20.12 ? 27   ASN A OD1 1 
ATOM   161  N ND2 . ASN A 1 27  ? -6.206  -13.093 -5.943  1.00   16.68 ? 27   ASN A ND2 1 
ATOM   162  N N   . GLN A 1 28  ? -8.252  -12.031 -1.459  1.00   9.87  ? 28   GLN A N   1 
ATOM   163  C CA  . GLN A 1 28  ? -9.187  -11.719 -0.390  1.00   12.44 ? 28   GLN A CA  1 
ATOM   164  C C   . GLN A 1 28  ? -9.221  -10.237 -0.010  1.00   12.21 ? 28   GLN A C   1 
ATOM   165  O O   . GLN A 1 28  ? -10.292 -9.641  0.089   1.00   12.19 ? 28   GLN A O   1 
ATOM   166  C CB  . GLN A 1 28  ? -8.851  -12.548 0.853   1.00   13.06 ? 28   GLN A CB  1 
ATOM   167  C CG  . GLN A 1 28  ? -9.038  -14.049 0.683   1.00   17.92 ? 28   GLN A CG  1 
ATOM   168  C CD  . GLN A 1 28  ? -10.479 -14.423 0.397   1.00   21.29 ? 28   GLN A CD  1 
ATOM   169  O OE1 . GLN A 1 28  ? -10.855 -14.661 -0.751  1.00   22.72 ? 28   GLN A OE1 1 
ATOM   170  N NE2 . GLN A 1 28  ? -11.300 -14.462 1.444   1.00   23.58 ? 28   GLN A NE2 1 
ATOM   171  N N   . MET A 1 29  ? -8.046  -9.645  0.183   1.00   11.96 ? 29   MET A N   1 
ATOM   172  C CA  . MET A 1 29  ? -7.960  -8.254  0.607   1.00   12.24 ? 29   MET A CA  1 
ATOM   173  C C   . MET A 1 29  ? -8.368  -7.200  -0.409  1.00   11.46 ? 29   MET A C   1 
ATOM   174  O O   . MET A 1 29  ? -9.018  -6.224  -0.048  1.00   9.52  ? 29   MET A O   1 
ATOM   175  C CB  . MET A 1 29  ? -6.559  -7.956  1.127   1.00   13.50 ? 29   MET A CB  1 
ATOM   176  C CG  . MET A 1 29  ? -6.286  -8.560  2.497   1.00   19.74 ? 29   MET A CG  1 
ATOM   177  S SD  . MET A 1 29  ? -7.502  -8.036  3.741   1.00   25.64 ? 29   MET A SD  1 
ATOM   178  C CE  . MET A 1 29  ? -7.187  -6.333  3.777   1.00   12.38 ? 29   MET A CE  1 
ATOM   179  N N   . MET A 1 30  ? -7.997  -7.386  -1.672  1.00   10.87 ? 30   MET A N   1 
ATOM   180  C CA  . MET A 1 30  ? -8.373  -6.414  -2.693  1.00   10.33 ? 30   MET A CA  1 
ATOM   181  C C   . MET A 1 30  ? -9.897  -6.326  -2.758  1.00   12.96 ? 30   MET A C   1 
ATOM   182  O O   . MET A 1 30  ? -10.463 -5.243  -2.954  1.00   14.83 ? 30   MET A O   1 
ATOM   183  C CB  . MET A 1 30  ? -7.808  -6.815  -4.054  1.00   9.77  ? 30   MET A CB  1 
ATOM   184  C CG  . MET A 1 30  ? -6.296  -6.672  -4.153  1.00   9.74  ? 30   MET A CG  1 
ATOM   185  S SD  . MET A 1 30  ? -5.761  -4.957  -3.897  1.00   12.09 ? 30   MET A SD  1 
ATOM   186  C CE  . MET A 1 30  ? -5.925  -4.286  -5.570  1.00   13.76 ? 30   MET A CE  1 
ATOM   187  N N   . ARG A 1 31  ? -10.569 -7.460  -2.595  1.00   10.48 ? 31   ARG A N   1 
ATOM   188  C CA  . ARG A 1 31  ? -12.021 -7.440  -2.623  1.00   11.69 ? 31   ARG A CA  1 
ATOM   189  C C   . ARG A 1 31  ? -12.548 -6.838  -1.321  1.00   13.82 ? 31   ARG A C   1 
ATOM   190  O O   . ARG A 1 31  ? -13.431 -5.977  -1.333  1.00   12.33 ? 31   ARG A O   1 
ATOM   191  C CB  . ARG A 1 31  ? -12.610 -8.842  -2.790  1.00   11.85 ? 31   ARG A CB  1 
ATOM   192  C CG  . ARG A 1 31  ? -14.110 -8.833  -2.521  1.00   15.43 ? 31   ARG A CG  1 
ATOM   193  C CD  . ARG A 1 31  ? -14.879 -10.095 -2.911  1.00   17.45 ? 31   ARG A CD  1 
ATOM   194  N NE  A ARG A 1 31  ? -16.278 -9.681  -3.008  0.20   20.62 ? 31   ARG A NE  1 
ATOM   195  N NE  B ARG A 1 31  ? -16.133 -10.294 -2.173  0.80   17.44 ? 31   ARG A NE  1 
ATOM   196  C CZ  A ARG A 1 31  ? -16.922 -9.434  -4.145  0.70   21.84 ? 31   ARG A CZ  1 
ATOM   197  C CZ  B ARG A 1 31  ? -16.767 -11.464 -2.053  0.30   17.28 ? 31   ARG A CZ  1 
ATOM   198  N NH1 A ARG A 1 31  ? -16.308 -9.571  -5.311  0.45   23.40 ? 31   ARG A NH1 1 
ATOM   199  N NH1 B ARG A 1 31  ? -16.263 -12.553 -2.612  0.55   17.21 ? 31   ARG A NH1 1 
ATOM   200  N NH2 A ARG A 1 31  ? -18.181 -9.021  -4.109  0.50   22.96 ? 31   ARG A NH2 1 
ATOM   201  N NH2 B ARG A 1 31  ? -17.922 -11.530 -1.402  0.50   17.58 ? 31   ARG A NH2 1 
ATOM   202  N N   . ARG A 1 32  ? -11.996 -7.290  -0.198  1.00   9.43  ? 32   ARG A N   1 
ATOM   203  C CA  . ARG A 1 32  ? -12.439 -6.799  1.098   1.00   12.75 ? 32   ARG A CA  1 
ATOM   204  C C   . ARG A 1 32  ? -12.279 -5.286  1.264   1.00   12.16 ? 32   ARG A C   1 
ATOM   205  O O   . ARG A 1 32  ? -13.095 -4.647  1.927   1.00   13.69 ? 32   ARG A O   1 
ATOM   206  C CB  . ARG A 1 32  ? -11.702 -7.531  2.221   1.00   13.16 ? 32   ARG A CB  1 
ATOM   207  C CG  . ARG A 1 32  ? -12.340 -7.304  3.577   1.00   19.97 ? 32   ARG A CG  1 
ATOM   208  C CD  . ARG A 1 32  ? -11.809 -8.231  4.650   1.00   19.01 ? 32   ARG A CD  1 
ATOM   209  N NE  . ARG A 1 32  ? -12.622 -8.103  5.853   1.00   26.24 ? 32   ARG A NE  1 
ATOM   210  C CZ  . ARG A 1 32  ? -13.799 -8.697  6.030   1.00   26.52 ? 32   ARG A CZ  1 
ATOM   211  N NH1 . ARG A 1 32  ? -14.303 -9.479  5.082   1.00   28.97 ? 32   ARG A NH1 1 
ATOM   212  N NH2 . ARG A 1 32  ? -14.487 -8.486  7.145   1.00   29.36 ? 32   ARG A NH2 1 
ATOM   213  N N   . ARG A 1 33  ? -11.241 -4.715  0.656   1.00   10.18 ? 33   ARG A N   1 
ATOM   214  C CA  . ARG A 1 33  ? -10.993 -3.283  0.768   1.00   11.12 ? 33   ARG A CA  1 
ATOM   215  C C   . ARG A 1 33  ? -11.599 -2.460  -0.376  1.00   12.98 ? 33   ARG A C   1 
ATOM   216  O O   . ARG A 1 33  ? -11.196 -1.321  -0.619  1.00   10.94 ? 33   ARG A O   1 
ATOM   217  C CB  . ARG A 1 33  ? -9.483  -3.011  0.885   1.00   10.89 ? 33   ARG A CB  1 
ATOM   218  C CG  . ARG A 1 33  ? -8.819  -3.624  2.132   1.00   11.26 ? 33   ARG A CG  1 
ATOM   219  C CD  . ARG A 1 33  ? -9.516  -3.198  3.436   1.00   11.74 ? 33   ARG A CD  1 
ATOM   220  N NE  . ARG A 1 33  ? -8.829  -3.686  4.634   1.00   12.66 ? 33   ARG A NE  1 
ATOM   221  C CZ  . ARG A 1 33  ? -7.700  -3.174  5.121   1.00   12.22 ? 33   ARG A CZ  1 
ATOM   222  N NH1 . ARG A 1 33  ? -7.118  -2.147  4.521   1.00   13.28 ? 33   ARG A NH1 1 
ATOM   223  N NH2 . ARG A 1 33  ? -7.145  -3.691  6.208   1.00   13.92 ? 33   ARG A NH2 1 
ATOM   224  N N   . ASN A 1 34  ? -12.556 -3.062  -1.082  1.00   14.51 ? 34   ASN A N   1 
ATOM   225  C CA  . ASN A 1 34  ? -13.290 -2.396  -2.157  1.00   14.42 ? 34   ASN A CA  1 
ATOM   226  C C   . ASN A 1 34  ? -12.505 -1.957  -3.393  1.00   16.48 ? 34   ASN A C   1 
ATOM   227  O O   . ASN A 1 34  ? -12.793 -0.898  -3.956  1.00   17.43 ? 34   ASN A O   1 
ATOM   228  C CB  . ASN A 1 34  ? -14.012 -1.174  -1.574  1.00   17.76 ? 34   ASN A CB  1 
ATOM   229  C CG  . ASN A 1 34  ? -15.413 -0.998  -2.126  1.00   21.97 ? 34   ASN A CG  1 
ATOM   230  O OD1 . ASN A 1 34  ? -15.773 -1.596  -3.134  1.00   20.53 ? 34   ASN A OD1 1 
ATOM   231  N ND2 . ASN A 1 34  ? -16.208 -0.161  -1.467  1.00   24.25 ? 34   ASN A ND2 1 
ATOM   232  N N   . MET A 1 35  ? -11.528 -2.747  -3.828  1.00   16.57 ? 35   MET A N   1 
ATOM   233  C CA  . MET A 1 35  ? -10.756 -2.371  -5.013  1.00   18.29 ? 35   MET A CA  1 
ATOM   234  C C   . MET A 1 35  ? -10.983 -3.294  -6.212  1.00   19.31 ? 35   MET A C   1 
ATOM   235  O O   . MET A 1 35  ? -10.175 -3.331  -7.143  1.00   21.11 ? 35   MET A O   1 
ATOM   236  C CB  . MET A 1 35  ? -9.261  -2.302  -4.670  1.00   16.97 ? 35   MET A CB  1 
ATOM   237  C CG  . MET A 1 35  ? -8.907  -1.112  -3.774  1.00   19.14 ? 35   MET A CG  1 
ATOM   238  S SD  . MET A 1 35  ? -7.186  -1.068  -3.212  1.00   19.73 ? 35   MET A SD  1 
ATOM   239  C CE  . MET A 1 35  ? -7.338  -2.007  -1.693  1.00   15.29 ? 35   MET A CE  1 
ATOM   240  N N   . THR A 1 36  ? -12.089 -4.031  -6.190  1.00   19.88 ? 36   THR A N   1 
ATOM   241  C CA  . THR A 1 36  ? -12.422 -4.949  -7.278  1.00   21.42 ? 36   THR A CA  1 
ATOM   242  C C   . THR A 1 36  ? -13.864 -4.734  -7.726  1.00   24.13 ? 36   THR A C   1 
ATOM   243  O O   . THR A 1 36  ? -14.482 -5.625  -8.321  1.00   25.82 ? 36   THR A O   1 
ATOM   244  C CB  . THR A 1 36  ? -12.272 -6.418  -6.845  1.00   20.17 ? 36   THR A CB  1 
ATOM   245  O OG1 . THR A 1 36  ? -13.158 -6.684  -5.750  1.00   18.95 ? 36   THR A OG1 1 
ATOM   246  C CG2 . THR A 1 36  ? -10.837 -6.710  -6.417  1.00   17.81 ? 36   THR A CG2 1 
ATOM   247  N N   . GLN A 1 37  ? -14.397 -3.553  -7.432  1.00   23.70 ? 37   GLN A N   1 
ATOM   248  C CA  . GLN A 1 37  ? -15.766 -3.215  -7.800  1.00   26.73 ? 37   GLN A CA  1 
ATOM   249  C C   . GLN A 1 37  ? -15.807 -2.466  -9.127  1.00   27.19 ? 37   GLN A C   1 
ATOM   250  O O   . GLN A 1 37  ? -15.247 -1.378  -9.251  1.00   28.34 ? 37   GLN A O   1 
ATOM   251  C CB  . GLN A 1 37  ? -16.403 -2.359  -6.708  1.00   28.36 ? 37   GLN A CB  1 
ATOM   252  C CG  . GLN A 1 37  ? -16.498 -3.060  -5.363  1.00   30.90 ? 37   GLN A CG  1 
ATOM   253  C CD  . GLN A 1 37  ? -17.302 -4.337  -5.433  1.00   30.28 ? 37   GLN A CD  1 
ATOM   254  O OE1 . GLN A 1 37  ? -18.440 -4.337  -5.901  1.00   35.33 ? 37   GLN A OE1 1 
ATOM   255  N NE2 . GLN A 1 37  ? -16.719 -5.434  -4.964  1.00   27.60 ? 37   GLN A NE2 1 
ATOM   256  N N   . GLY A 1 38  ? -16.478 -3.053  -10.115 1.00   27.46 ? 38   GLY A N   1 
ATOM   257  C CA  . GLY A 1 38  ? -16.570 -2.424  -11.420 1.00   28.95 ? 38   GLY A CA  1 
ATOM   258  C C   . GLY A 1 38  ? -15.436 -2.878  -12.319 1.00   30.00 ? 38   GLY A C   1 
ATOM   259  O O   . GLY A 1 38  ? -15.626 -3.115  -13.510 1.00   28.75 ? 38   GLY A O   1 
ATOM   260  N N   . ARG A 1 39  ? -14.248 -2.996  -11.735 1.00   30.13 ? 39   ARG A N   1 
ATOM   261  C CA  . ARG A 1 39  ? -13.058 -3.440  -12.455 1.00   30.74 ? 39   ARG A CA  1 
ATOM   262  C C   . ARG A 1 39  ? -11.998 -3.828  -11.424 1.00   29.00 ? 39   ARG A C   1 
ATOM   263  O O   . ARG A 1 39  ? -12.097 -3.442  -10.260 1.00   29.14 ? 39   ARG A O   1 
ATOM   264  C CB  . ARG A 1 39  ? -12.519 -2.324  -13.352 1.00   30.83 ? 39   ARG A CB  1 
ATOM   265  C CG  . ARG A 1 39  ? -11.846 -1.199  -12.595 1.00   31.08 ? 39   ARG A CG  1 
ATOM   266  C CD  . ARG A 1 39  ? -10.585 -0.753  -13.306 0.50   33.35 ? 39   ARG A CD  1 
ATOM   267  N NE  . ARG A 1 39  ? -9.708  0.003   -12.418 0.50   34.26 ? 39   ARG A NE  1 
ATOM   268  C CZ  . ARG A 1 39  ? -8.510  0.462   -12.763 0.50   33.25 ? 39   ARG A CZ  1 
ATOM   269  N NH1 . ARG A 1 39  ? -8.038  0.246   -13.984 0.50   32.01 ? 39   ARG A NH1 1 
ATOM   270  N NH2 . ARG A 1 39  ? -7.782  1.136   -11.884 0.50   33.50 ? 39   ARG A NH2 1 
ATOM   271  N N   . CYS A 1 40  ? -10.988 -4.583  -11.845 1.00   27.68 ? 40   CYS A N   1 
ATOM   272  C CA  . CYS A 1 40  ? -9.930  -5.003  -10.928 1.00   24.94 ? 40   CYS A CA  1 
ATOM   273  C C   . CYS A 1 40  ? -8.794  -3.986  -10.876 1.00   23.42 ? 40   CYS A C   1 
ATOM   274  O O   . CYS A 1 40  ? -8.124  -3.755  -11.880 1.00   20.53 ? 40   CYS A O   1 
ATOM   275  C CB  . CYS A 1 40  ? -9.338  -6.354  -11.355 1.00   27.64 ? 40   CYS A CB  1 
ATOM   276  S SG  . CYS A 1 40  ? -10.497 -7.689  -11.802 1.00   30.27 ? 40   CYS A SG  1 
ATOM   277  N N   . LYS A 1 41  ? -8.569  -3.376  -9.715  1.00   20.81 ? 41   LYS A N   1 
ATOM   278  C CA  . LYS A 1 41  ? -7.473  -2.418  -9.589  1.00   22.26 ? 41   LYS A CA  1 
ATOM   279  C C   . LYS A 1 41  ? -6.195  -3.214  -9.876  1.00   21.82 ? 41   LYS A C   1 
ATOM   280  O O   . LYS A 1 41  ? -5.915  -4.194  -9.194  1.00   21.50 ? 41   LYS A O   1 
ATOM   281  C CB  . LYS A 1 41  ? -7.419  -1.847  -8.170  1.00   21.74 ? 41   LYS A CB  1 
ATOM   282  C CG  . LYS A 1 41  ? -6.421  -0.710  -7.993  1.00   23.48 ? 41   LYS A CG  1 
ATOM   283  C CD  . LYS A 1 41  ? -6.233  -0.354  -6.522  1.00   25.03 ? 41   LYS A CD  1 
ATOM   284  C CE  . LYS A 1 41  ? -5.470  0.956   -6.363  1.00   27.65 ? 41   LYS A CE  1 
ATOM   285  N NZ  A LYS A 1 41  ? -5.172  1.263   -4.933  0.55   26.09 ? 41   LYS A NZ  1 
ATOM   286  N NZ  B LYS A 1 41  ? -4.217  0.981   -7.163  0.45   27.84 ? 41   LYS A NZ  1 
ATOM   287  N N   . PRO A 1 42  ? -5.412  -2.803  -10.892 1.00   22.17 ? 42   PRO A N   1 
ATOM   288  C CA  . PRO A 1 42  ? -4.163  -3.456  -11.304 1.00   19.54 ? 42   PRO A CA  1 
ATOM   289  C C   . PRO A 1 42  ? -3.072  -3.695  -10.259 1.00   18.34 ? 42   PRO A C   1 
ATOM   290  O O   . PRO A 1 42  ? -2.509  -4.786  -10.170 1.00   18.35 ? 42   PRO A O   1 
ATOM   291  C CB  . PRO A 1 42  ? -3.669  -2.574  -12.450 1.00   19.11 ? 42   PRO A CB  1 
ATOM   292  C CG  . PRO A 1 42  ? -4.931  -2.061  -13.038 1.00   20.76 ? 42   PRO A CG  1 
ATOM   293  C CD  . PRO A 1 42  ? -5.728  -1.690  -11.806 1.00   21.47 ? 42   PRO A CD  1 
ATOM   294  N N   . VAL A 1 43  ? -2.757  -2.684  -9.473  1.00   16.20 ? 43   VAL A N   1 
ATOM   295  C CA  . VAL A 1 43  ? -1.705  -2.854  -8.497  1.00   15.64 ? 43   VAL A CA  1 
ATOM   296  C C   . VAL A 1 43  ? -2.047  -2.130  -7.217  1.00   16.99 ? 43   VAL A C   1 
ATOM   297  O O   . VAL A 1 43  ? -2.748  -1.124  -7.232  1.00   20.10 ? 43   VAL A O   1 
ATOM   298  C CB  . VAL A 1 43  ? -0.369  -2.303  -9.039  1.00   18.26 ? 43   VAL A CB  1 
ATOM   299  C CG1 . VAL A 1 43  ? -0.029  -2.963  -10.379 1.00   18.00 ? 43   VAL A CG1 1 
ATOM   300  C CG2 . VAL A 1 43  ? -0.465  -0.805  -9.212  1.00   19.89 ? 43   VAL A CG2 1 
ATOM   301  N N   . ASN A 1 44  ? -1.564  -2.658  -6.102  1.00   16.46 ? 44   ASN A N   1 
ATOM   302  C CA  . ASN A 1 44  ? -1.797  -2.023  -4.820  1.00   13.87 ? 44   ASN A CA  1 
ATOM   303  C C   . ASN A 1 44  ? -0.837  -2.597  -3.804  1.00   12.88 ? 44   ASN A C   1 
ATOM   304  O O   . ASN A 1 44  ? -0.421  -3.743  -3.919  1.00   17.47 ? 44   ASN A O   1 
ATOM   305  C CB  . ASN A 1 44  ? -3.237  -2.234  -4.345  1.00   10.53 ? 44   ASN A CB  1 
ATOM   306  C CG  . ASN A 1 44  ? -3.560  -1.410  -3.104  1.00   14.16 ? 44   ASN A CG  1 
ATOM   307  O OD1 . ASN A 1 44  ? -3.542  -0.180  -3.143  1.00   14.50 ? 44   ASN A OD1 1 
ATOM   308  N ND2 . ASN A 1 44  ? -3.842  -2.084  -2.001  1.00   11.68 ? 44   ASN A ND2 1 
ATOM   309  N N   . THR A 1 45  ? -0.490  -1.786  -2.812  1.00   14.65 ? 45   THR A N   1 
ATOM   310  C CA  . THR A 1 45  ? 0.425   -2.194  -1.755  1.00   11.63 ? 45   THR A CA  1 
ATOM   311  C C   . THR A 1 45  ? -0.236  -2.018  -0.397  1.00   12.51 ? 45   THR A C   1 
ATOM   312  O O   . THR A 1 45  ? -0.922  -1.024  -0.156  1.00   12.39 ? 45   THR A O   1 
ATOM   313  C CB  . THR A 1 45  ? 1.709   -1.336  -1.751  1.00   15.14 ? 45   THR A CB  1 
ATOM   314  O OG1 . THR A 1 45  ? 2.402   -1.490  -2.996  1.00   16.31 ? 45   THR A OG1 1 
ATOM   315  C CG2 . THR A 1 45  ? 2.620   -1.751  -0.606  1.00   16.33 ? 45   THR A CG2 1 
ATOM   316  N N   . PHE A 1 46  ? -0.026  -2.993  0.481   1.00   11.87 ? 46   PHE A N   1 
ATOM   317  C CA  . PHE A 1 46  ? -0.554  -2.941  1.835   1.00   12.40 ? 46   PHE A CA  1 
ATOM   318  C C   . PHE A 1 46  ? 0.664   -2.833  2.744   1.00   13.28 ? 46   PHE A C   1 
ATOM   319  O O   . PHE A 1 46  ? 1.722   -3.397  2.444   1.00   12.74 ? 46   PHE A O   1 
ATOM   320  C CB  . PHE A 1 46  ? -1.348  -4.214  2.162   1.00   10.99 ? 46   PHE A CB  1 
ATOM   321  C CG  . PHE A 1 46  ? -2.678  -4.292  1.469   1.00   12.04 ? 46   PHE A CG  1 
ATOM   322  C CD1 . PHE A 1 46  ? -3.770  -3.566  1.942   1.00   14.45 ? 46   PHE A CD1 1 
ATOM   323  C CD2 . PHE A 1 46  ? -2.850  -5.110  0.354   1.00   14.53 ? 46   PHE A CD2 1 
ATOM   324  C CE1 . PHE A 1 46  ? -5.011  -3.644  1.306   1.00   13.37 ? 46   PHE A CE1 1 
ATOM   325  C CE2 . PHE A 1 46  ? -4.088  -5.195  -0.288  1.00   13.45 ? 46   PHE A CE2 1 
ATOM   326  C CZ  . PHE A 1 46  ? -5.171  -4.466  0.194   1.00   13.26 ? 46   PHE A CZ  1 
ATOM   327  N N   . VAL A 1 47  ? 0.516   -2.105  3.846   1.00   13.18 ? 47   VAL A N   1 
ATOM   328  C CA  . VAL A 1 47  ? 1.602   -1.909  4.796   1.00   11.30 ? 47   VAL A CA  1 
ATOM   329  C C   . VAL A 1 47  ? 1.283   -2.654  6.087   1.00   12.50 ? 47   VAL A C   1 
ATOM   330  O O   . VAL A 1 47  ? 0.244   -2.418  6.708   1.00   10.05 ? 47   VAL A O   1 
ATOM   331  C CB  . VAL A 1 47  ? 1.789   -0.411  5.094   1.00   13.14 ? 47   VAL A CB  1 
ATOM   332  C CG1 . VAL A 1 47  ? 2.999   -0.204  5.991   1.00   12.62 ? 47   VAL A CG1 1 
ATOM   333  C CG2 . VAL A 1 47  ? 1.947   0.354   3.786   1.00   9.74  ? 47   VAL A CG2 1 
ATOM   334  N N   . HIS A 1 48  ? 2.179   -3.556  6.478   1.00   11.61 ? 48   HIS A N   1 
ATOM   335  C CA  . HIS A 1 48  ? 1.990   -4.358  7.679   1.00   13.79 ? 48   HIS A CA  1 
ATOM   336  C C   . HIS A 1 48  ? 2.807   -3.850  8.862   1.00   14.67 ? 48   HIS A C   1 
ATOM   337  O O   . HIS A 1 48  ? 3.672   -4.548  9.390   1.00   16.79 ? 48   HIS A O   1 
ATOM   338  C CB  . HIS A 1 48  ? 2.337   -5.816  7.372   1.00   12.51 ? 48   HIS A CB  1 
ATOM   339  C CG  . HIS A 1 48  ? 1.718   -6.319  6.106   1.00   12.38 ? 48   HIS A CG  1 
ATOM   340  N ND1 . HIS A 1 48  ? 0.354   -6.313  5.894   1.00   12.44 ? 48   HIS A ND1 1 
ATOM   341  C CD2 . HIS A 1 48  ? 2.272   -6.791  4.964   1.00   13.50 ? 48   HIS A CD2 1 
ATOM   342  C CE1 . HIS A 1 48  ? 0.098   -6.754  4.676   1.00   13.09 ? 48   HIS A CE1 1 
ATOM   343  N NE2 . HIS A 1 48  ? 1.245   -7.052  4.090   1.00   12.61 ? 48   HIS A NE2 1 
ATOM   344  N N   . GLU A 1 49  ? 2.521   -2.619  9.269   1.00   14.44 ? 49   GLU A N   1 
ATOM   345  C CA  . GLU A 1 49  ? 3.205   -1.993  10.397  1.00   14.63 ? 49   GLU A CA  1 
ATOM   346  C C   . GLU A 1 49  ? 2.150   -1.262  11.210  1.00   13.05 ? 49   GLU A C   1 
ATOM   347  O O   . GLU A 1 49  ? 1.080   -0.953  10.693  1.00   11.80 ? 49   GLU A O   1 
ATOM   348  C CB  . GLU A 1 49  ? 4.253   -0.990  9.906   1.00   8.86  ? 49   GLU A CB  1 
ATOM   349  C CG  . GLU A 1 49  ? 5.355   -1.585  9.039   1.00   12.31 ? 49   GLU A CG  1 
ATOM   350  C CD  . GLU A 1 49  ? 6.320   -2.466  9.814   1.00   14.87 ? 49   GLU A CD  1 
ATOM   351  O OE1 . GLU A 1 49  ? 6.275   -2.462  11.064  1.00   13.22 ? 49   GLU A OE1 1 
ATOM   352  O OE2 . GLU A 1 49  ? 7.136   -3.157  9.169   1.00   14.38 ? 49   GLU A OE2 1 
ATOM   353  N N   . PRO A 1 50  ? 2.431   -0.988  12.496  1.00   12.96 ? 50   PRO A N   1 
ATOM   354  C CA  . PRO A 1 50  ? 1.447   -0.280  13.317  1.00   15.76 ? 50   PRO A CA  1 
ATOM   355  C C   . PRO A 1 50  ? 1.113   1.055   12.670  1.00   16.23 ? 50   PRO A C   1 
ATOM   356  O O   . PRO A 1 50  ? 1.984   1.693   12.069  1.00   15.52 ? 50   PRO A O   1 
ATOM   357  C CB  . PRO A 1 50  ? 2.170   -0.110  14.651  1.00   16.98 ? 50   PRO A CB  1 
ATOM   358  C CG  . PRO A 1 50  ? 3.044   -1.326  14.710  1.00   17.71 ? 50   PRO A CG  1 
ATOM   359  C CD  . PRO A 1 50  ? 3.601   -1.379  13.301  1.00   16.81 ? 50   PRO A CD  1 
ATOM   360  N N   . LEU A 1 51  ? -0.143  1.472   12.785  1.00   14.82 ? 51   LEU A N   1 
ATOM   361  C CA  . LEU A 1 51  ? -0.579  2.730   12.198  1.00   16.73 ? 51   LEU A CA  1 
ATOM   362  C C   . LEU A 1 51  ? 0.269   3.906   12.683  1.00   17.04 ? 51   LEU A C   1 
ATOM   363  O O   . LEU A 1 51  ? 0.616   4.788   11.907  1.00   15.59 ? 51   LEU A O   1 
ATOM   364  C CB  . LEU A 1 51  ? -2.050  2.993   12.528  1.00   18.02 ? 51   LEU A CB  1 
ATOM   365  C CG  . LEU A 1 51  ? -2.564  4.385   12.125  1.00   17.42 ? 51   LEU A CG  1 
ATOM   366  C CD1 . LEU A 1 51  ? -2.369  4.586   10.623  1.00   13.21 ? 51   LEU A CD1 1 
ATOM   367  C CD2 . LEU A 1 51  ? -4.034  4.525   12.500  1.00   16.22 ? 51   LEU A CD2 1 
ATOM   368  N N   . VAL A 1 52  ? 0.617   3.909   13.966  1.00   18.23 ? 52   VAL A N   1 
ATOM   369  C CA  . VAL A 1 52  ? 1.415   5.000   14.515  1.00   18.81 ? 52   VAL A CA  1 
ATOM   370  C C   . VAL A 1 52  ? 2.792   5.126   13.855  1.00   18.03 ? 52   VAL A C   1 
ATOM   371  O O   . VAL A 1 52  ? 3.267   6.238   13.633  1.00   16.77 ? 52   VAL A O   1 
ATOM   372  C CB  . VAL A 1 52  ? 1.585   4.864   16.054  1.00   21.44 ? 52   VAL A CB  1 
ATOM   373  C CG1 . VAL A 1 52  ? 2.350   3.602   16.394  1.00   22.09 ? 52   VAL A CG1 1 
ATOM   374  C CG2 . VAL A 1 52  ? 2.297   6.093   16.606  1.00   23.57 ? 52   VAL A CG2 1 
ATOM   375  N N   . ASP A 1 53  ? 3.428   4.004   13.526  1.00   17.87 ? 53   ASP A N   1 
ATOM   376  C CA  . ASP A 1 53  ? 4.745   4.057   12.891  1.00   16.63 ? 53   ASP A CA  1 
ATOM   377  C C   . ASP A 1 53  ? 4.642   4.574   11.462  1.00   16.62 ? 53   ASP A C   1 
ATOM   378  O O   . ASP A 1 53  ? 5.530   5.290   10.985  1.00   14.52 ? 53   ASP A O   1 
ATOM   379  C CB  . ASP A 1 53  ? 5.419   2.681   12.892  1.00   17.38 ? 53   ASP A CB  1 
ATOM   380  C CG  . ASP A 1 53  ? 5.720   2.180   14.295  1.00   19.49 ? 53   ASP A CG  1 
ATOM   381  O OD1 . ASP A 1 53  ? 6.110   2.996   15.158  1.00   16.15 ? 53   ASP A OD1 1 
ATOM   382  O OD2 . ASP A 1 53  ? 5.578   0.965   14.529  1.00   20.27 ? 53   ASP A OD2 1 
ATOM   383  N N   . VAL A 1 54  ? 3.571   4.205   10.768  1.00   12.49 ? 54   VAL A N   1 
ATOM   384  C CA  . VAL A 1 54  ? 3.388   4.685   9.403   1.00   12.12 ? 54   VAL A CA  1 
ATOM   385  C C   . VAL A 1 54  ? 3.090   6.189   9.445   1.00   12.61 ? 54   VAL A C   1 
ATOM   386  O O   . VAL A 1 54  ? 3.605   6.957   8.633   1.00   11.21 ? 54   VAL A O   1 
ATOM   387  C CB  . VAL A 1 54  ? 2.228   3.955   8.694   1.00   12.77 ? 54   VAL A CB  1 
ATOM   388  C CG1 . VAL A 1 54  ? 1.981   4.579   7.320   1.00   13.20 ? 54   VAL A CG1 1 
ATOM   389  C CG2 . VAL A 1 54  ? 2.560   2.471   8.541   1.00   12.58 ? 54   VAL A CG2 1 
ATOM   390  N N   . GLN A 1 55  ? 2.276   6.614   10.410  1.00   11.41 ? 55   GLN A N   1 
ATOM   391  C CA  . GLN A 1 55  ? 1.931   8.029   10.534  1.00   12.18 ? 55   GLN A CA  1 
ATOM   392  C C   . GLN A 1 55  ? 3.157   8.884   10.823  1.00   12.81 ? 55   GLN A C   1 
ATOM   393  O O   . GLN A 1 55  ? 3.243   10.029  10.366  1.00   15.24 ? 55   GLN A O   1 
ATOM   394  C CB  . GLN A 1 55  ? 0.895   8.245   11.639  1.00   12.88 ? 55   GLN A CB  1 
ATOM   395  C CG  . GLN A 1 55  ? -0.459  7.632   11.351  1.00   12.76 ? 55   GLN A CG  1 
ATOM   396  C CD  . GLN A 1 55  ? -1.449  7.895   12.471  1.00   17.26 ? 55   GLN A CD  1 
ATOM   397  O OE1 . GLN A 1 55  ? -1.136  7.703   13.648  1.00   19.99 ? 55   GLN A OE1 1 
ATOM   398  N NE2 . GLN A 1 55  ? -2.646  8.331   12.110  1.00   19.35 ? 55   GLN A NE2 1 
ATOM   399  N N   . ASN A 1 56  ? 4.102   8.336   11.584  1.00   11.39 ? 56   ASN A N   1 
ATOM   400  C CA  . ASN A 1 56  ? 5.320   9.075   11.908  1.00   14.20 ? 56   ASN A CA  1 
ATOM   401  C C   . ASN A 1 56  ? 6.204   9.348   10.684  1.00   12.20 ? 56   ASN A C   1 
ATOM   402  O O   . ASN A 1 56  ? 7.082   10.201  10.732  1.00   10.56 ? 56   ASN A O   1 
ATOM   403  C CB  . ASN A 1 56  ? 6.131   8.336   12.980  1.00   15.89 ? 56   ASN A CB  1 
ATOM   404  C CG  . ASN A 1 56  ? 5.540   8.503   14.373  1.00   17.64 ? 56   ASN A CG  1 
ATOM   405  O OD1 . ASN A 1 56  ? 4.937   9.529   14.674  1.00   18.32 ? 56   ASN A OD1 1 
ATOM   406  N ND2 . ASN A 1 56  ? 5.735   7.507   15.233  1.00   13.65 ? 56   ASN A ND2 1 
ATOM   407  N N   . VAL A 1 57  ? 5.971   8.627   9.591   1.00   10.06 ? 57   VAL A N   1 
ATOM   408  C CA  . VAL A 1 57  ? 6.757   8.834   8.371   1.00   10.49 ? 57   VAL A CA  1 
ATOM   409  C C   . VAL A 1 57  ? 6.605   10.281  7.888   1.00   10.01 ? 57   VAL A C   1 
ATOM   410  O O   . VAL A 1 57  ? 7.524   10.849  7.292   1.00   10.99 ? 57   VAL A O   1 
ATOM   411  C CB  . VAL A 1 57  ? 6.306   7.879   7.235   1.00   8.14  ? 57   VAL A CB  1 
ATOM   412  C CG1 . VAL A 1 57  ? 7.084   8.184   5.957   1.00   10.08 ? 57   VAL A CG1 1 
ATOM   413  C CG2 . VAL A 1 57  ? 6.530   6.433   7.649   1.00   11.73 ? 57   VAL A CG2 1 
ATOM   414  N N   . CYS A 1 58  ? 5.438   10.867  8.149   1.00   10.09 ? 58   CYS A N   1 
ATOM   415  C CA  . CYS A 1 58  ? 5.156   12.243  7.754   1.00   13.39 ? 58   CYS A CA  1 
ATOM   416  C C   . CYS A 1 58  ? 6.097   13.256  8.400   1.00   14.19 ? 58   CYS A C   1 
ATOM   417  O O   . CYS A 1 58  ? 6.061   14.439  8.062   1.00   12.38 ? 58   CYS A O   1 
ATOM   418  C CB  . CYS A 1 58  ? 3.716   12.617  8.110   1.00   13.03 ? 58   CYS A CB  1 
ATOM   419  S SG  . CYS A 1 58  ? 2.435   11.657  7.246   1.00   14.83 ? 58   CYS A SG  1 
ATOM   420  N N   . PHE A 1 59  ? 6.930   12.787  9.327   1.00   12.35 ? 59   PHE A N   1 
ATOM   421  C CA  . PHE A 1 59  ? 7.873   13.650  10.029  1.00   13.25 ? 59   PHE A CA  1 
ATOM   422  C C   . PHE A 1 59  ? 9.289   13.102  9.910   1.00   15.28 ? 59   PHE A C   1 
ATOM   423  O O   . PHE A 1 59  ? 10.152  13.351  10.758  1.00   14.87 ? 59   PHE A O   1 
ATOM   424  C CB  . PHE A 1 59  ? 7.452   13.761  11.493  1.00   11.82 ? 59   PHE A CB  1 
ATOM   425  C CG  . PHE A 1 59  ? 6.131   14.436  11.670  1.00   14.02 ? 59   PHE A CG  1 
ATOM   426  C CD1 . PHE A 1 59  ? 6.041   15.827  11.681  1.00   13.94 ? 59   PHE A CD1 1 
ATOM   427  C CD2 . PHE A 1 59  ? 4.958   13.685  11.730  1.00   14.57 ? 59   PHE A CD2 1 
ATOM   428  C CE1 . PHE A 1 59  ? 4.797   16.464  11.748  1.00   12.71 ? 59   PHE A CE1 1 
ATOM   429  C CE2 . PHE A 1 59  ? 3.712   14.309  11.795  1.00   14.47 ? 59   PHE A CE2 1 
ATOM   430  C CZ  . PHE A 1 59  ? 3.632   15.703  11.802  1.00   13.53 ? 59   PHE A CZ  1 
ATOM   431  N N   . GLN A 1 60  ? 9.518   12.344  8.845   1.00   14.71 ? 60   GLN A N   1 
ATOM   432  C CA  . GLN A 1 60  ? 10.828  11.771  8.603   1.00   15.57 ? 60   GLN A CA  1 
ATOM   433  C C   . GLN A 1 60  ? 11.470  12.439  7.387   1.00   15.75 ? 60   GLN A C   1 
ATOM   434  O O   . GLN A 1 60  ? 11.363  13.656  7.242   1.00   17.52 ? 60   GLN A O   1 
ATOM   435  C CB  . GLN A 1 60  ? 10.706  10.244  8.479   1.00   12.85 ? 60   GLN A CB  1 
ATOM   436  C CG  . GLN A 1 60  ? 10.627  9.597   9.876   1.00   15.82 ? 60   GLN A CG  1 
ATOM   437  C CD  . GLN A 1 60  ? 10.083  8.182   9.898   1.00   16.14 ? 60   GLN A CD  1 
ATOM   438  O OE1 . GLN A 1 60  ? 10.297  7.403   8.975   1.00   15.01 ? 60   GLN A OE1 1 
ATOM   439  N NE2 . GLN A 1 60  ? 9.387   7.839   10.979  1.00   15.69 ? 60   GLN A NE2 1 
ATOM   440  N N   . GLU A 1 61  ? 12.117  11.678  6.512   1.00   16.44 ? 61   GLU A N   1 
ATOM   441  C CA  . GLU A 1 61  ? 12.795  12.277  5.361   1.00   18.54 ? 61   GLU A CA  1 
ATOM   442  C C   . GLU A 1 61  ? 11.893  12.817  4.251   1.00   17.87 ? 61   GLU A C   1 
ATOM   443  O O   . GLU A 1 61  ? 11.203  12.059  3.575   1.00   17.23 ? 61   GLU A O   1 
ATOM   444  C CB  . GLU A 1 61  ? 13.782  11.280  4.756   1.00   19.83 ? 61   GLU A CB  1 
ATOM   445  C CG  . GLU A 1 61  ? 14.854  11.938  3.900   1.00   28.92 ? 61   GLU A CG  1 
ATOM   446  C CD  . GLU A 1 61  ? 15.699  10.937  3.140   1.00   29.08 ? 61   GLU A CD  1 
ATOM   447  O OE1 . GLU A 1 61  ? 15.913  9.820   3.659   1.00   32.85 ? 61   GLU A OE1 1 
ATOM   448  O OE2 . GLU A 1 61  ? 16.160  11.274  2.029   1.00   32.55 ? 61   GLU A OE2 1 
ATOM   449  N N   . LYS A 1 62  ? 11.929  14.132  4.056   1.00   17.62 ? 62   LYS A N   1 
ATOM   450  C CA  . LYS A 1 62  ? 11.129  14.784  3.026   1.00   18.72 ? 62   LYS A CA  1 
ATOM   451  C C   . LYS A 1 62  ? 11.780  14.523  1.662   1.00   20.08 ? 62   LYS A C   1 
ATOM   452  O O   . LYS A 1 62  ? 12.998  14.636  1.515   1.00   16.82 ? 62   LYS A O   1 
ATOM   453  C CB  . LYS A 1 62  ? 11.056  16.290  3.302   1.00   19.37 ? 62   LYS A CB  1 
ATOM   454  C CG  . LYS A 1 62  ? 9.867   17.000  2.673   1.00   22.07 ? 62   LYS A CG  1 
ATOM   455  C CD  . LYS A 1 62  ? 9.793   18.447  3.150   0.50   20.41 ? 62   LYS A CD  1 
ATOM   456  C CE  . LYS A 1 62  ? 8.498   19.115  2.722   0.50   21.06 ? 62   LYS A CE  1 
ATOM   457  N NZ  . LYS A 1 62  ? 8.443   20.534  3.173   0.50   20.99 ? 62   LYS A NZ  1 
ATOM   458  N N   . VAL A 1 63  ? 10.962  14.164  0.676   1.00   19.47 ? 63   VAL A N   1 
ATOM   459  C CA  . VAL A 1 63  ? 11.444  13.872  -0.670  1.00   18.14 ? 63   VAL A CA  1 
ATOM   460  C C   . VAL A 1 63  ? 10.430  14.312  -1.726  1.00   18.53 ? 63   VAL A C   1 
ATOM   461  O O   . VAL A 1 63  ? 9.291   14.655  -1.406  1.00   15.26 ? 63   VAL A O   1 
ATOM   462  C CB  . VAL A 1 63  ? 11.691  12.350  -0.865  1.00   20.44 ? 63   VAL A CB  1 
ATOM   463  C CG1 . VAL A 1 63  ? 12.726  11.849  0.124   1.00   19.22 ? 63   VAL A CG1 1 
ATOM   464  C CG2 . VAL A 1 63  ? 10.380  11.584  -0.707  1.00   19.06 ? 63   VAL A CG2 1 
ATOM   465  N N   . THR A 1 64  ? 10.851  14.295  -2.988  1.00   18.78 ? 64   THR A N   1 
ATOM   466  C CA  . THR A 1 64  ? 9.973   14.661  -4.093  1.00   18.01 ? 64   THR A CA  1 
ATOM   467  C C   . THR A 1 64  ? 9.111   13.441  -4.423  1.00   24.00 ? 64   THR A C   1 
ATOM   468  O O   . THR A 1 64  ? 9.617   12.321  -4.494  1.00   22.91 ? 64   THR A O   1 
ATOM   469  C CB  . THR A 1 64  ? 10.785  15.056  -5.351  1.00   20.36 ? 64   THR A CB  1 
ATOM   470  O OG1 . THR A 1 64  ? 11.608  16.191  -5.056  1.00   20.51 ? 64   THR A OG1 1 
ATOM   471  C CG2 . THR A 1 64  ? 9.854   15.400  -6.496  1.00   16.05 ? 64   THR A CG2 1 
ATOM   472  N N   . CYS A 1 65  ? 7.817   13.665  -4.630  1.00   29.67 ? 65   CYS A N   1 
ATOM   473  C CA  . CYS A 1 65  ? 6.881   12.584  -4.931  1.00   37.72 ? 65   CYS A CA  1 
ATOM   474  C C   . CYS A 1 65  ? 7.108   11.897  -6.281  1.00   42.10 ? 65   CYS A C   1 
ATOM   475  O O   . CYS A 1 65  ? 7.766   12.442  -7.167  1.00   43.66 ? 65   CYS A O   1 
ATOM   476  C CB  . CYS A 1 65  ? 5.442   13.106  -4.897  1.00   35.67 ? 65   CYS A CB  1 
ATOM   477  S SG  . CYS A 1 65  ? 4.838   13.836  -3.340  1.00   38.71 ? 65   CYS A SG  1 
ATOM   478  N N   . LYS A 1 66  ? 6.531   10.704  -6.426  1.00   47.46 ? 66   LYS A N   1 
ATOM   479  C CA  . LYS A 1 66  ? 6.632   9.905   -7.649  1.00   51.52 ? 66   LYS A CA  1 
ATOM   480  C C   . LYS A 1 66  ? 5.310   9.997   -8.421  1.00   54.04 ? 66   LYS A C   1 
ATOM   481  O O   . LYS A 1 66  ? 4.902   9.062   -9.106  1.00   54.59 ? 66   LYS A O   1 
ATOM   482  C CB  . LYS A 1 66  ? 6.943   8.444   -7.284  1.00   53.49 ? 66   LYS A CB  1 
ATOM   483  C CG  . LYS A 1 66  ? 7.604   7.595   -8.378  1.00   54.45 ? 66   LYS A CG  1 
ATOM   484  C CD  . LYS A 1 66  ? 6.608   6.947   -9.340  1.00   55.45 ? 66   LYS A CD  1 
ATOM   485  C CE  . LYS A 1 66  ? 5.631   6.016   -8.630  1.00   55.74 ? 66   LYS A CE  1 
ATOM   486  N NZ  . LYS A 1 66  ? 4.592   6.755   -7.858  1.00   54.92 ? 66   LYS A NZ  1 
ATOM   487  N N   . ASN A 1 67  ? 4.639   11.134  -8.283  1.00   57.38 ? 67   ASN A N   1 
ATOM   488  C CA  . ASN A 1 67  ? 3.374   11.399  -8.960  1.00   60.07 ? 67   ASN A CA  1 
ATOM   489  C C   . ASN A 1 67  ? 3.050   12.846  -8.646  1.00   61.02 ? 67   ASN A C   1 
ATOM   490  O O   . ASN A 1 67  ? 3.951   13.618  -8.341  1.00   61.99 ? 67   ASN A O   1 
ATOM   491  C CB  . ASN A 1 67  ? 2.256   10.472  -8.450  1.00   62.42 ? 67   ASN A CB  1 
ATOM   492  C CG  . ASN A 1 67  ? 1.930   10.676  -6.974  1.00   64.85 ? 67   ASN A CG  1 
ATOM   493  O OD1 . ASN A 1 67  ? 1.490   11.750  -6.558  1.00   67.13 ? 67   ASN A OD1 1 
ATOM   494  N ND2 . ASN A 1 67  ? 2.134   9.632   -6.180  1.00   66.07 ? 67   ASN A ND2 1 
ATOM   495  N N   . GLY A 1 68  ? 1.784   13.233  -8.714  1.00   61.26 ? 68   GLY A N   1 
ATOM   496  C CA  . GLY A 1 68  ? 1.467   14.607  -8.391  1.00   61.22 ? 68   GLY A CA  1 
ATOM   497  C C   . GLY A 1 68  ? 2.115   14.938  -7.058  1.00   60.64 ? 68   GLY A C   1 
ATOM   498  O O   . GLY A 1 68  ? 2.336   14.044  -6.226  1.00   60.83 ? 68   GLY A O   1 
ATOM   499  N N   . GLN A 1 69  ? 2.416   16.221  -6.862  1.00   59.91 ? 69   GLN A N   1 
ATOM   500  C CA  . GLN A 1 69  ? 3.026   16.703  -5.629  1.00   59.44 ? 69   GLN A CA  1 
ATOM   501  C C   . GLN A 1 69  ? 2.135   16.377  -4.426  1.00   56.83 ? 69   GLN A C   1 
ATOM   502  O O   . GLN A 1 69  ? 1.296   15.490  -4.520  1.00   57.72 ? 69   GLN A O   1 
ATOM   503  C CB  . GLN A 1 69  ? 3.276   18.199  -5.722  1.00   61.45 ? 69   GLN A CB  1 
ATOM   504  C CG  . GLN A 1 69  ? 4.712   18.560  -6.045  1.00   64.56 ? 69   GLN A CG  1 
ATOM   505  C CD  . GLN A 1 69  ? 5.119   18.113  -7.410  1.00   66.70 ? 69   GLN A CD  1 
ATOM   506  O OE1 . GLN A 1 69  ? 5.889   18.788  -8.077  1.00   68.52 ? 69   GLN A OE1 1 
ATOM   507  N NE2 . GLN A 1 69  ? 4.619   16.959  -7.838  1.00   67.46 ? 69   GLN A NE2 1 
ATOM   508  N N   . GLY A 1 70  ? 2.316   17.052  -3.294  1.00   53.85 ? 70   GLY A N   1 
ATOM   509  C CA  . GLY A 1 70  ? 1.489   16.753  -2.130  1.00   48.40 ? 70   GLY A CA  1 
ATOM   510  C C   . GLY A 1 70  ? 2.308   16.547  -0.866  1.00   44.02 ? 70   GLY A C   1 
ATOM   511  O O   . GLY A 1 70  ? 1.770   16.205  0.191   1.00   42.70 ? 70   GLY A O   1 
ATOM   512  N N   . ASN A 1 71  ? 3.612   16.780  -0.984  1.00   39.64 ? 71   ASN A N   1 
ATOM   513  C CA  . ASN A 1 71  ? 4.551   16.625  0.119   1.00   34.41 ? 71   ASN A CA  1 
ATOM   514  C C   . ASN A 1 71  ? 4.727   15.156  0.467   1.00   30.80 ? 71   ASN A C   1 
ATOM   515  O O   . ASN A 1 71  ? 3.890   14.564  1.153   1.00   26.21 ? 71   ASN A O   1 
ATOM   516  C CB  . ASN A 1 71  ? 4.076   17.386  1.359   1.00   38.11 ? 71   ASN A CB  1 
ATOM   517  C CG  . ASN A 1 71  ? 4.051   18.884  1.149   1.00   40.58 ? 71   ASN A CG  1 
ATOM   518  O OD1 . ASN A 1 71  ? 5.019   19.476  0.666   1.00   42.24 ? 71   ASN A OD1 1 
ATOM   519  N ND2 . ASN A 1 71  ? 2.942   19.510  1.521   1.00   43.30 ? 71   ASN A ND2 1 
ATOM   520  N N   . CYS A 1 72  ? 5.828   14.579  -0.003  1.00   23.84 ? 72   CYS A N   1 
ATOM   521  C CA  . CYS A 1 72  ? 6.118   13.183  0.247   1.00   22.49 ? 72   CYS A CA  1 
ATOM   522  C C   . CYS A 1 72  ? 7.276   12.993  1.214   1.00   19.83 ? 72   CYS A C   1 
ATOM   523  O O   . CYS A 1 72  ? 8.182   13.825  1.299   1.00   19.84 ? 72   CYS A O   1 
ATOM   524  C CB  . CYS A 1 72  ? 6.381   12.464  -1.084  1.00   24.00 ? 72   CYS A CB  1 
ATOM   525  S SG  . CYS A 1 72  ? 4.828   12.286  -2.024  1.00   27.42 ? 72   CYS A SG  1 
ATOM   526  N N   . TYR A 1 73  ? 7.225   11.894  1.951   1.00   14.20 ? 73   TYR A N   1 
ATOM   527  C CA  . TYR A 1 73  ? 8.251   11.583  2.925   1.00   12.89 ? 73   TYR A CA  1 
ATOM   528  C C   . TYR A 1 73  ? 8.640   10.124  2.820   1.00   12.87 ? 73   TYR A C   1 
ATOM   529  O O   . TYR A 1 73  ? 7.791   9.254   2.617   1.00   14.08 ? 73   TYR A O   1 
ATOM   530  C CB  . TYR A 1 73  ? 7.750   11.867  4.347   1.00   14.39 ? 73   TYR A CB  1 
ATOM   531  C CG  . TYR A 1 73  ? 7.249   13.277  4.568   1.00   13.24 ? 73   TYR A CG  1 
ATOM   532  C CD1 . TYR A 1 73  ? 6.010   13.687  4.069   1.00   14.70 ? 73   TYR A CD1 1 
ATOM   533  C CD2 . TYR A 1 73  ? 8.024   14.211  5.258   1.00   15.36 ? 73   TYR A CD2 1 
ATOM   534  C CE1 . TYR A 1 73  ? 5.558   14.992  4.250   1.00   13.90 ? 73   TYR A CE1 1 
ATOM   535  C CE2 . TYR A 1 73  ? 7.579   15.523  5.446   1.00   14.94 ? 73   TYR A CE2 1 
ATOM   536  C CZ  . TYR A 1 73  ? 6.346   15.904  4.938   1.00   17.88 ? 73   TYR A CZ  1 
ATOM   537  O OH  . TYR A 1 73  ? 5.902   17.195  5.103   1.00   19.25 ? 73   TYR A OH  1 
ATOM   538  N N   . LYS A 1 74  ? 9.934   9.863   2.962   1.00   13.86 ? 74   LYS A N   1 
ATOM   539  C CA  . LYS A 1 74  ? 10.457  8.509   2.902   1.00   14.57 ? 74   LYS A CA  1 
ATOM   540  C C   . LYS A 1 74  ? 10.734  8.026   4.322   1.00   11.94 ? 74   LYS A C   1 
ATOM   541  O O   . LYS A 1 74  ? 11.273  8.766   5.145   1.00   13.94 ? 74   LYS A O   1 
ATOM   542  C CB  . LYS A 1 74  ? 11.744  8.470   2.073   1.00   14.23 ? 74   LYS A CB  1 
ATOM   543  C CG  . LYS A 1 74  ? 12.300  7.071   1.882   1.00   17.79 ? 74   LYS A CG  1 
ATOM   544  C CD  . LYS A 1 74  ? 13.405  7.027   0.830   1.00   18.21 ? 74   LYS A CD  1 
ATOM   545  C CE  . LYS A 1 74  ? 14.675  7.703   1.307   1.00   22.48 ? 74   LYS A CE  1 
ATOM   546  N NZ  . LYS A 1 74  ? 15.779  7.572   0.301   1.00   29.00 ? 74   LYS A NZ  1 
ATOM   547  N N   . SER A 1 75  ? 10.351  6.787   4.604   1.00   10.33 ? 75   SER A N   1 
ATOM   548  C CA  . SER A 1 75  ? 10.544  6.204   5.927   1.00   12.43 ? 75   SER A CA  1 
ATOM   549  C C   . SER A 1 75  ? 12.020  6.051   6.265   1.00   16.91 ? 75   SER A C   1 
ATOM   550  O O   . SER A 1 75  ? 12.831  5.701   5.402   1.00   14.93 ? 75   SER A O   1 
ATOM   551  C CB  . SER A 1 75  ? 9.852   4.837   6.010   1.00   14.23 ? 75   SER A CB  1 
ATOM   552  O OG  . SER A 1 75  ? 10.273  3.981   4.956   1.00   11.25 ? 75   SER A OG  1 
ATOM   553  N N   . ASN A 1 76  ? 12.377  6.330   7.516   1.00   17.18 ? 76   ASN A N   1 
ATOM   554  C CA  . ASN A 1 76  ? 13.766  6.197   7.926   1.00   21.34 ? 76   ASN A CA  1 
ATOM   555  C C   . ASN A 1 76  ? 14.165  4.733   7.862   1.00   23.29 ? 76   ASN A C   1 
ATOM   556  O O   . ASN A 1 76  ? 15.314  4.405   7.566   1.00   24.45 ? 76   ASN A O   1 
ATOM   557  C CB  . ASN A 1 76  ? 13.975  6.712   9.356   1.00   24.22 ? 76   ASN A CB  1 
ATOM   558  C CG  . ASN A 1 76  ? 13.862  8.220   9.460   1.00   24.81 ? 76   ASN A CG  1 
ATOM   559  O OD1 . ASN A 1 76  ? 14.197  8.947   8.524   1.00   25.91 ? 76   ASN A OD1 1 
ATOM   560  N ND2 . ASN A 1 76  ? 13.404  8.699   10.611  1.00   26.21 ? 76   ASN A ND2 1 
ATOM   561  N N   . SER A 1 77  ? 13.207  3.856   8.140   1.00   21.09 ? 77   SER A N   1 
ATOM   562  C CA  . SER A 1 77  ? 13.455  2.422   8.136   1.00   23.20 ? 77   SER A CA  1 
ATOM   563  C C   . SER A 1 77  ? 12.631  1.689   7.085   1.00   20.99 ? 77   SER A C   1 
ATOM   564  O O   . SER A 1 77  ? 11.593  2.180   6.642   1.00   16.55 ? 77   SER A O   1 
ATOM   565  C CB  . SER A 1 77  ? 13.128  1.837   9.511   1.00   23.88 ? 77   SER A CB  1 
ATOM   566  O OG  . SER A 1 77  ? 13.841  2.514   10.531  1.00   32.30 ? 77   SER A OG  1 
ATOM   567  N N   . SER A 1 78  ? 13.105  0.515   6.685   1.00   19.09 ? 78   SER A N   1 
ATOM   568  C CA  . SER A 1 78  ? 12.371  -0.284  5.717   1.00   21.47 ? 78   SER A CA  1 
ATOM   569  C C   . SER A 1 78  ? 11.166  -0.833  6.480   1.00   19.03 ? 78   SER A C   1 
ATOM   570  O O   . SER A 1 78  ? 11.234  -1.038  7.691   1.00   19.27 ? 78   SER A O   1 
ATOM   571  C CB  . SER A 1 78  ? 13.240  -1.432  5.191   1.00   22.46 ? 78   SER A CB  1 
ATOM   572  O OG  . SER A 1 78  ? 13.670  -2.278  6.240   1.00   27.06 ? 78   SER A OG  1 
ATOM   573  N N   . MET A 1 79  ? 10.063  -1.054  5.779   1.00   17.17 ? 79   MET A N   1 
ATOM   574  C CA  . MET A 1 79  ? 8.854   -1.565  6.416   1.00   15.16 ? 79   MET A CA  1 
ATOM   575  C C   . MET A 1 79  ? 8.362   -2.821  5.715   1.00   14.16 ? 79   MET A C   1 
ATOM   576  O O   . MET A 1 79  ? 8.722   -3.082  4.567   1.00   14.29 ? 79   MET A O   1 
ATOM   577  C CB  . MET A 1 79  ? 7.756   -0.496  6.397   1.00   15.29 ? 79   MET A CB  1 
ATOM   578  C CG  . MET A 1 79  ? 8.125   0.793   7.144   1.00   15.12 ? 79   MET A CG  1 
ATOM   579  S SD  . MET A 1 79  ? 6.761   1.983   7.247   1.00   17.95 ? 79   MET A SD  1 
ATOM   580  C CE  A MET A 1 79  ? 6.020   1.544   8.787   0.40   17.55 ? 79   MET A CE  1 
ATOM   581  C CE  B MET A 1 79  ? 7.118   2.780   8.819   0.60   12.80 ? 79   MET A CE  1 
ATOM   582  N N   . HIS A 1 80  ? 7.544   -3.597  6.416   1.00   14.53 ? 80   HIS A N   1 
ATOM   583  C CA  . HIS A 1 80  ? 6.994   -4.827  5.867   1.00   18.27 ? 80   HIS A CA  1 
ATOM   584  C C   . HIS A 1 80  ? 5.726   -4.498  5.078   1.00   18.03 ? 80   HIS A C   1 
ATOM   585  O O   . HIS A 1 80  ? 4.745   -4.003  5.631   1.00   15.59 ? 80   HIS A O   1 
ATOM   586  C CB  . HIS A 1 80  ? 6.692   -5.811  6.999   1.00   20.55 ? 80   HIS A CB  1 
ATOM   587  C CG  . HIS A 1 80  ? 7.913   -6.267  7.738   1.00   21.81 ? 80   HIS A CG  1 
ATOM   588  N ND1 . HIS A 1 80  ? 8.826   -7.142  7.197   1.00   23.27 ? 80   HIS A ND1 1 
ATOM   589  C CD2 . HIS A 1 80  ? 8.394   -5.931  8.960   1.00   22.89 ? 80   HIS A CD2 1 
ATOM   590  C CE1 . HIS A 1 80  ? 9.820   -7.327  8.051   1.00   22.46 ? 80   HIS A CE1 1 
ATOM   591  N NE2 . HIS A 1 80  ? 9.580   -6.602  9.128   1.00   23.23 ? 80   HIS A NE2 1 
ATOM   592  N N   . ILE A 1 81  ? 5.769   -4.762  3.779   1.00   14.41 ? 81   ILE A N   1 
ATOM   593  C CA  . ILE A 1 81  ? 4.649   -4.487  2.902   1.00   13.73 ? 81   ILE A CA  1 
ATOM   594  C C   . ILE A 1 81  ? 4.347   -5.701  2.035   1.00   13.04 ? 81   ILE A C   1 
ATOM   595  O O   . ILE A 1 81  ? 5.063   -6.704  2.072   1.00   12.48 ? 81   ILE A O   1 
ATOM   596  C CB  . ILE A 1 81  ? 4.955   -3.297  1.962   1.00   14.60 ? 81   ILE A CB  1 
ATOM   597  C CG1 . ILE A 1 81  ? 6.138   -3.645  1.050   1.00   11.87 ? 81   ILE A CG1 1 
ATOM   598  C CG2 . ILE A 1 81  ? 5.254   -2.051  2.777   1.00   14.62 ? 81   ILE A CG2 1 
ATOM   599  C CD1 . ILE A 1 81  ? 6.511   -2.548  0.060   1.00   16.67 ? 81   ILE A CD1 1 
ATOM   600  N N   . THR A 1 82  ? 3.278   -5.597  1.256   1.00   11.94 ? 82   THR A N   1 
ATOM   601  C CA  . THR A 1 82  ? 2.874   -6.656  0.343   1.00   13.26 ? 82   THR A CA  1 
ATOM   602  C C   . THR A 1 82  ? 2.342   -5.988  -0.912  1.00   15.58 ? 82   THR A C   1 
ATOM   603  O O   . THR A 1 82  ? 1.470   -5.118  -0.836  1.00   12.31 ? 82   THR A O   1 
ATOM   604  C CB  . THR A 1 82  ? 1.745   -7.541  0.930   1.00   14.78 ? 82   THR A CB  1 
ATOM   605  O OG1 . THR A 1 82  ? 2.252   -8.324  2.017   1.00   20.26 ? 82   THR A OG1 1 
ATOM   606  C CG2 . THR A 1 82  ? 1.191   -8.470  -0.138  1.00   17.10 ? 82   THR A CG2 1 
ATOM   607  N N   . ASP A 1 83  ? 2.880   -6.380  -2.062  1.00   16.07 ? 83   ASP A N   1 
ATOM   608  C CA  . ASP A 1 83  ? 2.412   -5.828  -3.320  1.00   17.40 ? 83   ASP A CA  1 
ATOM   609  C C   . ASP A 1 83  ? 1.420   -6.806  -3.921  1.00   15.67 ? 83   ASP A C   1 
ATOM   610  O O   . ASP A 1 83  ? 1.664   -8.013  -3.931  1.00   16.47 ? 83   ASP A O   1 
ATOM   611  C CB  . ASP A 1 83  ? 3.568   -5.621  -4.307  1.00   24.73 ? 83   ASP A CB  1 
ATOM   612  C CG  . ASP A 1 83  ? 4.429   -4.428  -3.958  1.00   30.20 ? 83   ASP A CG  1 
ATOM   613  O OD1 . ASP A 1 83  ? 3.866   -3.374  -3.599  1.00   35.49 ? 83   ASP A OD1 1 
ATOM   614  O OD2 . ASP A 1 83  ? 5.670   -4.535  -4.062  1.00   35.23 ? 83   ASP A OD2 1 
ATOM   615  N N   . CYS A 1 84  ? 0.299   -6.281  -4.406  1.00   13.58 ? 84   CYS A N   1 
ATOM   616  C CA  . CYS A 1 84  ? -0.726  -7.097  -5.043  1.00   14.62 ? 84   CYS A CA  1 
ATOM   617  C C   . CYS A 1 84  ? -0.709  -6.708  -6.518  1.00   14.25 ? 84   CYS A C   1 
ATOM   618  O O   . CYS A 1 84  ? -0.745  -5.523  -6.842  1.00   14.05 ? 84   CYS A O   1 
ATOM   619  C CB  . CYS A 1 84  ? -2.107  -6.801  -4.452  1.00   14.38 ? 84   CYS A CB  1 
ATOM   620  S SG  . CYS A 1 84  ? -2.358  -7.290  -2.711  1.00   18.97 ? 84   CYS A SG  1 
ATOM   621  N N   . ARG A 1 85  ? -0.658  -7.698  -7.404  1.00   16.20 ? 85   ARG A N   1 
ATOM   622  C CA  . ARG A 1 85  ? -0.613  -7.441  -8.848  1.00   17.81 ? 85   ARG A CA  1 
ATOM   623  C C   . ARG A 1 85  ? -1.547  -8.387  -9.605  1.00   17.83 ? 85   ARG A C   1 
ATOM   624  O O   . ARG A 1 85  ? -1.410  -9.612  -9.494  1.00   16.09 ? 85   ARG A O   1 
ATOM   625  C CB  . ARG A 1 85  ? 0.820   -7.629  -9.352  1.00   21.77 ? 85   ARG A CB  1 
ATOM   626  C CG  . ARG A 1 85  ? 1.866   -6.812  -8.586  1.00   29.36 ? 85   ARG A CG  1 
ATOM   627  C CD  . ARG A 1 85  ? 2.259   -5.555  -9.343  1.00   33.28 ? 85   ARG A CD  1 
ATOM   628  N NE  . ARG A 1 85  ? 3.138   -4.672  -8.577  1.00   37.09 ? 85   ARG A NE  1 
ATOM   629  C CZ  . ARG A 1 85  ? 3.876   -3.710  -9.124  1.00   38.98 ? 85   ARG A CZ  1 
ATOM   630  N NH1 . ARG A 1 85  ? 3.839   -3.520  -10.434 1.00   40.58 ? 85   ARG A NH1 1 
ATOM   631  N NH2 . ARG A 1 85  ? 4.640   -2.932  -8.369  1.00   41.11 ? 85   ARG A NH2 1 
ATOM   632  N N   . LEU A 1 86  ? -2.487  -7.823  -10.372 1.00   19.58 ? 86   LEU A N   1 
ATOM   633  C CA  . LEU A 1 86  ? -3.458  -8.627  -11.140 1.00   22.14 ? 86   LEU A CA  1 
ATOM   634  C C   . LEU A 1 86  ? -2.742  -9.677  -11.987 1.00   21.35 ? 86   LEU A C   1 
ATOM   635  O O   . LEU A 1 86  ? -1.764  -9.373  -12.668 1.00   19.08 ? 86   LEU A O   1 
ATOM   636  C CB  . LEU A 1 86  ? -4.361  -7.745  -12.056 1.00   23.06 ? 86   LEU A CB  1 
ATOM   637  C CG  A LEU A 1 86  ? -5.274  -6.742  -11.329 0.40   24.55 ? 86   LEU A CG  1 
ATOM   638  C CG  B LEU A 1 86  ? -5.452  -8.582  -12.775 0.60   23.52 ? 86   LEU A CG  1 
ATOM   639  C CD1 A LEU A 1 86  ? -4.513  -6.136  -10.256 0.30   24.11 ? 86   LEU A CD1 1 
ATOM   640  C CD1 B LEU A 1 86  ? -6.551  -8.951  -11.759 0.70   22.54 ? 86   LEU A CD1 1 
ATOM   641  C CD2 A LEU A 1 86  ? -5.803  -5.656  -12.233 0.20   25.07 ? 86   LEU A CD2 1 
ATOM   642  C CD2 B LEU A 1 86  ? -6.047  -7.850  -14.000 0.80   24.09 ? 86   LEU A CD2 1 
ATOM   643  N N   . THR A 1 87  ? -3.221  -10.918 -11.927 1.00   26.16 ? 87   THR A N   1 
ATOM   644  C CA  . THR A 1 87  ? -2.627  -12.006 -12.700 1.00   29.88 ? 87   THR A CA  1 
ATOM   645  C C   . THR A 1 87  ? -3.059  -11.893 -14.163 1.00   32.94 ? 87   THR A C   1 
ATOM   646  O O   . THR A 1 87  ? -4.060  -11.250 -14.475 1.00   34.25 ? 87   THR A O   1 
ATOM   647  C CB  . THR A 1 87  ? -3.054  -13.383 -12.157 1.00   29.76 ? 87   THR A CB  1 
ATOM   648  O OG1 . THR A 1 87  ? -4.450  -13.583 -12.399 1.00   34.12 ? 87   THR A OG1 1 
ATOM   649  C CG2 . THR A 1 87  ? -2.794  -13.468 -10.661 1.00   31.81 ? 87   THR A CG2 1 
ATOM   650  N N   . ASN A 1 88  ? -2.309  -12.531 -15.053 1.00   37.86 ? 88   ASN A N   1 
ATOM   651  C CA  . ASN A 1 88  ? -2.593  -12.476 -16.485 1.00   41.35 ? 88   ASN A CA  1 
ATOM   652  C C   . ASN A 1 88  ? -3.947  -13.054 -16.904 1.00   45.02 ? 88   ASN A C   1 
ATOM   653  O O   . ASN A 1 88  ? -4.647  -12.466 -17.731 1.00   45.74 ? 88   ASN A O   1 
ATOM   654  C CB  . ASN A 1 88  ? -1.483  -13.183 -17.268 1.00   41.38 ? 88   ASN A CB  1 
ATOM   655  C CG  . ASN A 1 88  ? -0.093  -12.827 -16.766 1.00   41.87 ? 88   ASN A CG  1 
ATOM   656  O OD1 . ASN A 1 88  ? 0.162   -11.698 -16.341 1.00   39.65 ? 88   ASN A OD1 1 
ATOM   657  N ND2 . ASN A 1 88  ? 0.819   -13.791 -16.827 1.00   42.66 ? 88   ASN A ND2 1 
ATOM   658  N N   . GLY A 1 89  ? -4.314  -14.203 -16.344 1.00   47.43 ? 89   GLY A N   1 
ATOM   659  C CA  . GLY A 1 89  ? -5.580  -14.816 -16.710 1.00   50.58 ? 89   GLY A CA  1 
ATOM   660  C C   . GLY A 1 89  ? -6.755  -14.335 -15.880 1.00   52.82 ? 89   GLY A C   1 
ATOM   661  O O   . GLY A 1 89  ? -7.700  -15.087 -15.636 1.00   54.15 ? 89   GLY A O   1 
ATOM   662  N N   . SER A 1 90  ? -6.705  -13.075 -15.460 1.00   52.62 ? 90   SER A N   1 
ATOM   663  C CA  . SER A 1 90  ? -7.765  -12.510 -14.636 1.00   52.21 ? 90   SER A CA  1 
ATOM   664  C C   . SER A 1 90  ? -8.666  -11.528 -15.386 1.00   52.25 ? 90   SER A C   1 
ATOM   665  O O   . SER A 1 90  ? -8.193  -10.529 -15.929 1.00   51.66 ? 90   SER A O   1 
ATOM   666  C CB  . SER A 1 90  ? -7.145  -11.815 -13.419 1.00   50.68 ? 90   SER A CB  1 
ATOM   667  O OG  . SER A 1 90  ? -8.142  -11.393 -12.507 1.00   48.15 ? 90   SER A OG  1 
ATOM   668  N N   . ARG A 1 91  ? -9.965  -11.820 -15.414 1.00   52.89 ? 91   ARG A N   1 
ATOM   669  C CA  . ARG A 1 91  ? -10.927 -10.947 -16.077 1.00   53.68 ? 91   ARG A CA  1 
ATOM   670  C C   . ARG A 1 91  ? -12.152 -10.725 -15.190 1.00   52.56 ? 91   ARG A C   1 
ATOM   671  O O   . ARG A 1 91  ? -12.803 -11.678 -14.753 1.00   53.62 ? 91   ARG A O   1 
ATOM   672  C CB  . ARG A 1 91  ? -11.365 -11.529 -17.432 1.00   55.08 ? 91   ARG A CB  1 
ATOM   673  C CG  . ARG A 1 91  ? -12.461 -12.582 -17.365 0.0000 57.76 ? 91   ARG A CG  1 
ATOM   674  C CD  . ARG A 1 91  ? -12.985 -12.920 -18.754 0.0000 59.84 ? 91   ARG A CD  1 
ATOM   675  N NE  . ARG A 1 91  ? -14.114 -13.845 -18.703 0.0000 61.83 ? 91   ARG A NE  1 
ATOM   676  C CZ  . ARG A 1 91  ? -14.668 -14.408 -19.771 0.0000 62.79 ? 91   ARG A CZ  1 
ATOM   677  N NH1 . ARG A 1 91  ? -14.199 -14.143 -20.984 0.0000 63.44 ? 91   ARG A NH1 1 
ATOM   678  N NH2 . ARG A 1 91  ? -15.689 -15.242 -19.630 0.0000 63.45 ? 91   ARG A NH2 1 
ATOM   679  N N   . TYR A 1 92  ? -12.446 -9.457  -14.916 1.00   51.35 ? 92   TYR A N   1 
ATOM   680  C CA  . TYR A 1 92  ? -13.587 -9.067  -14.092 1.00   47.89 ? 92   TYR A CA  1 
ATOM   681  C C   . TYR A 1 92  ? -14.809 -9.887  -14.510 1.00   47.35 ? 92   TYR A C   1 
ATOM   682  O O   . TYR A 1 92  ? -14.964 -10.202 -15.689 1.00   47.51 ? 92   TYR A O   1 
ATOM   683  C CB  . TYR A 1 92  ? -13.864 -7.575  -14.291 1.00   46.15 ? 92   TYR A CB  1 
ATOM   684  C CG  . TYR A 1 92  ? -14.922 -7.023  -13.373 1.00   43.71 ? 92   TYR A CG  1 
ATOM   685  C CD1 . TYR A 1 92  ? -14.653 -6.812  -12.023 1.00   42.19 ? 92   TYR A CD1 1 
ATOM   686  C CD2 . TYR A 1 92  ? -16.207 -6.758  -13.840 1.00   41.08 ? 92   TYR A CD2 1 
ATOM   687  C CE1 . TYR A 1 92  ? -15.639 -6.356  -11.157 1.00   42.00 ? 92   TYR A CE1 1 
ATOM   688  C CE2 . TYR A 1 92  ? -17.201 -6.303  -12.983 1.00   42.28 ? 92   TYR A CE2 1 
ATOM   689  C CZ  . TYR A 1 92  ? -16.911 -6.105  -11.642 1.00   41.77 ? 92   TYR A CZ  1 
ATOM   690  O OH  . TYR A 1 92  ? -17.891 -5.670  -10.782 1.00   42.19 ? 92   TYR A OH  1 
ATOM   691  N N   . PRO A 1 93  ? -15.705 -10.233 -13.562 1.00   45.80 ? 93   PRO A N   1 
ATOM   692  C CA  . PRO A 1 93  ? -15.760 -9.966  -12.117 1.00   44.49 ? 93   PRO A CA  1 
ATOM   693  C C   . PRO A 1 93  ? -14.759 -10.787 -11.308 1.00   42.53 ? 93   PRO A C   1 
ATOM   694  O O   . PRO A 1 93  ? -14.533 -10.525 -10.129 1.00   42.64 ? 93   PRO A O   1 
ATOM   695  C CB  . PRO A 1 93  ? -17.203 -10.330 -11.744 1.00   44.63 ? 93   PRO A CB  1 
ATOM   696  C CG  . PRO A 1 93  ? -17.943 -10.318 -13.055 1.00   45.61 ? 93   PRO A CG  1 
ATOM   697  C CD  . PRO A 1 93  ? -16.937 -10.908 -13.992 1.00   46.28 ? 93   PRO A CD  1 
ATOM   698  N N   . ASN A 1 94  ? -14.180 -11.794 -11.948 1.00   41.83 ? 94   ASN A N   1 
ATOM   699  C CA  . ASN A 1 94  ? -13.205 -12.654 -11.292 1.00   39.98 ? 94   ASN A CA  1 
ATOM   700  C C   . ASN A 1 94  ? -11.865 -11.922 -11.269 1.00   38.57 ? 94   ASN A C   1 
ATOM   701  O O   . ASN A 1 94  ? -11.198 -11.813 -12.297 1.00   41.32 ? 94   ASN A O   1 
ATOM   702  C CB  . ASN A 1 94  ? -13.068 -13.965 -12.070 0.0000 40.82 ? 94   ASN A CB  1 
ATOM   703  C CG  . ASN A 1 94  ? -14.411 -14.576 -12.422 0.0000 41.17 ? 94   ASN A CG  1 
ATOM   704  O OD1 . ASN A 1 94  ? -15.149 -15.035 -11.549 0.0000 41.49 ? 94   ASN A OD1 1 
ATOM   705  N ND2 . ASN A 1 94  ? -14.739 -14.578 -13.709 0.0000 41.47 ? 94   ASN A ND2 1 
ATOM   706  N N   . CYS A 1 95  ? -11.480 -11.412 -10.103 1.00   34.19 ? 95   CYS A N   1 
ATOM   707  C CA  . CYS A 1 95  ? -10.217 -10.690 -9.969  1.00   30.46 ? 95   CYS A CA  1 
ATOM   708  C C   . CYS A 1 95  ? -9.176  -11.518 -9.211  1.00   28.09 ? 95   CYS A C   1 
ATOM   709  O O   . CYS A 1 95  ? -9.315  -11.754 -8.007  1.00   27.05 ? 95   CYS A O   1 
ATOM   710  C CB  . CYS A 1 95  ? -10.431 -9.350  -9.243  1.00   30.31 ? 95   CYS A CB  1 
ATOM   711  S SG  . CYS A 1 95  ? -11.484 -8.106  -10.075 1.00   27.96 ? 95   CYS A SG  1 
ATOM   712  N N   . ALA A 1 96  ? -8.133  -11.948 -9.919  1.00   23.49 ? 96   ALA A N   1 
ATOM   713  C CA  . ALA A 1 96  ? -7.068  -12.754 -9.321  1.00   22.04 ? 96   ALA A CA  1 
ATOM   714  C C   . ALA A 1 96  ? -5.762  -11.964 -9.200  1.00   20.41 ? 96   ALA A C   1 
ATOM   715  O O   . ALA A 1 96  ? -5.347  -11.282 -10.143 1.00   19.17 ? 96   ALA A O   1 
ATOM   716  C CB  . ALA A 1 96  ? -6.843  -14.010 -10.152 1.00   23.97 ? 96   ALA A CB  1 
ATOM   717  N N   . TYR A 1 97  ? -5.102  -12.095 -8.050  1.00   17.45 ? 97   TYR A N   1 
ATOM   718  C CA  . TYR A 1 97  ? -3.865  -11.372 -7.774  1.00   15.55 ? 97   TYR A CA  1 
ATOM   719  C C   . TYR A 1 97  ? -2.675  -12.201 -7.306  1.00   17.52 ? 97   TYR A C   1 
ATOM   720  O O   . TYR A 1 97  ? -2.832  -13.230 -6.654  1.00   15.44 ? 97   TYR A O   1 
ATOM   721  C CB  . TYR A 1 97  ? -4.103  -10.323 -6.688  1.00   14.39 ? 97   TYR A CB  1 
ATOM   722  C CG  . TYR A 1 97  ? -5.060  -9.231  -7.051  1.00   12.43 ? 97   TYR A CG  1 
ATOM   723  C CD1 . TYR A 1 97  ? -6.439  -9.418  -6.977  1.00   12.27 ? 97   TYR A CD1 1 
ATOM   724  C CD2 . TYR A 1 97  ? -4.584  -7.997  -7.462  1.00   13.92 ? 97   TYR A CD2 1 
ATOM   725  C CE1 . TYR A 1 97  ? -7.322  -8.380  -7.310  1.00   12.52 ? 97   TYR A CE1 1 
ATOM   726  C CE2 . TYR A 1 97  ? -5.447  -6.974  -7.792  1.00   14.55 ? 97   TYR A CE2 1 
ATOM   727  C CZ  . TYR A 1 97  ? -6.805  -7.161  -7.722  1.00   13.07 ? 97   TYR A CZ  1 
ATOM   728  O OH  . TYR A 1 97  ? -7.623  -6.119  -8.109  1.00   13.81 ? 97   TYR A OH  1 
ATOM   729  N N   . ARG A 1 98  ? -1.478  -11.718 -7.628  1.00   17.69 ? 98   ARG A N   1 
ATOM   730  C CA  . ARG A 1 98  ? -0.251  -12.349 -7.171  1.00   17.70 ? 98   ARG A CA  1 
ATOM   731  C C   . ARG A 1 98  ? 0.087   -11.594 -5.879  1.00   15.84 ? 98   ARG A C   1 
ATOM   732  O O   . ARG A 1 98  ? 0.004   -10.368 -5.841  1.00   14.30 ? 98   ARG A O   1 
ATOM   733  C CB  . ARG A 1 98  ? 0.887   -12.151 -8.177  1.00   22.27 ? 98   ARG A CB  1 
ATOM   734  C CG  . ARG A 1 98  ? 0.731   -12.903 -9.497  1.00   27.96 ? 98   ARG A CG  1 
ATOM   735  C CD  . ARG A 1 98  ? 2.016   -12.815 -10.319 1.00   31.40 ? 98   ARG A CD  1 
ATOM   736  N NE  . ARG A 1 98  ? 3.142   -13.466 -9.648  0.0000 34.06 ? 98   ARG A NE  1 
ATOM   737  C CZ  . ARG A 1 98  ? 3.271   -14.781 -9.501  0.0000 35.43 ? 98   ARG A CZ  1 
ATOM   738  N NH1 . ARG A 1 98  ? 2.344   -15.599 -9.980  0.0000 36.32 ? 98   ARG A NH1 1 
ATOM   739  N NH2 . ARG A 1 98  ? 4.325   -15.282 -8.870  0.0000 36.32 ? 98   ARG A NH2 1 
ATOM   740  N N   . THR A 1 99  ? 0.442   -12.328 -4.828  1.00   13.77 ? 99   THR A N   1 
ATOM   741  C CA  . THR A 1 99  ? 0.797   -11.741 -3.537  1.00   13.54 ? 99   THR A CA  1 
ATOM   742  C C   . THR A 1 99  ? 2.320   -11.747 -3.393  1.00   16.11 ? 99   THR A C   1 
ATOM   743  O O   . THR A 1 99  ? 2.946   -12.802 -3.460  1.00   16.06 ? 99   THR A O   1 
ATOM   744  C CB  . THR A 1 99  ? 0.180   -12.556 -2.371  1.00   11.77 ? 99   THR A CB  1 
ATOM   745  O OG1 . THR A 1 99  ? -1.247  -12.559 -2.490  1.00   13.54 ? 99   THR A OG1 1 
ATOM   746  C CG2 . THR A 1 99  ? 0.571   -11.954 -1.025  1.00   13.13 ? 99   THR A CG2 1 
ATOM   747  N N   . SER A 1 100 ? 2.912   -10.570 -3.203  1.00   17.13 ? 100  SER A N   1 
ATOM   748  C CA  . SER A 1 100 ? 4.361   -10.460 -3.068  1.00   18.87 ? 100  SER A CA  1 
ATOM   749  C C   . SER A 1 100 ? 4.830   -9.678  -1.842  1.00   16.46 ? 100  SER A C   1 
ATOM   750  O O   . SER A 1 100 ? 4.908   -8.450  -1.872  1.00   14.58 ? 100  SER A O   1 
ATOM   751  C CB  . SER A 1 100 ? 4.956   -9.817  -4.328  1.00   19.07 ? 100  SER A CB  1 
ATOM   752  O OG  . SER A 1 100 ? 4.672   -10.595 -5.476  1.00   25.61 ? 100  SER A OG  1 
ATOM   753  N N   . PRO A 1 101 ? 5.155   -10.383 -0.749  1.00   18.57 ? 101  PRO A N   1 
ATOM   754  C CA  . PRO A 1 101 ? 5.622   -9.719  0.473   1.00   21.13 ? 101  PRO A CA  1 
ATOM   755  C C   . PRO A 1 101 ? 7.020   -9.159  0.245   1.00   22.17 ? 101  PRO A C   1 
ATOM   756  O O   . PRO A 1 101 ? 7.838   -9.789  -0.426  1.00   20.71 ? 101  PRO A O   1 
ATOM   757  C CB  . PRO A 1 101 ? 5.633   -10.849 1.502   1.00   20.20 ? 101  PRO A CB  1 
ATOM   758  C CG  . PRO A 1 101 ? 4.604   -11.808 0.983   1.00   22.43 ? 101  PRO A CG  1 
ATOM   759  C CD  . PRO A 1 101 ? 4.896   -11.810 -0.494  1.00   18.57 ? 101  PRO A CD  1 
ATOM   760  N N   . LYS A 1 102 ? 7.291   -7.980  0.792   1.00   20.87 ? 102  LYS A N   1 
ATOM   761  C CA  . LYS A 1 102 ? 8.601   -7.355  0.645   1.00   20.97 ? 102  LYS A CA  1 
ATOM   762  C C   . LYS A 1 102 ? 8.915   -6.488  1.857   1.00   20.05 ? 102  LYS A C   1 
ATOM   763  O O   . LYS A 1 102 ? 8.025   -6.135  2.623   1.00   14.24 ? 102  LYS A O   1 
ATOM   764  C CB  . LYS A 1 102 ? 8.638   -6.461  -0.598  1.00   24.41 ? 102  LYS A CB  1 
ATOM   765  C CG  . LYS A 1 102 ? 8.199   -7.127  -1.881  1.00   27.52 ? 102  LYS A CG  1 
ATOM   766  C CD  . LYS A 1 102 ? 8.128   -6.124  -3.019  1.00   31.61 ? 102  LYS A CD  1 
ATOM   767  C CE  . LYS A 1 102 ? 7.556   -6.778  -4.267  1.00   31.95 ? 102  LYS A CE  1 
ATOM   768  N NZ  . LYS A 1 102 ? 7.543   -5.861  -5.440  1.00   36.58 ? 102  LYS A NZ  1 
ATOM   769  N N   . GLU A 1 103 ? 10.191  -6.153  2.014   1.00   19.54 ? 103  GLU A N   1 
ATOM   770  C CA  . GLU A 1 103 ? 10.650  -5.281  3.090   1.00   22.59 ? 103  GLU A CA  1 
ATOM   771  C C   . GLU A 1 103 ? 11.335  -4.114  2.393   1.00   23.07 ? 103  GLU A C   1 
ATOM   772  O O   . GLU A 1 103 ? 12.463  -4.249  1.916   1.00   24.10 ? 103  GLU A O   1 
ATOM   773  C CB  . GLU A 1 103 ? 11.663  -5.993  3.987   1.00   25.19 ? 103  GLU A CB  1 
ATOM   774  C CG  . GLU A 1 103 ? 11.081  -7.057  4.890   1.00   32.01 ? 103  GLU A CG  1 
ATOM   775  C CD  . GLU A 1 103 ? 12.135  -7.692  5.783   1.00   34.07 ? 103  GLU A CD  1 
ATOM   776  O OE1 . GLU A 1 103 ? 12.800  -6.950  6.539   1.00   37.18 ? 103  GLU A OE1 1 
ATOM   777  O OE2 . GLU A 1 103 ? 12.296  -8.929  5.729   0.0000 34.71 ? 103  GLU A OE2 1 
ATOM   778  N N   . ARG A 1 104 ? 10.651  -2.977  2.313   1.00   19.88 ? 104  ARG A N   1 
ATOM   779  C CA  . ARG A 1 104 ? 11.221  -1.808  1.654   1.00   19.80 ? 104  ARG A CA  1 
ATOM   780  C C   . ARG A 1 104 ? 10.879  -0.510  2.359   1.00   19.48 ? 104  ARG A C   1 
ATOM   781  O O   . ARG A 1 104 ? 9.947   -0.452  3.158   1.00   19.45 ? 104  ARG A O   1 
ATOM   782  C CB  . ARG A 1 104 ? 10.711  -1.698  0.217   1.00   22.28 ? 104  ARG A CB  1 
ATOM   783  C CG  . ARG A 1 104 ? 10.847  -2.951  -0.622  1.00   26.86 ? 104  ARG A CG  1 
ATOM   784  C CD  . ARG A 1 104 ? 10.866  -2.596  -2.102  1.00   32.14 ? 104  ARG A CD  1 
ATOM   785  N NE  . ARG A 1 104 ? 10.877  -3.773  -2.965  1.00   36.58 ? 104  ARG A NE  1 
ATOM   786  C CZ  . ARG A 1 104 ? 11.714  -4.799  -2.835  1.00   38.35 ? 104  ARG A CZ  1 
ATOM   787  N NH1 . ARG A 1 104 ? 12.622  -4.808  -1.868  1.00   36.72 ? 104  ARG A NH1 1 
ATOM   788  N NH2 . ARG A 1 104 ? 11.642  -5.821  -3.679  1.00   40.32 ? 104  ARG A NH2 1 
ATOM   789  N N   . HIS A 1 105 ? 11.649  0.531   2.061   1.00   17.16 ? 105  HIS A N   1 
ATOM   790  C CA  . HIS A 1 105 ? 11.370  1.844   2.621   1.00   18.98 ? 105  HIS A CA  1 
ATOM   791  C C   . HIS A 1 105 ? 10.156  2.300   1.815   1.00   17.36 ? 105  HIS A C   1 
ATOM   792  O O   . HIS A 1 105 ? 10.048  1.991   0.623   1.00   14.97 ? 105  HIS A O   1 
ATOM   793  C CB  . HIS A 1 105 ? 12.543  2.801   2.382   1.00   20.23 ? 105  HIS A CB  1 
ATOM   794  C CG  . HIS A 1 105 ? 13.759  2.490   3.198   1.00   25.16 ? 105  HIS A CG  1 
ATOM   795  N ND1 . HIS A 1 105 ? 14.096  3.198   4.336   1.00   26.45 ? 105  HIS A ND1 1 
ATOM   796  C CD2 . HIS A 1 105 ? 14.714  1.540   3.056   1.00   25.61 ? 105  HIS A CD2 1 
ATOM   797  C CE1 . HIS A 1 105 ? 15.201  2.697   4.853   1.00   25.67 ? 105  HIS A CE1 1 
ATOM   798  N NE2 . HIS A 1 105 ? 15.597  1.689   4.095   1.00   26.82 ? 105  HIS A NE2 1 
ATOM   799  N N   . ILE A 1 106 ? 9.231   3.007   2.446   1.00   13.11 ? 106  ILE A N   1 
ATOM   800  C CA  . ILE A 1 106 ? 8.058   3.461   1.717   1.00   13.80 ? 106  ILE A CA  1 
ATOM   801  C C   . ILE A 1 106 ? 8.025   4.980   1.628   1.00   15.16 ? 106  ILE A C   1 
ATOM   802  O O   . ILE A 1 106 ? 8.637   5.672   2.437   1.00   13.71 ? 106  ILE A O   1 
ATOM   803  C CB  . ILE A 1 106 ? 6.753   2.967   2.382   1.00   16.13 ? 106  ILE A CB  1 
ATOM   804  C CG1 . ILE A 1 106 ? 6.585   3.610   3.760   1.00   15.58 ? 106  ILE A CG1 1 
ATOM   805  C CG2 . ILE A 1 106 ? 6.788   1.453   2.523   1.00   15.28 ? 106  ILE A CG2 1 
ATOM   806  C CD1 . ILE A 1 106 ? 5.232   3.331   4.399   1.00   15.32 ? 106  ILE A CD1 1 
ATOM   807  N N   . ILE A 1 107 ? 7.313   5.492   0.631   1.00   13.17 ? 107  ILE A N   1 
ATOM   808  C CA  . ILE A 1 107 ? 7.194   6.926   0.446   1.00   12.57 ? 107  ILE A CA  1 
ATOM   809  C C   . ILE A 1 107 ? 5.707   7.258   0.421   1.00   12.41 ? 107  ILE A C   1 
ATOM   810  O O   . ILE A 1 107 ? 4.948   6.685   -0.363  1.00   11.70 ? 107  ILE A O   1 
ATOM   811  C CB  . ILE A 1 107 ? 7.870   7.380   -0.874  1.00   15.54 ? 107  ILE A CB  1 
ATOM   812  C CG1 . ILE A 1 107 ? 9.355   6.997   -0.854  1.00   15.98 ? 107  ILE A CG1 1 
ATOM   813  C CG2 . ILE A 1 107 ? 7.724   8.888   -1.050  1.00   14.52 ? 107  ILE A CG2 1 
ATOM   814  C CD1 . ILE A 1 107 ? 10.113  7.389   -2.112  1.00   19.88 ? 107  ILE A CD1 1 
ATOM   815  N N   . VAL A 1 108 ? 5.293   8.168   1.300   1.00   10.24 ? 108  VAL A N   1 
ATOM   816  C CA  . VAL A 1 108 ? 3.890   8.566   1.389   1.00   12.09 ? 108  VAL A CA  1 
ATOM   817  C C   . VAL A 1 108 ? 3.689   10.065  1.252   1.00   12.98 ? 108  VAL A C   1 
ATOM   818  O O   . VAL A 1 108 ? 4.597   10.856  1.513   1.00   15.74 ? 108  VAL A O   1 
ATOM   819  C CB  . VAL A 1 108 ? 3.258   8.146   2.748   1.00   11.14 ? 108  VAL A CB  1 
ATOM   820  C CG1 . VAL A 1 108 ? 3.222   6.631   2.875   1.00   9.37  ? 108  VAL A CG1 1 
ATOM   821  C CG2 . VAL A 1 108 ? 4.053   8.757   3.896   1.00   7.60  ? 108  VAL A CG2 1 
ATOM   822  N N   . ALA A 1 109 ? 2.486   10.444  0.835   1.00   11.34 ? 109  ALA A N   1 
ATOM   823  C CA  . ALA A 1 109 ? 2.114   11.842  0.697   1.00   14.16 ? 109  ALA A CA  1 
ATOM   824  C C   . ALA A 1 109 ? 1.277   12.116  1.938   1.00   13.56 ? 109  ALA A C   1 
ATOM   825  O O   . ALA A 1 109 ? 0.394   11.332  2.270   1.00   15.28 ? 109  ALA A O   1 
ATOM   826  C CB  . ALA A 1 109 ? 1.276   12.053  -0.557  1.00   11.79 ? 109  ALA A CB  1 
ATOM   827  N N   . CYS A 1 110 ? 1.557   13.213  2.629   1.00   11.59 ? 110  CYS A N   1 
ATOM   828  C CA  . CYS A 1 110 ? 0.813   13.539  3.839   1.00   13.49 ? 110  CYS A CA  1 
ATOM   829  C C   . CYS A 1 110 ? 0.064   14.853  3.694   1.00   13.32 ? 110  CYS A C   1 
ATOM   830  O O   . CYS A 1 110 ? 0.521   15.766  3.003   1.00   14.97 ? 110  CYS A O   1 
ATOM   831  C CB  . CYS A 1 110 ? 1.772   13.616  5.023   1.00   12.41 ? 110  CYS A CB  1 
ATOM   832  S SG  . CYS A 1 110 ? 2.754   12.106  5.292   1.00   14.23 ? 110  CYS A SG  1 
ATOM   833  N N   . GLU A 1 111 ? -1.085  14.941  4.360   1.00   13.71 ? 111  GLU A N   1 
ATOM   834  C CA  . GLU A 1 111 ? -1.926  16.132  4.324   1.00   14.10 ? 111  GLU A CA  1 
ATOM   835  C C   . GLU A 1 111 ? -2.907  16.146  5.487   1.00   11.55 ? 111  GLU A C   1 
ATOM   836  O O   . GLU A 1 111 ? -3.110  15.132  6.151   1.00   10.97 ? 111  GLU A O   1 
ATOM   837  C CB  . GLU A 1 111 ? -2.747  16.177  3.028   1.00   17.61 ? 111  GLU A CB  1 
ATOM   838  C CG  . GLU A 1 111 ? -1.960  16.472  1.767   1.00   26.27 ? 111  GLU A CG  1 
ATOM   839  C CD  . GLU A 1 111 ? -2.738  16.134  0.508   1.00   28.92 ? 111  GLU A CD  1 
ATOM   840  O OE1 . GLU A 1 111 ? -3.882  15.647  0.625   1.00   29.69 ? 111  GLU A OE1 1 
ATOM   841  O OE2 . GLU A 1 111 ? -2.202  16.350  -0.598  1.00   33.49 ? 111  GLU A OE2 1 
ATOM   842  N N   . GLY A 1 112 ? -3.516  17.310  5.704   1.00   12.22 ? 112  GLY A N   1 
ATOM   843  C CA  . GLY A 1 112 ? -4.524  17.458  6.736   1.00   13.43 ? 112  GLY A CA  1 
ATOM   844  C C   . GLY A 1 112 ? -4.073  17.818  8.137   1.00   13.66 ? 112  GLY A C   1 
ATOM   845  O O   . GLY A 1 112 ? -2.903  18.101  8.393   1.00   13.74 ? 112  GLY A O   1 
ATOM   846  N N   . SER A 1 113 ? -5.047  17.818  9.041   1.00   13.86 ? 113  SER A N   1 
ATOM   847  C CA  . SER A 1 113 ? -4.828  18.110  10.449  1.00   15.59 ? 113  SER A CA  1 
ATOM   848  C C   . SER A 1 113 ? -5.763  17.196  11.233  1.00   12.21 ? 113  SER A C   1 
ATOM   849  O O   . SER A 1 113 ? -6.973  17.416  11.260  1.00   15.81 ? 113  SER A O   1 
ATOM   850  C CB  . SER A 1 113 ? -5.158  19.569  10.753  1.00   16.52 ? 113  SER A CB  1 
ATOM   851  O OG  . SER A 1 113 ? -4.859  19.870  12.105  1.00   16.77 ? 113  SER A OG  1 
ATOM   852  N N   . PRO A 1 114 ? -5.213  16.163  11.889  1.00   13.84 ? 114  PRO A N   1 
ATOM   853  C CA  . PRO A 1 114 ? -3.788  15.819  11.954  1.00   12.72 ? 114  PRO A CA  1 
ATOM   854  C C   . PRO A 1 114 ? -3.128  15.548  10.601  1.00   12.98 ? 114  PRO A C   1 
ATOM   855  O O   . PRO A 1 114 ? -3.759  15.060  9.670   1.00   12.75 ? 114  PRO A O   1 
ATOM   856  C CB  . PRO A 1 114 ? -3.772  14.590  12.853  1.00   13.03 ? 114  PRO A CB  1 
ATOM   857  C CG  . PRO A 1 114 ? -5.081  13.939  12.540  1.00   17.36 ? 114  PRO A CG  1 
ATOM   858  C CD  . PRO A 1 114 ? -6.023  15.121  12.545  1.00   15.84 ? 114  PRO A CD  1 
ATOM   859  N N   . TYR A 1 115 ? -1.844  15.878  10.521  1.00   10.22 ? 115  TYR A N   1 
ATOM   860  C CA  . TYR A 1 115 ? -1.042  15.688  9.314   1.00   11.05 ? 115  TYR A CA  1 
ATOM   861  C C   . TYR A 1 115 ? -0.667  14.207  9.294   1.00   9.62  ? 115  TYR A C   1 
ATOM   862  O O   . TYR A 1 115 ? 0.172   13.758  10.089  1.00   10.14 ? 115  TYR A O   1 
ATOM   863  C CB  . TYR A 1 115 ? 0.213   16.563  9.410   1.00   9.81  ? 115  TYR A CB  1 
ATOM   864  C CG  . TYR A 1 115 ? 1.007   16.707  8.135   1.00   10.65 ? 115  TYR A CG  1 
ATOM   865  C CD1 . TYR A 1 115 ? 0.446   17.300  7.002   1.00   10.08 ? 115  TYR A CD1 1 
ATOM   866  C CD2 . TYR A 1 115 ? 2.348   16.320  8.082   1.00   11.70 ? 115  TYR A CD2 1 
ATOM   867  C CE1 . TYR A 1 115 ? 1.198   17.515  5.852   1.00   11.02 ? 115  TYR A CE1 1 
ATOM   868  C CE2 . TYR A 1 115 ? 3.108   16.526  6.936   1.00   13.66 ? 115  TYR A CE2 1 
ATOM   869  C CZ  . TYR A 1 115 ? 2.526   17.128  5.827   1.00   11.95 ? 115  TYR A CZ  1 
ATOM   870  O OH  . TYR A 1 115 ? 3.281   17.364  4.708   1.00   16.16 ? 115  TYR A OH  1 
ATOM   871  N N   . VAL A 1 116 ? -1.293  13.451  8.397   1.00   8.49  ? 116  VAL A N   1 
ATOM   872  C CA  . VAL A 1 116 ? -1.054  12.011  8.306   1.00   8.62  ? 116  VAL A CA  1 
ATOM   873  C C   . VAL A 1 116 ? -0.954  11.573  6.844   1.00   10.28 ? 116  VAL A C   1 
ATOM   874  O O   . VAL A 1 116 ? -1.175  12.373  5.944   1.00   10.39 ? 116  VAL A O   1 
ATOM   875  C CB  . VAL A 1 116 ? -2.205  11.238  8.987   1.00   11.74 ? 116  VAL A CB  1 
ATOM   876  C CG1 . VAL A 1 116 ? -2.311  11.655  10.467  1.00   10.18 ? 116  VAL A CG1 1 
ATOM   877  C CG2 . VAL A 1 116 ? -3.525  11.528  8.255   1.00   8.89  ? 116  VAL A CG2 1 
ATOM   878  N N   . PRO A 1 117 ? -0.617  10.298  6.593   1.00   11.74 ? 117  PRO A N   1 
ATOM   879  C CA  . PRO A 1 117 ? -0.512  9.838   5.200   1.00   14.05 ? 117  PRO A CA  1 
ATOM   880  C C   . PRO A 1 117 ? -1.880  9.787   4.519   1.00   13.85 ? 117  PRO A C   1 
ATOM   881  O O   . PRO A 1 117 ? -2.869  9.374   5.130   1.00   13.00 ? 117  PRO A O   1 
ATOM   882  C CB  . PRO A 1 117 ? 0.098   8.442   5.340   1.00   12.47 ? 117  PRO A CB  1 
ATOM   883  C CG  . PRO A 1 117 ? 0.844   8.513   6.649   1.00   15.43 ? 117  PRO A CG  1 
ATOM   884  C CD  . PRO A 1 117 ? -0.127  9.263   7.518   1.00   13.19 ? 117  PRO A CD  1 
ATOM   885  N N   . VAL A 1 118 ? -1.933  10.194  3.255   1.00   12.29 ? 118  VAL A N   1 
ATOM   886  C CA  . VAL A 1 118 ? -3.184  10.164  2.505   1.00   12.26 ? 118  VAL A CA  1 
ATOM   887  C C   . VAL A 1 118 ? -3.034  9.396   1.192   1.00   12.56 ? 118  VAL A C   1 
ATOM   888  O O   . VAL A 1 118 ? -4.017  8.928   0.616   1.00   12.49 ? 118  VAL A O   1 
ATOM   889  C CB  . VAL A 1 118 ? -3.719  11.591  2.216   1.00   11.29 ? 118  VAL A CB  1 
ATOM   890  C CG1 . VAL A 1 118 ? -4.146  12.249  3.518   1.00   12.36 ? 118  VAL A CG1 1 
ATOM   891  C CG2 . VAL A 1 118 ? -2.658  12.433  1.523   1.00   12.74 ? 118  VAL A CG2 1 
ATOM   892  N N   . HIS A 1 119 ? -1.797  9.263   0.725   1.00   14.42 ? 119  HIS A N   1 
ATOM   893  C CA  . HIS A 1 119 ? -1.523  8.522   -0.500  1.00   15.38 ? 119  HIS A CA  1 
ATOM   894  C C   . HIS A 1 119 ? -0.225  7.740   -0.349  1.00   15.43 ? 119  HIS A C   1 
ATOM   895  O O   . HIS A 1 119 ? 0.722   8.216   0.275   1.00   15.97 ? 119  HIS A O   1 
ATOM   896  C CB  . HIS A 1 119 ? -1.399  9.473   -1.697  1.00   18.85 ? 119  HIS A CB  1 
ATOM   897  C CG  . HIS A 1 119 ? -2.643  10.255  -1.983  1.00   22.76 ? 119  HIS A CG  1 
ATOM   898  N ND1 . HIS A 1 119 ? -3.811  9.669   -2.427  1.00   25.69 ? 119  HIS A ND1 1 
ATOM   899  C CD2 . HIS A 1 119 ? -2.909  11.578  -1.871  1.00   23.96 ? 119  HIS A CD2 1 
ATOM   900  C CE1 . HIS A 1 119 ? -4.740  10.596  -2.572  1.00   24.50 ? 119  HIS A CE1 1 
ATOM   901  N NE2 . HIS A 1 119 ? -4.218  11.764  -2.240  1.00   24.64 ? 119  HIS A NE2 1 
ATOM   902  N N   . PHE A 1 120 ? -0.194  6.529   -0.898  1.00   16.94 ? 120  PHE A N   1 
ATOM   903  C CA  . PHE A 1 120 ? 1.009   5.705   -0.863  1.00   17.05 ? 120  PHE A CA  1 
ATOM   904  C C   . PHE A 1 120 ? 1.689   6.009   -2.193  1.00   19.29 ? 120  PHE A C   1 
ATOM   905  O O   . PHE A 1 120 ? 1.190   5.632   -3.252  1.00   16.98 ? 120  PHE A O   1 
ATOM   906  C CB  . PHE A 1 120 ? 0.647   4.219   -0.765  1.00   19.15 ? 120  PHE A CB  1 
ATOM   907  C CG  . PHE A 1 120 ? 1.834   3.301   -0.635  1.00   18.95 ? 120  PHE A CG  1 
ATOM   908  C CD1 . PHE A 1 120 ? 2.528   2.870   -1.761  1.00   21.54 ? 120  PHE A CD1 1 
ATOM   909  C CD2 . PHE A 1 120 ? 2.286   2.903   0.618   1.00   18.97 ? 120  PHE A CD2 1 
ATOM   910  C CE1 . PHE A 1 120 ? 3.644   2.043   -1.639  1.00   22.06 ? 120  PHE A CE1 1 
ATOM   911  C CE2 . PHE A 1 120 ? 3.398   2.078   0.748   1.00   20.38 ? 120  PHE A CE2 1 
ATOM   912  C CZ  . PHE A 1 120 ? 4.083   1.654   -0.383  1.00   21.27 ? 120  PHE A CZ  1 
ATOM   913  N N   . ASP A 1 121 ? 2.811   6.717   -2.136  1.00   20.48 ? 121  ASP A N   1 
ATOM   914  C CA  . ASP A 1 121 ? 3.529   7.102   -3.344  1.00   23.76 ? 121  ASP A CA  1 
ATOM   915  C C   . ASP A 1 121 ? 4.271   5.940   -3.997  1.00   24.56 ? 121  ASP A C   1 
ATOM   916  O O   . ASP A 1 121 ? 4.077   5.663   -5.181  1.00   26.39 ? 121  ASP A O   1 
ATOM   917  C CB  . ASP A 1 121 ? 4.514   8.232   -3.027  1.00   26.20 ? 121  ASP A CB  1 
ATOM   918  C CG  . ASP A 1 121 ? 5.132   8.834   -4.273  1.00   31.18 ? 121  ASP A CG  1 
ATOM   919  O OD1 . ASP A 1 121 ? 4.387   9.429   -5.081  1.00   29.95 ? 121  ASP A OD1 1 
ATOM   920  O OD2 . ASP A 1 121 ? 6.363   8.713   -4.445  1.00   30.40 ? 121  ASP A OD2 1 
ATOM   921  N N   . ALA A 1 122 ? 5.115   5.259   -3.230  1.00   22.72 ? 122  ALA A N   1 
ATOM   922  C CA  . ALA A 1 122 ? 5.879   4.136   -3.762  1.00   24.11 ? 122  ALA A CA  1 
ATOM   923  C C   . ALA A 1 122 ? 6.741   3.483   -2.689  1.00   24.43 ? 122  ALA A C   1 
ATOM   924  O O   . ALA A 1 122 ? 6.860   3.996   -1.576  1.00   20.25 ? 122  ALA A O   1 
ATOM   925  C CB  . ALA A 1 122 ? 6.775   4.615   -4.906  1.00   24.57 ? 122  ALA A CB  1 
ATOM   926  N N   . SER A 1 123 ? 7.330   2.341   -3.033  1.00   25.65 ? 123  SER A N   1 
ATOM   927  C CA  . SER A 1 123 ? 8.230   1.632   -2.133  1.00   26.44 ? 123  SER A CA  1 
ATOM   928  C C   . SER A 1 123 ? 9.609   1.788   -2.775  1.00   30.13 ? 123  SER A C   1 
ATOM   929  O O   . SER A 1 123 ? 9.733   1.723   -4.001  1.00   29.23 ? 123  SER A O   1 
ATOM   930  C CB  . SER A 1 123 ? 7.836   0.154   -2.011  1.00   27.68 ? 123  SER A CB  1 
ATOM   931  O OG  . SER A 1 123 ? 7.913   -0.521  -3.252  1.00   29.24 ? 123  SER A OG  1 
ATOM   932  N N   . VAL A 1 124 ? 10.632  2.006   -1.953  1.00   30.78 ? 124  VAL A N   1 
ATOM   933  C CA  . VAL A 1 124 ? 11.994  2.229   -2.440  1.00   34.37 ? 124  VAL A CA  1 
ATOM   934  C C   . VAL A 1 124 ? 12.826  0.994   -2.798  1.00   37.29 ? 124  VAL A C   1 
ATOM   935  O O   . VAL A 1 124 ? 12.673  -0.075  -2.205  1.00   36.14 ? 124  VAL A O   1 
ATOM   936  C CB  . VAL A 1 124 ? 12.792  3.073   -1.424  1.00   33.16 ? 124  VAL A CB  1 
ATOM   937  C CG1 . VAL A 1 124 ? 14.183  3.365   -1.959  1.00   33.24 ? 124  VAL A CG1 1 
ATOM   938  C CG2 . VAL A 1 124 ? 12.048  4.370   -1.134  1.00   32.37 ? 124  VAL A CG2 1 
ATOM   939  N N   . GLU A 1 125 ? 13.716  1.190   -3.773  1.00   43.28 ? 125  GLU A N   1 
ATOM   940  C CA  . GLU A 1 125 ? 14.632  0.177   -4.303  1.00   47.05 ? 125  GLU A CA  1 
ATOM   941  C C   . GLU A 1 125 ? 14.060  -0.427  -5.577  1.00   49.00 ? 125  GLU A C   1 
ATOM   942  O O   . GLU A 1 125 ? 13.351  -1.453  -5.477  1.00   49.86 ? 125  GLU A O   1 
ATOM   943  C CB  . GLU A 1 125 ? 14.903  -0.943  -3.293  1.00   47.30 ? 125  GLU A CB  1 
ATOM   944  C CG  . GLU A 1 125 ? 15.903  -1.973  -3.796  1.00   48.11 ? 125  GLU A CG  1 
ATOM   945  C CD  . GLU A 1 125 ? 15.799  -3.292  -3.060  1.00   48.58 ? 125  GLU A CD  1 
ATOM   946  O OE1 . GLU A 1 125 ? 15.860  -3.285  -1.812  0.0000 48.42 ? 125  GLU A OE1 1 
ATOM   947  O OE2 . GLU A 1 125 ? 15.660  -4.335  -3.732  0.0000 48.42 ? 125  GLU A OE2 1 
ATOM   948  N N   . ASP A 1 126 ? 14.316  0.145   -6.657  1.00   49.64 ? 126  ASP A N   1 
HETATM 949  O O   . HOH B 2 .   ? -9.501  5.170   4.643   1.00   23.81 ? 2001 HOH A O   1 
HETATM 950  O O   . HOH B 2 .   ? -6.825  9.015   3.091   1.00   24.76 ? 2002 HOH A O   1 
HETATM 951  O O   . HOH B 2 .   ? -4.643  5.716   7.585   1.00   23.47 ? 2003 HOH A O   1 
HETATM 952  O O   . HOH B 2 .   ? -6.922  6.852   6.185   1.00   14.60 ? 2004 HOH A O   1 
HETATM 953  O O   . HOH B 2 .   ? -6.159  6.407   10.319  1.00   40.97 ? 2005 HOH A O   1 
HETATM 954  O O   . HOH B 2 .   ? -3.862  0.080   11.137  1.00   20.17 ? 2006 HOH A O   1 
HETATM 955  O O   . HOH B 2 .   ? -6.872  -0.665  8.244   1.00   21.30 ? 2007 HOH A O   1 
HETATM 956  O O   . HOH B 2 .   ? -6.123  9.679   10.937  1.00   30.77 ? 2008 HOH A O   1 
HETATM 957  O O   . HOH B 2 .   ? -4.636  0.282   13.757  1.00   38.13 ? 2009 HOH A O   1 
HETATM 958  O O   . HOH B 2 .   ? -5.886  2.561   14.721  1.00   37.84 ? 2010 HOH A O   1 
HETATM 959  O O   . HOH B 2 .   ? -5.838  5.410   -5.079  1.00   31.53 ? 2011 HOH A O   1 
HETATM 960  O O   . HOH B 2 .   ? -10.090 2.179   -3.584  1.00   37.24 ? 2012 HOH A O   1 
HETATM 961  O O   . HOH B 2 .   ? -0.967  -2.205  15.584  1.00   23.18 ? 2013 HOH A O   1 
HETATM 962  O O   . HOH B 2 .   ? -4.089  -19.670 -9.348  1.00   40.78 ? 2014 HOH A O   1 
HETATM 963  O O   . HOH B 2 .   ? -2.671  5.821   -2.407  1.00   12.81 ? 2015 HOH A O   1 
HETATM 964  O O   . HOH B 2 .   ? 0.408   -16.470 6.419   1.00   46.79 ? 2016 HOH A O   1 
HETATM 965  O O   . HOH B 2 .   ? 1.544   3.099   20.098  1.00   32.93 ? 2017 HOH A O   1 
HETATM 966  O O   . HOH B 2 .   ? -12.647 -10.525 -6.502  1.00   45.97 ? 2018 HOH A O   1 
HETATM 967  O O   . HOH B 2 .   ? -4.158  -16.824 -9.859  1.00   39.91 ? 2019 HOH A O   1 
HETATM 968  O O   . HOH B 2 .   ? -4.661  -1.927  9.681   1.00   13.37 ? 2020 HOH A O   1 
HETATM 969  O O   . HOH B 2 .   ? -11.279 -14.841 -5.081  1.00   33.99 ? 2021 HOH A O   1 
HETATM 970  O O   . HOH B 2 .   ? 0.431   -4.046  14.643  1.00   23.68 ? 2022 HOH A O   1 
HETATM 971  O O   . HOH B 2 .   ? -2.318  -5.957  17.779  1.00   46.81 ? 2023 HOH A O   1 
HETATM 972  O O   . HOH B 2 .   ? -4.655  -5.429  10.561  1.00   36.77 ? 2024 HOH A O   1 
HETATM 973  O O   . HOH B 2 .   ? -11.480 -4.526  8.006   1.00   39.25 ? 2025 HOH A O   1 
HETATM 974  O O   . HOH B 2 .   ? 2.541   -8.370  10.950  1.00   41.60 ? 2026 HOH A O   1 
HETATM 975  O O   . HOH B 2 .   ? -3.345  -12.769 6.623   1.00   44.58 ? 2027 HOH A O   1 
HETATM 976  O O   . HOH B 2 .   ? 3.334   -15.877 5.773   1.00   35.49 ? 2028 HOH A O   1 
HETATM 977  O O   . HOH B 2 .   ? 2.201   -14.706 9.225   1.00   36.93 ? 2029 HOH A O   1 
HETATM 978  O O   . HOH B 2 .   ? 5.431   -8.669  8.042   1.00   38.15 ? 2030 HOH A O   1 
HETATM 979  O O   . HOH B 2 .   ? -1.003  -13.001 7.444   1.00   38.02 ? 2031 HOH A O   1 
HETATM 980  O O   . HOH B 2 .   ? -6.167  -4.142  -16.086 1.00   33.96 ? 2032 HOH A O   1 
HETATM 981  O O   . HOH B 2 .   ? 4.678   -10.746 5.192   1.00   23.87 ? 2033 HOH A O   1 
HETATM 982  O O   . HOH B 2 .   ? -0.376  -15.497 3.604   1.00   31.67 ? 2034 HOH A O   1 
HETATM 983  O O   . HOH B 2 .   ? 7.092   -13.009 -3.973  1.00   39.69 ? 2035 HOH A O   1 
HETATM 984  O O   . HOH B 2 .   ? -0.198  -16.760 -8.295  1.00   39.04 ? 2036 HOH A O   1 
HETATM 985  O O   . HOH B 2 .   ? 0.055   -21.139 -2.079  1.00   45.78 ? 2037 HOH A O   1 
HETATM 986  O O   . HOH B 2 .   ? 8.496   0.493   11.025  1.00   22.87 ? 2038 HOH A O   1 
HETATM 987  O O   . HOH B 2 .   ? 0.662   1.481   18.229  1.00   35.43 ? 2039 HOH A O   1 
HETATM 988  O O   . HOH B 2 .   ? -2.523  4.219   16.560  1.00   30.66 ? 2040 HOH A O   1 
HETATM 989  O O   . HOH B 2 .   ? 9.613   3.059   11.614  1.00   19.53 ? 2041 HOH A O   1 
HETATM 990  O O   . HOH B 2 .   ? 4.658   3.696   19.733  1.00   29.40 ? 2042 HOH A O   1 
HETATM 991  O O   . HOH B 2 .   ? -6.019  -15.009 2.593   1.00   41.13 ? 2043 HOH A O   1 
HETATM 992  O O   . HOH B 2 .   ? 12.448  17.855  6.863   1.00   60.53 ? 2044 HOH A O   1 
HETATM 993  O O   . HOH B 2 .   ? 11.067  7.304   14.866  1.00   36.89 ? 2045 HOH A O   1 
HETATM 994  O O   . HOH B 2 .   ? -8.326  -17.334 -3.454  1.00   36.89 ? 2046 HOH A O   1 
HETATM 995  O O   . HOH B 2 .   ? -10.205 -10.257 -5.609  1.00   12.63 ? 2047 HOH A O   1 
HETATM 996  O O   . HOH B 2 .   ? -4.304  -16.000 -6.975  1.00   43.40 ? 2048 HOH A O   1 
HETATM 997  O O   . HOH B 2 .   ? -3.859  -13.516 -3.898  1.00   14.38 ? 2049 HOH A O   1 
HETATM 998  O O   . HOH B 2 .   ? 11.808  17.955  -0.814  1.00   43.32 ? 2050 HOH A O   1 
HETATM 999  O O   . HOH B 2 .   ? -10.285 -15.877 -2.824  1.00   34.91 ? 2051 HOH A O   1 
HETATM 1000 O O   . HOH B 2 .   ? -12.862 -16.474 0.585   1.00   25.50 ? 2052 HOH A O   1 
HETATM 1001 O O   . HOH B 2 .   ? -13.242 -13.192 -1.182  1.00   32.48 ? 2053 HOH A O   1 
HETATM 1002 O O   . HOH B 2 .   ? -20.304 -6.899  -4.467  1.00   36.93 ? 2054 HOH A O   1 
HETATM 1003 O O   . HOH B 2 .   ? -14.422 -8.792  -6.349  1.00   38.28 ? 2055 HOH A O   1 
HETATM 1004 O O   . HOH B 2 .   ? 14.520  9.065   14.366  1.00   39.60 ? 2056 HOH A O   1 
HETATM 1005 O O   . HOH B 2 .   ? -9.453  -7.947  7.243   1.00   35.87 ? 2057 HOH A O   1 
HETATM 1006 O O   . HOH B 2 .   ? -12.803 -11.612 3.255   1.00   21.12 ? 2058 HOH A O   1 
HETATM 1007 O O   . HOH B 2 .   ? -10.241 -5.549  6.003   1.00   21.41 ? 2059 HOH A O   1 
HETATM 1008 O O   . HOH B 2 .   ? -8.015  -5.965  7.704   1.00   30.61 ? 2060 HOH A O   1 
HETATM 1009 O O   . HOH B 2 .   ? -2.343  -17.379 -17.180 1.00   45.82 ? 2061 HOH A O   1 
HETATM 1010 O O   . HOH B 2 .   ? -15.155 0.992   0.800   1.00   18.94 ? 2062 HOH A O   1 
HETATM 1011 O O   . HOH B 2 .   ? -13.425 -0.813  -6.549  1.00   29.72 ? 2063 HOH A O   1 
HETATM 1012 O O   . HOH B 2 .   ? -14.304 -5.027  -3.914  1.00   18.93 ? 2064 HOH A O   1 
HETATM 1013 O O   . HOH B 2 .   ? -11.708 -1.107  -8.592  1.00   48.50 ? 2065 HOH A O   1 
HETATM 1014 O O   . HOH B 2 .   ? -5.654  2.380   -10.031 1.00   42.95 ? 2066 HOH A O   1 
HETATM 1015 O O   . HOH B 2 .   ? -6.825  11.588  6.079   1.00   31.94 ? 2067 HOH A O   1 
HETATM 1016 O O   . HOH B 2 .   ? -8.196  -3.777  -14.370 1.00   27.24 ? 2068 HOH A O   1 
HETATM 1017 O O   . HOH B 2 .   ? -11.105 -5.237  -14.730 1.00   35.29 ? 2069 HOH A O   1 
HETATM 1018 O O   . HOH B 2 .   ? -7.440  12.093  10.227  1.00   26.24 ? 2070 HOH A O   1 
HETATM 1019 O O   . HOH B 2 .   ? -2.712  3.215   -5.060  1.00   54.12 ? 2071 HOH A O   1 
HETATM 1020 O O   . HOH B 2 .   ? -1.523  7.362   -7.360  1.00   51.27 ? 2072 HOH A O   1 
HETATM 1021 O O   . HOH B 2 .   ? -3.798  0.032   -10.213 1.00   37.30 ? 2073 HOH A O   1 
HETATM 1022 O O   . HOH B 2 .   ? 16.791  1.326   -0.512  1.00   49.02 ? 2074 HOH A O   1 
HETATM 1023 O O   . HOH B 2 .   ? 2.373   0.727   -5.563  1.00   44.04 ? 2075 HOH A O   1 
HETATM 1024 O O   . HOH B 2 .   ? -0.235  1.157   -4.165  1.00   23.53 ? 2076 HOH A O   1 
HETATM 1025 O O   . HOH B 2 .   ? 4.613   -6.981  9.935   1.00   26.05 ? 2077 HOH A O   1 
HETATM 1026 O O   . HOH B 2 .   ? -1.827  -0.019  14.610  1.00   21.42 ? 2078 HOH A O   1 
HETATM 1027 O O   . HOH B 2 .   ? -0.832  2.112   16.006  1.00   12.24 ? 2079 HOH A O   1 
HETATM 1028 O O   . HOH B 2 .   ? 6.475   3.383   17.862  1.00   27.52 ? 2080 HOH A O   1 
HETATM 1029 O O   . HOH B 2 .   ? 7.532   5.364   14.514  1.00   23.07 ? 2081 HOH A O   1 
HETATM 1030 O O   . HOH B 2 .   ? 8.108   5.416   11.655  1.00   13.88 ? 2082 HOH A O   1 
HETATM 1031 O O   . HOH B 2 .   ? 7.160   -0.370  12.842  1.00   23.27 ? 2083 HOH A O   1 
HETATM 1032 O O   . HOH B 2 .   ? 0.899   9.425   15.087  1.00   44.25 ? 2084 HOH A O   1 
HETATM 1033 O O   . HOH B 2 .   ? -4.064  8.279   9.908   1.00   21.61 ? 2085 HOH A O   1 
HETATM 1034 O O   . HOH B 2 .   ? -2.169  6.808   15.890  1.00   42.63 ? 2086 HOH A O   1 
HETATM 1035 O O   . HOH B 2 .   ? 1.410   11.614  11.205  1.00   17.16 ? 2087 HOH A O   1 
HETATM 1036 O O   . HOH B 2 .   ? 5.036   7.777   18.220  1.00   40.57 ? 2088 HOH A O   1 
HETATM 1037 O O   . HOH B 2 .   ? 6.967   16.969  8.457   1.00   18.38 ? 2089 HOH A O   1 
HETATM 1038 O O   . HOH B 2 .   ? 11.164  11.769  13.062  1.00   30.18 ? 2090 HOH A O   1 
HETATM 1039 O O   . HOH B 2 .   ? 9.539   9.788   13.541  1.00   32.90 ? 2091 HOH A O   1 
HETATM 1040 O O   . HOH B 2 .   ? 10.658  4.528   9.524   1.00   18.76 ? 2092 HOH A O   1 
HETATM 1041 O O   . HOH B 2 .   ? 10.683  16.141  8.482   1.00   35.99 ? 2093 HOH A O   1 
HETATM 1042 O O   . HOH B 2 .   ? 13.015  14.840  9.780   1.00   31.03 ? 2094 HOH A O   1 
HETATM 1043 O O   . HOH B 2 .   ? 15.504  8.521   5.972   1.00   40.79 ? 2095 HOH A O   1 
HETATM 1044 O O   . HOH B 2 .   ? 19.004  12.179  1.456   1.00   43.78 ? 2096 HOH A O   1 
HETATM 1045 O O   . HOH B 2 .   ? 14.121  15.528  5.655   1.00   29.79 ? 2097 HOH A O   1 
HETATM 1046 O O   . HOH B 2 .   ? 7.304   16.712  -1.228  1.00   37.37 ? 2098 HOH A O   1 
HETATM 1047 O O   . HOH B 2 .   ? 13.498  16.927  -2.891  1.00   38.49 ? 2099 HOH A O   1 
HETATM 1048 O O   . HOH B 2 .   ? 6.106   16.169  -4.463  1.00   53.38 ? 2100 HOH A O   1 
HETATM 1049 O O   . HOH B 2 .   ? 17.079  4.909   1.134   1.00   48.70 ? 2101 HOH A O   1 
HETATM 1050 O O   . HOH B 2 .   ? 15.300  6.475   4.570   1.00   42.96 ? 2102 HOH A O   1 
HETATM 1051 O O   . HOH B 2 .   ? 13.031  6.888   12.852  1.00   51.15 ? 2103 HOH A O   1 
HETATM 1052 O O   . HOH B 2 .   ? 14.671  12.096  8.659   1.00   38.76 ? 2104 HOH A O   1 
HETATM 1053 O O   . HOH B 2 .   ? 14.048  4.532   12.168  1.00   45.07 ? 2105 HOH A O   1 
HETATM 1054 O O   . HOH B 2 .   ? 15.744  -0.436  7.982   1.00   27.76 ? 2106 HOH A O   1 
HETATM 1055 O O   . HOH B 2 .   ? 10.083  -2.056  9.764   1.00   29.35 ? 2107 HOH A O   1 
HETATM 1056 O O   . HOH B 2 .   ? 11.151  -6.202  11.409  1.00   37.50 ? 2108 HOH A O   1 
HETATM 1057 O O   . HOH B 2 .   ? 5.353   -8.392  4.301   1.00   23.87 ? 2109 HOH A O   1 
HETATM 1058 O O   . HOH B 2 .   ? 6.909   -2.042  -6.728  1.00   53.35 ? 2110 HOH A O   1 
HETATM 1059 O O   . HOH B 2 .   ? 4.948   -6.896  -7.608  1.00   35.22 ? 2111 HOH A O   1 
HETATM 1060 O O   . HOH B 2 .   ? -1.400  -9.256  -15.347 1.00   29.15 ? 2112 HOH A O   1 
HETATM 1061 O O   . HOH B 2 .   ? -3.847  -10.182 -19.478 1.00   40.45 ? 2113 HOH A O   1 
HETATM 1062 O O   . HOH B 2 .   ? -9.188  -14.794 -13.172 1.00   46.06 ? 2114 HOH A O   1 
HETATM 1063 O O   . HOH B 2 .   ? -3.737  -16.033 -18.925 1.00   33.41 ? 2115 HOH A O   1 
HETATM 1064 O O   . HOH B 2 .   ? -17.916 -8.055  -8.727  1.00   36.39 ? 2116 HOH A O   1 
HETATM 1065 O O   . HOH B 2 .   ? -15.278 -8.308  -8.580  1.00   33.44 ? 2117 HOH A O   1 
HETATM 1066 O O   . HOH B 2 .   ? 5.748   -10.879 -7.876  1.00   42.16 ? 2118 HOH A O   1 
HETATM 1067 O O   . HOH B 2 .   ? 2.646   -9.116  -6.493  1.00   16.84 ? 2119 HOH A O   1 
HETATM 1068 O O   . HOH B 2 .   ? 6.951   -8.235  -6.664  1.00   38.42 ? 2120 HOH A O   1 
HETATM 1069 O O   . HOH B 2 .   ? 8.343   -9.030  4.381   1.00   42.79 ? 2121 HOH A O   1 
HETATM 1070 O O   . HOH B 2 .   ? 14.657  -6.519  1.627   1.00   40.45 ? 2122 HOH A O   1 
HETATM 1071 O O   . HOH B 2 .   ? 12.220  -8.441  1.223   1.00   34.20 ? 2123 HOH A O   1 
HETATM 1072 O O   . HOH B 2 .   ? -5.654  13.695  6.395   1.00   20.50 ? 2124 HOH A O   1 
HETATM 1073 O O   . HOH B 2 .   ? -2.833  19.403  4.053   1.00   35.01 ? 2125 HOH A O   1 
HETATM 1074 O O   . HOH B 2 .   ? -4.933  22.366  12.886  1.00   13.42 ? 2126 HOH A O   1 
HETATM 1075 O O   . HOH B 2 .   ? -6.267  14.278  8.968   1.00   17.62 ? 2127 HOH A O   1 
HETATM 1076 O O   . HOH B 2 .   ? 0.184   14.485  12.789  1.00   16.93 ? 2128 HOH A O   1 
HETATM 1077 O O   . HOH B 2 .   ? -5.524  9.419   5.370   1.00   24.34 ? 2129 HOH A O   1 
HETATM 1078 O O   . HOH B 2 .   ? -3.086  7.952   7.548   1.00   22.35 ? 2130 HOH A O   1 
HETATM 1079 O O   . HOH B 2 .   ? -6.634  9.602   0.808   1.00   28.09 ? 2131 HOH A O   1 
HETATM 1080 O O   . HOH B 2 .   ? -5.040  6.517   -0.310  1.00   28.67 ? 2132 HOH A O   1 
HETATM 1081 O O   . HOH B 2 .   ? -2.531  7.899   -4.895  1.00   41.83 ? 2133 HOH A O   1 
HETATM 1082 O O   . HOH B 2 .   ? 6.071   1.442   -5.618  1.00   45.83 ? 2134 HOH A O   1 
HETATM 1083 O O   . HOH B 2 .   ? 13.777  0.196   0.314   1.00   22.25 ? 2135 HOH A O   1 
HETATM 1084 O O   . HOH B 2 .   ? 12.624  3.068   -6.566  1.00   41.75 ? 2136 HOH A O   1 
HETATM 1085 O O   . HOH B 2 .   ? 15.930  2.864   -5.417  1.00   37.12 ? 2137 HOH A O   1 
# 
